data_7K7M
#
_entry.id   7K7M
#
_cell.length_a   180.378
_cell.length_b   147.710
_cell.length_c   138.192
_cell.angle_alpha   90.000
_cell.angle_beta   120.890
_cell.angle_gamma   90.000
#
_symmetry.space_group_name_H-M   'C 1 2 1'
#
loop_
_entity.id
_entity.type
_entity.pdbx_description
1 polymer 'Drug exporters of the RND superfamily-like protein'
2 branched alpha-D-glucopyranose-(1-1)-6-O-decanoyl-alpha-D-glucopyranose
#
_entity_poly.entity_id   1
_entity_poly.type   'polypeptide(L)'
_entity_poly.pdbx_seq_one_letter_code
;MFAWWGRTVYQFRYIVIGVMVALCLGGGVYGISLGNHVTQSGFYDEGSQSVAASLIGDEVYGRDRTSHVVAILTPPDDKK
VTDKAWQKKVTEELDQVVKDHEDQIVGWVGWLKAPDTTDPTVSAMKTQDLRHTFISIPLQGDDDDEILKNYQVVEPELQQ
VNGGDIRLAGLNPLASELTGTIGEDQKRAEVAAIPLVAVVLFFVFGTVIAAALPAIIGGLAIAGALGIMRLVAEFTPVHF
FAQPVVTLIGLGIAIDYGLFIVSRFREEIAEGYDTEAAVRRTVMTSGRTVVFSAVIIVASSVPLLLFPQGFLKSITYAII
ASVMLAAILSITVLAAALAILGPRVDALGVTTLLKIPFLANWQFSRRIIDWFAEKTQKTKTREEVERGFWGRLVNVVMKR
PIAFAAPILVVMVLLIIPLGQLSLGGISEKYLPPDNAVRQSQEQFDKLFPGFRTEPLTLVMKREDGEPITDAQIADMRAK
ALTVSGFTDPDNDPEKMWKERPANDSGSKDPSVRVIQNGLENRNDAAKKIDELRALQPPHGIEVFVGGTPALEQDSIHSL
FDKLPLMALILIVTTTVLMFLAFGSVVLPIKAALMSALTLGSTMGILTWMFVDGHGSGLMNYTPQPLMAPMIGLIIAVIW
GLSTDYEVFLVSRMVEARERGMSTAEAIRIGTATTGRLITGAALILAVVAGAFVFSDLVMMKYLAFGLLIALLLDATIIR
MFLVPAVMKLLGDDCWWAPRWMKRVQEKLGLGETELPDERKRPTVRESETDQRALVGVGAHHHHHH
;
_entity_poly.pdbx_strand_id   A,B
#
# COMPACT_ATOMS: atom_id res chain seq x y z
N MET A 1 -44.05 15.52 -40.32
CA MET A 1 -43.29 14.28 -40.23
C MET A 1 -42.76 14.05 -38.83
N PHE A 2 -42.02 15.03 -38.30
CA PHE A 2 -41.54 14.93 -36.93
C PHE A 2 -42.66 15.04 -35.92
N ALA A 3 -43.70 15.83 -36.21
CA ALA A 3 -44.88 15.85 -35.37
C ALA A 3 -45.60 14.51 -35.39
N TRP A 4 -45.61 13.85 -36.55
CA TRP A 4 -46.25 12.54 -36.66
C TRP A 4 -45.54 11.51 -35.77
N TRP A 5 -44.21 11.57 -35.69
CA TRP A 5 -43.50 10.63 -34.85
C TRP A 5 -43.70 10.95 -33.38
N GLY A 6 -43.81 12.23 -33.04
CA GLY A 6 -44.06 12.60 -31.65
C GLY A 6 -45.39 12.09 -31.13
N ARG A 7 -46.41 12.07 -31.99
CA ARG A 7 -47.72 11.61 -31.55
C ARG A 7 -47.85 10.10 -31.62
N THR A 8 -47.13 9.44 -32.53
CA THR A 8 -47.15 7.99 -32.58
C THR A 8 -46.32 7.37 -31.46
N VAL A 9 -45.24 8.04 -31.04
CA VAL A 9 -44.41 7.51 -29.97
C VAL A 9 -45.11 7.60 -28.62
N TYR A 10 -46.11 8.47 -28.48
CA TYR A 10 -46.90 8.47 -27.25
C TYR A 10 -47.99 7.41 -27.30
N GLN A 11 -48.59 7.20 -28.47
CA GLN A 11 -49.57 6.13 -28.63
C GLN A 11 -48.91 4.75 -28.49
N PHE A 12 -47.62 4.65 -28.81
CA PHE A 12 -46.90 3.39 -28.85
C PHE A 12 -45.69 3.44 -27.92
N ARG A 13 -45.87 4.00 -26.73
CA ARG A 13 -44.73 4.33 -25.87
C ARG A 13 -44.18 3.10 -25.14
N TYR A 14 -45.04 2.14 -24.78
CA TYR A 14 -44.55 0.98 -24.04
C TYR A 14 -43.76 0.03 -24.93
N ILE A 15 -44.14 -0.10 -26.21
CA ILE A 15 -43.46 -1.06 -27.07
C ILE A 15 -42.15 -0.49 -27.61
N VAL A 16 -42.03 0.83 -27.76
CA VAL A 16 -40.77 1.38 -28.24
C VAL A 16 -39.69 1.33 -27.16
N ILE A 17 -40.08 1.44 -25.88
CA ILE A 17 -39.10 1.30 -24.80
C ILE A 17 -38.60 -0.13 -24.73
N GLY A 18 -39.50 -1.10 -24.85
CA GLY A 18 -39.10 -2.49 -24.76
C GLY A 18 -38.23 -2.93 -25.93
N VAL A 19 -38.51 -2.42 -27.12
CA VAL A 19 -37.74 -2.82 -28.30
C VAL A 19 -36.34 -2.23 -28.27
N MET A 20 -36.22 -0.96 -27.87
CA MET A 20 -34.93 -0.28 -27.97
C MET A 20 -34.03 -0.59 -26.77
N VAL A 21 -34.60 -0.70 -25.57
CA VAL A 21 -33.79 -1.04 -24.41
C VAL A 21 -33.27 -2.47 -24.52
N ALA A 22 -34.02 -3.36 -25.18
CA ALA A 22 -33.55 -4.73 -25.35
C ALA A 22 -32.35 -4.80 -26.28
N LEU A 23 -32.37 -4.03 -27.37
CA LEU A 23 -31.27 -4.09 -28.33
C LEU A 23 -30.00 -3.46 -27.76
N CYS A 24 -30.13 -2.34 -27.04
CA CYS A 24 -28.96 -1.72 -26.42
C CYS A 24 -28.39 -2.60 -25.32
N LEU A 25 -29.25 -3.36 -24.63
CA LEU A 25 -28.77 -4.32 -23.62
C LEU A 25 -28.18 -5.56 -24.27
N GLY A 26 -28.74 -6.01 -25.40
CA GLY A 26 -28.20 -7.17 -26.08
C GLY A 26 -26.79 -6.93 -26.60
N GLY A 27 -26.52 -5.71 -27.07
CA GLY A 27 -25.17 -5.35 -27.49
C GLY A 27 -24.17 -5.23 -26.37
N GLY A 28 -24.64 -5.17 -25.12
CA GLY A 28 -23.75 -5.09 -23.97
C GLY A 28 -22.85 -6.31 -23.83
N VAL A 29 -23.47 -7.49 -23.75
CA VAL A 29 -22.68 -8.72 -23.67
C VAL A 29 -21.87 -8.92 -24.96
N TYR A 30 -22.46 -8.56 -26.10
CA TYR A 30 -21.75 -8.67 -27.37
C TYR A 30 -20.56 -7.72 -27.43
N GLY A 31 -20.71 -6.51 -26.89
CA GLY A 31 -19.61 -5.57 -26.86
C GLY A 31 -18.50 -5.94 -25.92
N ILE A 32 -18.77 -6.82 -24.95
CA ILE A 32 -17.73 -7.25 -24.02
C ILE A 32 -16.70 -8.12 -24.73
N SER A 33 -17.14 -9.00 -25.63
CA SER A 33 -16.22 -9.85 -26.37
C SER A 33 -15.42 -9.09 -27.43
N LEU A 34 -15.80 -7.85 -27.74
CA LEU A 34 -15.12 -7.09 -28.78
C LEU A 34 -13.64 -6.89 -28.45
N GLY A 35 -13.32 -6.70 -27.17
CA GLY A 35 -11.97 -6.41 -26.74
C GLY A 35 -10.92 -7.45 -27.09
N ASN A 36 -11.34 -8.58 -27.67
CA ASN A 36 -10.44 -9.66 -28.03
C ASN A 36 -10.20 -9.77 -29.53
N HIS A 37 -11.23 -9.57 -30.36
CA HIS A 37 -11.10 -9.71 -31.81
C HIS A 37 -11.02 -8.31 -32.43
N VAL A 38 -9.82 -7.74 -32.40
CA VAL A 38 -9.58 -6.38 -32.87
C VAL A 38 -8.16 -6.32 -33.43
N THR A 39 -8.01 -5.68 -34.59
CA THR A 39 -6.73 -5.60 -35.28
C THR A 39 -6.05 -4.25 -35.02
N GLN A 40 -4.73 -4.28 -34.90
CA GLN A 40 -3.94 -3.10 -34.62
C GLN A 40 -3.45 -2.39 -35.88
N SER A 41 -3.49 -3.05 -37.03
CA SER A 41 -2.93 -2.47 -38.24
C SER A 41 -3.96 -1.58 -38.93
N GLY A 42 -3.45 -0.65 -39.73
CA GLY A 42 -4.33 0.21 -40.52
C GLY A 42 -3.82 1.63 -40.72
N PHE A 43 -2.57 1.88 -40.36
CA PHE A 43 -1.99 3.21 -40.47
C PHE A 43 -1.36 3.46 -41.84
N TYR A 44 -1.30 2.46 -42.70
CA TYR A 44 -0.71 2.58 -44.02
C TYR A 44 -1.80 2.56 -45.08
N ASP A 45 -1.46 3.09 -46.26
CA ASP A 45 -2.40 3.13 -47.38
C ASP A 45 -2.71 1.72 -47.85
N GLU A 46 -3.79 1.12 -47.33
CA GLU A 46 -4.20 -0.26 -47.57
C GLU A 46 -3.88 -0.73 -48.98
N GLY A 47 -4.19 0.10 -49.98
CA GLY A 47 -3.82 -0.20 -51.35
C GLY A 47 -2.90 0.86 -51.92
N SER A 48 -1.59 0.62 -51.86
CA SER A 48 -0.60 1.56 -52.38
C SER A 48 0.64 0.79 -52.77
N GLN A 49 1.61 1.50 -53.35
CA GLN A 49 2.85 0.86 -53.78
C GLN A 49 3.69 0.42 -52.59
N SER A 50 4.02 1.36 -51.71
CA SER A 50 4.87 1.04 -50.56
C SER A 50 4.26 -0.06 -49.70
N VAL A 51 2.92 -0.13 -49.65
CA VAL A 51 2.26 -1.19 -48.89
C VAL A 51 2.37 -2.52 -49.61
N ALA A 52 1.96 -2.58 -50.87
CA ALA A 52 2.04 -3.81 -51.65
C ALA A 52 3.47 -4.19 -51.99
N ALA A 53 4.43 -3.28 -51.83
CA ALA A 53 5.84 -3.65 -51.97
C ALA A 53 6.34 -4.44 -50.76
N SER A 54 5.71 -4.24 -49.61
CA SER A 54 6.03 -5.04 -48.43
C SER A 54 5.33 -6.38 -48.44
N LEU A 55 4.16 -6.46 -49.10
CA LEU A 55 3.47 -7.74 -49.23
C LEU A 55 4.31 -8.73 -50.04
N ILE A 56 4.79 -8.31 -51.21
CA ILE A 56 5.67 -9.16 -52.01
C ILE A 56 6.97 -9.40 -51.27
N GLY A 57 7.48 -8.38 -50.58
CA GLY A 57 8.74 -8.54 -49.86
C GLY A 57 8.63 -9.54 -48.73
N ASP A 58 7.56 -9.47 -47.94
CA ASP A 58 7.36 -10.42 -46.87
C ASP A 58 6.95 -11.80 -47.38
N GLU A 59 6.43 -11.88 -48.61
CA GLU A 59 5.98 -13.16 -49.14
C GLU A 59 7.14 -13.95 -49.74
N VAL A 60 7.82 -13.37 -50.74
CA VAL A 60 8.86 -14.10 -51.46
C VAL A 60 10.07 -14.31 -50.56
N TYR A 61 10.57 -13.25 -49.94
CA TYR A 61 11.78 -13.33 -49.13
C TYR A 61 11.51 -13.73 -47.68
N GLY A 62 10.31 -13.52 -47.18
CA GLY A 62 9.97 -13.95 -45.84
C GLY A 62 9.79 -12.78 -44.89
N ARG A 63 8.75 -12.87 -44.05
CA ARG A 63 8.47 -11.84 -43.05
C ARG A 63 9.57 -11.85 -41.99
N ASP A 64 10.25 -10.71 -41.85
CA ASP A 64 11.35 -10.62 -40.89
C ASP A 64 10.82 -10.77 -39.47
N ARG A 65 11.56 -11.54 -38.66
CA ARG A 65 11.15 -11.80 -37.29
C ARG A 65 12.23 -11.47 -36.27
N THR A 66 13.40 -10.98 -36.70
CA THR A 66 14.47 -10.67 -35.76
C THR A 66 14.19 -9.44 -34.92
N SER A 67 13.13 -8.69 -35.23
CA SER A 67 12.78 -7.50 -34.48
C SER A 67 11.51 -7.67 -33.66
N HIS A 68 10.98 -8.90 -33.57
CA HIS A 68 9.83 -9.15 -32.72
C HIS A 68 10.13 -8.81 -31.26
N VAL A 69 11.19 -9.40 -30.72
CA VAL A 69 11.60 -9.21 -29.33
C VAL A 69 13.12 -9.12 -29.29
N VAL A 70 13.65 -8.22 -28.47
CA VAL A 70 15.06 -8.20 -28.12
C VAL A 70 15.18 -8.09 -26.62
N ALA A 71 16.07 -8.88 -26.03
CA ALA A 71 16.18 -9.03 -24.58
C ALA A 71 17.62 -8.81 -24.15
N ILE A 72 17.86 -7.71 -23.44
CA ILE A 72 19.21 -7.39 -22.95
C ILE A 72 19.43 -8.14 -21.64
N LEU A 73 20.44 -8.99 -21.61
CA LEU A 73 20.78 -9.79 -20.44
C LEU A 73 22.03 -9.23 -19.79
N THR A 74 21.99 -9.09 -18.46
CA THR A 74 23.11 -8.55 -17.70
C THR A 74 23.35 -9.46 -16.50
N PRO A 75 24.59 -9.91 -16.29
CA PRO A 75 24.88 -10.75 -15.12
C PRO A 75 24.97 -9.90 -13.86
N PRO A 76 24.50 -10.41 -12.73
CA PRO A 76 24.54 -9.65 -11.48
C PRO A 76 25.96 -9.64 -10.90
N ASP A 77 26.09 -9.00 -9.73
CA ASP A 77 27.36 -8.95 -9.00
C ASP A 77 28.48 -8.35 -9.83
N ASP A 78 28.13 -7.51 -10.80
CA ASP A 78 29.09 -6.91 -11.74
C ASP A 78 29.89 -7.97 -12.49
N LYS A 79 29.35 -9.19 -12.59
CA LYS A 79 30.03 -10.25 -13.31
C LYS A 79 29.96 -10.00 -14.81
N LYS A 80 31.07 -10.24 -15.49
CA LYS A 80 31.11 -10.07 -16.94
C LYS A 80 30.47 -11.27 -17.63
N VAL A 81 30.11 -11.09 -18.90
CA VAL A 81 29.33 -12.09 -19.62
C VAL A 81 30.13 -13.35 -19.94
N THR A 82 31.46 -13.30 -19.84
CA THR A 82 32.26 -14.48 -20.09
C THR A 82 32.17 -15.50 -18.96
N ASP A 83 31.53 -15.16 -17.85
CA ASP A 83 31.29 -16.12 -16.77
C ASP A 83 30.49 -17.30 -17.29
N LYS A 84 31.12 -18.47 -17.33
CA LYS A 84 30.48 -19.63 -17.96
C LYS A 84 29.26 -20.10 -17.16
N ALA A 85 29.32 -20.00 -15.83
CA ALA A 85 28.18 -20.41 -15.01
C ALA A 85 26.95 -19.56 -15.33
N TRP A 86 27.15 -18.26 -15.54
CA TRP A 86 26.03 -17.40 -15.90
C TRP A 86 25.47 -17.76 -17.27
N GLN A 87 26.35 -18.08 -18.22
CA GLN A 87 25.89 -18.42 -19.57
C GLN A 87 25.04 -19.68 -19.56
N LYS A 88 25.47 -20.71 -18.82
CA LYS A 88 24.68 -21.94 -18.75
C LYS A 88 23.37 -21.73 -18.02
N LYS A 89 23.34 -20.81 -17.05
CA LYS A 89 22.11 -20.55 -16.31
C LYS A 89 21.05 -19.94 -17.22
N VAL A 90 21.42 -18.92 -18.00
CA VAL A 90 20.44 -18.22 -18.82
C VAL A 90 20.07 -19.04 -20.05
N THR A 91 21.02 -19.74 -20.65
CA THR A 91 20.72 -20.53 -21.84
C THR A 91 19.75 -21.65 -21.56
N GLU A 92 19.86 -22.27 -20.38
CA GLU A 92 18.88 -23.28 -20.00
C GLU A 92 17.51 -22.66 -19.78
N GLU A 93 17.47 -21.46 -19.20
CA GLU A 93 16.20 -20.76 -19.04
C GLU A 93 15.62 -20.36 -20.39
N LEU A 94 16.47 -19.85 -21.30
CA LEU A 94 15.99 -19.46 -22.62
C LEU A 94 15.52 -20.68 -23.41
N ASP A 95 16.29 -21.77 -23.37
CA ASP A 95 15.86 -22.99 -24.06
C ASP A 95 14.59 -23.56 -23.45
N GLN A 96 14.37 -23.32 -22.15
CA GLN A 96 13.22 -23.92 -21.47
C GLN A 96 11.92 -23.24 -21.89
N VAL A 97 11.86 -21.91 -21.82
CA VAL A 97 10.64 -21.21 -22.20
C VAL A 97 10.36 -21.38 -23.68
N VAL A 98 11.40 -21.47 -24.51
CA VAL A 98 11.20 -21.81 -25.92
C VAL A 98 10.66 -23.23 -26.04
N LYS A 99 11.17 -24.15 -25.23
CA LYS A 99 10.66 -25.51 -25.22
C LYS A 99 9.24 -25.56 -24.66
N ASP A 100 8.95 -24.72 -23.65
CA ASP A 100 7.62 -24.72 -23.05
C ASP A 100 6.58 -24.13 -23.99
N HIS A 101 6.95 -23.13 -24.79
CA HIS A 101 6.02 -22.43 -25.67
C HIS A 101 6.41 -22.73 -27.13
N GLU A 102 5.89 -23.84 -27.65
CA GLU A 102 6.13 -24.17 -29.05
C GLU A 102 5.24 -23.36 -29.98
N ASP A 103 3.96 -23.23 -29.64
CA ASP A 103 3.00 -22.52 -30.49
C ASP A 103 3.08 -21.01 -30.33
N GLN A 104 4.13 -20.48 -29.69
CA GLN A 104 4.27 -19.04 -29.52
C GLN A 104 5.62 -18.55 -30.01
N ILE A 105 6.69 -19.18 -29.54
CA ILE A 105 8.05 -18.75 -29.83
C ILE A 105 8.62 -19.63 -30.94
N VAL A 106 9.23 -19.00 -31.95
CA VAL A 106 9.91 -19.76 -32.99
C VAL A 106 11.33 -20.13 -32.56
N GLY A 107 11.87 -19.46 -31.56
CA GLY A 107 13.18 -19.75 -31.06
C GLY A 107 13.80 -18.49 -30.48
N TRP A 108 15.10 -18.59 -30.17
CA TRP A 108 15.86 -17.44 -29.72
C TRP A 108 17.26 -17.53 -30.32
N VAL A 109 17.66 -16.48 -31.04
CA VAL A 109 18.94 -16.43 -31.72
C VAL A 109 19.74 -15.28 -31.13
N GLY A 110 21.01 -15.52 -30.86
CA GLY A 110 21.87 -14.48 -30.33
C GLY A 110 23.26 -15.01 -30.08
N TRP A 111 24.08 -14.16 -29.46
CA TRP A 111 25.45 -14.55 -29.14
C TRP A 111 25.48 -15.64 -28.07
N LEU A 112 24.46 -15.73 -27.23
CA LEU A 112 24.46 -16.74 -26.18
C LEU A 112 24.18 -18.13 -26.72
N LYS A 113 23.42 -18.22 -27.82
CA LYS A 113 23.16 -19.54 -28.40
C LYS A 113 24.42 -20.14 -29.02
N ALA A 114 25.38 -19.30 -29.42
CA ALA A 114 26.67 -19.77 -29.90
C ALA A 114 27.74 -18.84 -29.35
N PRO A 115 28.27 -19.15 -28.17
CA PRO A 115 29.22 -18.22 -27.52
C PRO A 115 30.50 -18.01 -28.30
N ASP A 116 30.90 -18.96 -29.12
CA ASP A 116 32.14 -18.88 -29.90
C ASP A 116 31.77 -18.97 -31.39
N THR A 117 31.45 -17.83 -31.99
CA THR A 117 31.12 -17.76 -33.40
C THR A 117 31.86 -16.59 -34.04
N THR A 118 32.04 -16.67 -35.36
CA THR A 118 32.84 -15.69 -36.09
C THR A 118 32.01 -14.75 -36.94
N ASP A 119 30.70 -15.00 -37.11
CA ASP A 119 29.83 -14.07 -37.82
C ASP A 119 29.81 -12.76 -37.07
N PRO A 120 30.48 -11.72 -37.57
CA PRO A 120 30.74 -10.54 -36.72
C PRO A 120 29.48 -9.80 -36.29
N THR A 121 28.40 -9.91 -37.05
CA THR A 121 27.15 -9.29 -36.63
C THR A 121 26.61 -9.95 -35.36
N VAL A 122 26.62 -11.29 -35.33
CA VAL A 122 26.24 -12.00 -34.11
C VAL A 122 27.27 -11.74 -33.00
N SER A 123 28.55 -11.64 -33.38
CA SER A 123 29.58 -11.36 -32.39
C SER A 123 29.47 -9.94 -31.84
N ALA A 124 28.95 -9.02 -32.63
CA ALA A 124 28.76 -7.64 -32.19
C ALA A 124 27.51 -7.46 -31.33
N MET A 125 26.84 -8.56 -30.97
CA MET A 125 25.68 -8.46 -30.10
C MET A 125 26.08 -8.21 -28.66
N LYS A 126 27.30 -8.55 -28.27
CA LYS A 126 27.78 -8.23 -26.94
C LYS A 126 28.18 -6.77 -26.85
N THR A 127 28.45 -6.31 -25.63
CA THR A 127 28.90 -4.95 -25.40
C THR A 127 30.43 -4.89 -25.36
N GLN A 128 30.96 -3.69 -25.19
CA GLN A 128 32.41 -3.52 -25.15
C GLN A 128 32.98 -3.91 -23.80
N ASP A 129 32.39 -3.41 -22.71
CA ASP A 129 32.87 -3.69 -21.37
C ASP A 129 32.48 -5.08 -20.87
N LEU A 130 31.86 -5.89 -21.73
CA LEU A 130 31.45 -7.25 -21.37
C LEU A 130 30.47 -7.28 -20.20
N ARG A 131 29.64 -6.24 -20.08
CA ARG A 131 28.67 -6.16 -19.01
C ARG A 131 27.27 -6.58 -19.42
N HIS A 132 26.93 -6.50 -20.70
CA HIS A 132 25.61 -6.86 -21.19
C HIS A 132 25.74 -7.63 -22.50
N THR A 133 24.61 -8.20 -22.92
CA THR A 133 24.45 -8.84 -24.22
C THR A 133 22.95 -9.06 -24.43
N PHE A 134 22.55 -9.14 -25.71
CA PHE A 134 21.13 -9.25 -26.03
C PHE A 134 20.89 -10.45 -26.95
N ILE A 135 19.61 -10.77 -27.12
CA ILE A 135 19.17 -11.87 -27.97
C ILE A 135 17.94 -11.42 -28.74
N SER A 136 17.61 -12.19 -29.79
CA SER A 136 16.40 -11.99 -30.56
C SER A 136 15.50 -13.21 -30.39
N ILE A 137 14.21 -12.98 -30.21
CA ILE A 137 13.26 -14.06 -29.97
C ILE A 137 12.12 -13.98 -30.97
N PRO A 138 12.25 -14.60 -32.14
CA PRO A 138 11.16 -14.57 -33.12
C PRO A 138 9.92 -15.27 -32.58
N LEU A 139 8.75 -14.84 -33.04
CA LEU A 139 7.48 -15.32 -32.52
C LEU A 139 6.60 -15.83 -33.66
N GLN A 140 5.70 -16.74 -33.30
CA GLN A 140 4.77 -17.33 -34.26
C GLN A 140 3.69 -16.32 -34.64
N GLY A 141 2.77 -16.76 -35.48
CA GLY A 141 1.65 -15.93 -35.89
C GLY A 141 1.77 -15.46 -37.33
N ASP A 142 0.70 -15.60 -38.10
CA ASP A 142 0.74 -15.22 -39.51
C ASP A 142 0.53 -13.73 -39.69
N ASP A 143 -0.46 -13.16 -39.02
CA ASP A 143 -0.79 -11.74 -39.13
C ASP A 143 -0.17 -10.94 -37.99
N ASP A 144 -0.26 -9.61 -38.12
CA ASP A 144 0.35 -8.72 -37.15
C ASP A 144 -0.24 -8.92 -35.76
N ASP A 145 -1.55 -9.11 -35.68
CA ASP A 145 -2.21 -9.21 -34.38
C ASP A 145 -1.88 -10.52 -33.67
N GLU A 146 -1.82 -11.62 -34.41
CA GLU A 146 -1.51 -12.91 -33.80
C GLU A 146 -0.17 -12.89 -33.09
N ILE A 147 0.82 -12.21 -33.66
CA ILE A 147 2.15 -12.19 -33.06
C ILE A 147 2.12 -11.47 -31.72
N LEU A 148 1.38 -10.38 -31.63
CA LEU A 148 1.30 -9.65 -30.36
C LEU A 148 0.59 -10.48 -29.30
N LYS A 149 -0.59 -11.03 -29.64
CA LYS A 149 -1.30 -11.89 -28.70
C LYS A 149 -0.42 -13.04 -28.21
N ASN A 150 0.50 -13.50 -29.06
CA ASN A 150 1.44 -14.53 -28.62
C ASN A 150 2.47 -13.97 -27.66
N TYR A 151 2.99 -12.77 -27.93
CA TYR A 151 3.95 -12.17 -27.01
C TYR A 151 3.33 -11.92 -25.65
N GLN A 152 2.09 -11.42 -25.64
CA GLN A 152 1.38 -11.20 -24.38
C GLN A 152 1.17 -12.51 -23.61
N VAL A 153 1.23 -13.65 -24.30
CA VAL A 153 1.13 -14.94 -23.62
C VAL A 153 2.46 -15.32 -22.98
N VAL A 154 3.58 -15.00 -23.63
CA VAL A 154 4.90 -15.41 -23.17
C VAL A 154 5.62 -14.32 -22.40
N GLU A 155 5.02 -13.13 -22.27
CA GLU A 155 5.67 -12.05 -21.54
C GLU A 155 5.97 -12.38 -20.08
N PRO A 156 5.08 -13.01 -19.31
CA PRO A 156 5.41 -13.27 -17.89
C PRO A 156 6.62 -14.17 -17.69
N GLU A 157 6.68 -15.32 -18.38
CA GLU A 157 7.80 -16.23 -18.18
C GLU A 157 9.10 -15.71 -18.77
N LEU A 158 9.04 -14.75 -19.70
CA LEU A 158 10.24 -14.24 -20.35
C LEU A 158 10.92 -13.15 -19.53
N GLN A 159 10.20 -12.49 -18.62
CA GLN A 159 10.78 -11.43 -17.80
C GLN A 159 11.47 -11.97 -16.55
N GLN A 160 11.13 -13.19 -16.12
CA GLN A 160 11.80 -13.81 -14.98
C GLN A 160 13.11 -14.48 -15.36
N VAL A 161 13.46 -14.53 -16.65
CA VAL A 161 14.74 -15.08 -17.06
C VAL A 161 15.87 -14.23 -16.46
N ASN A 162 17.00 -14.88 -16.19
CA ASN A 162 18.15 -14.24 -15.53
C ASN A 162 17.74 -13.66 -14.18
N GLY A 163 16.72 -14.24 -13.57
CA GLY A 163 16.20 -13.73 -12.32
C GLY A 163 15.77 -12.28 -12.44
N GLY A 164 14.73 -12.02 -13.21
CA GLY A 164 14.22 -10.67 -13.36
C GLY A 164 15.11 -9.73 -14.16
N ASP A 165 16.42 -9.77 -13.90
CA ASP A 165 17.36 -8.86 -14.56
C ASP A 165 17.44 -9.13 -16.06
N ILE A 166 16.41 -8.74 -16.80
CA ILE A 166 16.39 -8.85 -18.26
C ILE A 166 15.51 -7.74 -18.80
N ARG A 167 15.98 -7.07 -19.86
CA ARG A 167 15.30 -5.90 -20.42
C ARG A 167 14.67 -6.31 -21.75
N LEU A 168 13.34 -6.37 -21.77
CA LEU A 168 12.60 -6.73 -22.97
C LEU A 168 12.25 -5.47 -23.76
N ALA A 169 12.74 -5.41 -25.00
CA ALA A 169 12.42 -4.33 -25.92
C ALA A 169 12.12 -4.93 -27.29
N GLY A 170 11.82 -4.07 -28.25
CA GLY A 170 11.52 -4.51 -29.60
C GLY A 170 10.11 -4.14 -30.01
N LEU A 171 9.72 -4.66 -31.18
CA LEU A 171 8.45 -4.26 -31.78
C LEU A 171 7.27 -4.71 -30.93
N ASN A 172 7.26 -5.96 -30.49
CA ASN A 172 6.11 -6.50 -29.80
C ASN A 172 6.00 -6.06 -28.33
N PRO A 173 7.11 -5.83 -27.62
CA PRO A 173 6.98 -5.13 -26.32
C PRO A 173 6.30 -3.78 -26.44
N LEU A 174 6.68 -2.97 -27.42
CA LEU A 174 6.07 -1.66 -27.59
C LEU A 174 4.59 -1.77 -27.93
N ALA A 175 4.26 -2.67 -28.87
CA ALA A 175 2.86 -2.83 -29.27
C ALA A 175 1.99 -3.26 -28.11
N SER A 176 2.53 -4.08 -27.20
CA SER A 176 1.75 -4.50 -26.04
C SER A 176 1.43 -3.33 -25.12
N GLU A 177 2.37 -2.40 -24.98
CA GLU A 177 2.16 -1.25 -24.11
C GLU A 177 1.24 -0.22 -24.74
N LEU A 178 1.41 0.02 -26.04
CA LEU A 178 0.59 1.02 -26.73
C LEU A 178 -0.88 0.60 -26.78
N THR A 179 -1.15 -0.63 -27.22
CA THR A 179 -2.51 -1.14 -27.14
C THR A 179 -2.96 -1.35 -25.69
N GLY A 180 -2.05 -1.32 -24.73
CA GLY A 180 -2.44 -1.43 -23.34
C GLY A 180 -3.02 -0.15 -22.78
N THR A 181 -2.61 1.00 -23.32
CA THR A 181 -3.16 2.27 -22.87
C THR A 181 -4.64 2.41 -23.19
N ILE A 182 -5.13 1.67 -24.18
CA ILE A 182 -6.55 1.75 -24.54
C ILE A 182 -7.42 1.37 -23.35
N GLY A 183 -7.05 0.30 -22.64
CA GLY A 183 -7.81 -0.12 -21.48
C GLY A 183 -7.52 0.67 -20.23
N GLU A 184 -6.34 1.27 -20.13
CA GLU A 184 -6.00 2.06 -18.94
C GLU A 184 -6.86 3.31 -18.86
N ASP A 185 -6.78 4.18 -19.86
CA ASP A 185 -7.59 5.39 -19.76
C ASP A 185 -9.07 5.08 -19.94
N GLN A 186 -9.41 3.91 -20.51
CA GLN A 186 -10.79 3.45 -20.44
C GLN A 186 -11.27 3.34 -19.00
N LYS A 187 -10.41 2.81 -18.12
CA LYS A 187 -10.78 2.69 -16.71
C LYS A 187 -10.71 4.04 -16.01
N ARG A 188 -9.76 4.87 -16.42
CA ARG A 188 -9.62 6.19 -15.85
C ARG A 188 -10.88 6.98 -16.12
N ALA A 189 -11.41 6.83 -17.32
CA ALA A 189 -12.63 7.52 -17.72
C ALA A 189 -13.85 6.99 -16.98
N GLU A 190 -13.80 5.75 -16.48
CA GLU A 190 -14.91 5.19 -15.71
C GLU A 190 -14.73 5.36 -14.22
N VAL A 191 -13.54 5.76 -13.77
CA VAL A 191 -13.34 6.03 -12.35
C VAL A 191 -13.48 7.52 -12.04
N ALA A 192 -13.20 8.39 -13.00
CA ALA A 192 -13.14 9.82 -12.73
C ALA A 192 -14.04 10.67 -13.63
N ALA A 193 -14.74 10.09 -14.59
CA ALA A 193 -15.54 10.92 -15.49
C ALA A 193 -17.03 10.63 -15.42
N ILE A 194 -17.45 9.38 -15.30
CA ILE A 194 -18.87 9.06 -15.21
C ILE A 194 -19.47 9.60 -13.91
N PRO A 195 -18.75 9.69 -12.78
CA PRO A 195 -19.33 10.44 -11.66
C PRO A 195 -19.41 11.93 -11.93
N LEU A 196 -18.39 12.51 -12.57
CA LEU A 196 -18.39 13.95 -12.79
C LEU A 196 -19.43 14.36 -13.83
N VAL A 197 -19.61 13.56 -14.88
CA VAL A 197 -20.70 13.86 -15.81
C VAL A 197 -22.05 13.67 -15.13
N ALA A 198 -22.12 12.84 -14.09
CA ALA A 198 -23.35 12.73 -13.32
C ALA A 198 -23.59 13.97 -12.46
N VAL A 199 -22.53 14.50 -11.84
CA VAL A 199 -22.70 15.71 -11.03
C VAL A 199 -22.92 16.94 -11.90
N VAL A 200 -22.53 16.87 -13.18
CA VAL A 200 -22.91 17.93 -14.12
C VAL A 200 -24.34 17.71 -14.62
N LEU A 201 -24.83 16.47 -14.59
CA LEU A 201 -26.18 16.21 -15.10
C LEU A 201 -27.24 16.76 -14.16
N PHE A 202 -27.08 16.59 -12.84
CA PHE A 202 -28.02 17.23 -11.91
C PHE A 202 -27.58 18.63 -11.52
N PHE A 203 -26.41 19.08 -11.99
CA PHE A 203 -26.08 20.50 -11.90
C PHE A 203 -27.04 21.34 -12.73
N VAL A 204 -27.61 20.77 -13.77
CA VAL A 204 -28.42 21.50 -14.73
C VAL A 204 -29.90 21.15 -14.64
N PHE A 205 -30.29 20.25 -13.73
CA PHE A 205 -31.67 19.79 -13.67
C PHE A 205 -32.34 19.99 -12.31
N GLY A 206 -31.58 20.10 -11.22
CA GLY A 206 -32.19 20.17 -9.91
C GLY A 206 -33.02 18.95 -9.56
N THR A 207 -32.77 17.83 -10.22
CA THR A 207 -33.52 16.60 -10.03
C THR A 207 -32.62 15.42 -10.36
N VAL A 208 -32.79 14.32 -9.64
CA VAL A 208 -31.89 13.18 -9.79
C VAL A 208 -32.30 12.30 -10.96
N ILE A 209 -33.54 11.81 -10.95
CA ILE A 209 -33.95 10.87 -12.00
C ILE A 209 -34.04 11.57 -13.36
N ALA A 210 -34.26 12.89 -13.36
CA ALA A 210 -34.12 13.64 -14.60
C ALA A 210 -32.69 13.61 -15.09
N ALA A 211 -31.73 13.77 -14.18
CA ALA A 211 -30.32 13.74 -14.56
C ALA A 211 -29.86 12.33 -14.93
N ALA A 212 -30.51 11.30 -14.39
CA ALA A 212 -30.05 9.94 -14.64
C ALA A 212 -30.25 9.52 -16.09
N LEU A 213 -31.28 10.07 -16.75
CA LEU A 213 -31.69 9.59 -18.06
C LEU A 213 -30.68 9.92 -19.17
N PRO A 214 -30.12 11.13 -19.24
CA PRO A 214 -29.02 11.34 -20.19
C PRO A 214 -27.83 10.44 -19.90
N ALA A 215 -27.51 10.20 -18.63
CA ALA A 215 -26.49 9.22 -18.30
C ALA A 215 -26.95 7.82 -18.66
N ILE A 216 -28.23 7.51 -18.44
CA ILE A 216 -28.79 6.23 -18.88
C ILE A 216 -28.71 6.13 -20.40
N ILE A 217 -29.12 7.19 -21.09
CA ILE A 217 -29.00 7.22 -22.55
C ILE A 217 -27.54 7.19 -22.96
N GLY A 218 -26.69 7.97 -22.28
CA GLY A 218 -25.27 7.95 -22.56
C GLY A 218 -24.67 6.57 -22.36
N GLY A 219 -25.02 5.93 -21.24
CA GLY A 219 -24.56 4.57 -21.01
C GLY A 219 -25.17 3.57 -21.97
N LEU A 220 -26.45 3.77 -22.31
CA LEU A 220 -27.11 2.88 -23.26
C LEU A 220 -26.49 2.99 -24.65
N ALA A 221 -26.07 4.20 -25.05
CA ALA A 221 -25.56 4.38 -26.40
C ALA A 221 -24.27 3.60 -26.62
N ILE A 222 -23.33 3.68 -25.67
CA ILE A 222 -22.07 2.98 -25.85
C ILE A 222 -22.26 1.47 -25.77
N ALA A 223 -23.27 1.02 -25.00
CA ALA A 223 -23.53 -0.41 -24.92
C ALA A 223 -24.05 -0.95 -26.25
N GLY A 224 -24.79 -0.14 -27.01
CA GLY A 224 -25.24 -0.54 -28.31
C GLY A 224 -24.17 -0.36 -29.38
N ALA A 225 -23.41 0.74 -29.28
CA ALA A 225 -22.34 0.99 -30.24
C ALA A 225 -21.25 -0.07 -30.12
N LEU A 226 -20.84 -0.40 -28.89
CA LEU A 226 -19.83 -1.44 -28.71
C LEU A 226 -20.34 -2.79 -29.20
N GLY A 227 -21.66 -2.99 -29.19
CA GLY A 227 -22.20 -4.20 -29.79
C GLY A 227 -22.17 -4.18 -31.30
N ILE A 228 -22.31 -2.98 -31.89
CA ILE A 228 -22.27 -2.86 -33.35
C ILE A 228 -20.87 -3.14 -33.87
N MET A 229 -19.84 -2.60 -33.21
CA MET A 229 -18.48 -2.74 -33.71
C MET A 229 -17.98 -4.17 -33.59
N ARG A 230 -18.47 -4.94 -32.61
CA ARG A 230 -18.11 -6.36 -32.54
C ARG A 230 -18.79 -7.15 -33.66
N LEU A 231 -19.99 -6.73 -34.08
CA LEU A 231 -20.61 -7.34 -35.25
C LEU A 231 -19.87 -6.95 -36.53
N VAL A 232 -19.46 -5.68 -36.64
CA VAL A 232 -18.72 -5.22 -37.81
C VAL A 232 -17.39 -5.96 -37.93
N ALA A 233 -16.79 -6.36 -36.81
CA ALA A 233 -15.50 -7.05 -36.84
C ALA A 233 -15.56 -8.36 -37.60
N GLU A 234 -16.74 -8.95 -37.78
CA GLU A 234 -16.85 -10.21 -38.50
C GLU A 234 -16.60 -10.04 -40.00
N PHE A 235 -16.71 -8.82 -40.52
CA PHE A 235 -16.58 -8.57 -41.95
C PHE A 235 -15.22 -7.96 -42.30
N THR A 236 -14.96 -6.75 -41.81
CA THR A 236 -13.72 -6.04 -42.06
C THR A 236 -13.10 -5.65 -40.73
N PRO A 237 -11.77 -5.55 -40.66
CA PRO A 237 -11.12 -5.38 -39.36
C PRO A 237 -11.49 -4.06 -38.69
N VAL A 238 -11.48 -4.07 -37.35
CA VAL A 238 -11.73 -2.90 -36.53
C VAL A 238 -10.50 -2.64 -35.68
N HIS A 239 -10.24 -1.37 -35.41
CA HIS A 239 -9.03 -0.95 -34.72
C HIS A 239 -9.24 -0.90 -33.21
N PHE A 240 -8.14 -1.04 -32.47
CA PHE A 240 -8.18 -0.86 -31.02
C PHE A 240 -8.69 0.53 -30.66
N PHE A 241 -8.37 1.54 -31.47
CA PHE A 241 -8.69 2.92 -31.19
C PHE A 241 -10.18 3.23 -31.28
N ALA A 242 -11.01 2.29 -31.74
CA ALA A 242 -12.43 2.55 -31.84
C ALA A 242 -13.10 2.57 -30.48
N GLN A 243 -12.69 1.67 -29.57
CA GLN A 243 -13.29 1.61 -28.25
C GLN A 243 -13.15 2.91 -27.45
N PRO A 244 -11.99 3.58 -27.42
CA PRO A 244 -11.95 4.87 -26.70
C PRO A 244 -12.81 5.94 -27.35
N VAL A 245 -12.86 5.99 -28.69
CA VAL A 245 -13.59 7.04 -29.39
C VAL A 245 -15.07 6.99 -29.03
N VAL A 246 -15.64 5.78 -28.96
CA VAL A 246 -17.04 5.64 -28.54
C VAL A 246 -17.22 6.21 -27.14
N THR A 247 -16.23 5.98 -26.26
CA THR A 247 -16.32 6.54 -24.91
C THR A 247 -15.99 8.03 -24.91
N LEU A 248 -14.95 8.43 -25.64
CA LEU A 248 -14.55 9.84 -25.62
C LEU A 248 -15.61 10.73 -26.24
N ILE A 249 -16.20 10.31 -27.36
CA ILE A 249 -17.13 11.14 -28.13
C ILE A 249 -18.55 10.60 -28.02
N GLY A 250 -18.76 9.33 -28.35
CA GLY A 250 -20.12 8.79 -28.35
C GLY A 250 -20.78 8.87 -26.99
N LEU A 251 -20.06 8.48 -25.94
CA LEU A 251 -20.61 8.53 -24.59
C LEU A 251 -20.96 9.96 -24.19
N GLY A 252 -20.00 10.87 -24.33
CA GLY A 252 -20.20 12.23 -23.85
C GLY A 252 -21.38 12.91 -24.52
N ILE A 253 -21.40 12.90 -25.86
CA ILE A 253 -22.46 13.59 -26.59
C ILE A 253 -23.77 12.81 -26.63
N ALA A 254 -23.75 11.52 -26.30
CA ALA A 254 -25.01 10.82 -26.06
C ALA A 254 -25.70 11.38 -24.82
N ILE A 255 -24.92 11.69 -23.78
CA ILE A 255 -25.46 12.41 -22.64
C ILE A 255 -25.94 13.78 -23.07
N ASP A 256 -25.16 14.48 -23.89
CA ASP A 256 -25.58 15.78 -24.42
C ASP A 256 -26.86 15.65 -25.24
N TYR A 257 -26.90 14.66 -26.13
CA TYR A 257 -28.10 14.43 -26.93
C TYR A 257 -29.31 14.17 -26.04
N GLY A 258 -29.09 13.48 -24.92
CA GLY A 258 -30.17 13.28 -23.96
C GLY A 258 -30.35 14.43 -23.01
N LEU A 259 -29.29 15.20 -22.76
CA LEU A 259 -29.38 16.38 -21.92
C LEU A 259 -30.31 17.44 -22.51
N PHE A 260 -30.58 17.36 -23.81
CA PHE A 260 -31.53 18.28 -24.44
C PHE A 260 -32.97 17.76 -24.43
N ILE A 261 -33.16 16.45 -24.34
CA ILE A 261 -34.51 15.90 -24.34
C ILE A 261 -35.19 16.11 -22.99
N VAL A 262 -34.42 15.98 -21.90
CA VAL A 262 -34.99 16.18 -20.57
C VAL A 262 -35.31 17.64 -20.33
N SER A 263 -34.39 18.54 -20.74
CA SER A 263 -34.55 19.96 -20.41
C SER A 263 -35.71 20.59 -21.17
N ARG A 264 -35.85 20.28 -22.46
CA ARG A 264 -36.96 20.83 -23.23
C ARG A 264 -38.30 20.33 -22.71
N PHE A 265 -38.34 19.08 -22.24
CA PHE A 265 -39.57 18.55 -21.64
C PHE A 265 -39.90 19.28 -20.35
N ARG A 266 -38.89 19.52 -19.51
CA ARG A 266 -39.12 20.29 -18.28
C ARG A 266 -39.55 21.71 -18.60
N GLU A 267 -39.00 22.30 -19.66
CA GLU A 267 -39.43 23.63 -20.07
C GLU A 267 -40.87 23.60 -20.56
N GLU A 268 -41.26 22.52 -21.25
CA GLU A 268 -42.64 22.41 -21.71
C GLU A 268 -43.59 22.14 -20.55
N ILE A 269 -43.16 21.34 -19.58
CA ILE A 269 -43.94 21.16 -18.36
C ILE A 269 -44.01 22.47 -17.58
N ALA A 270 -42.91 23.23 -17.58
CA ALA A 270 -42.89 24.52 -16.89
C ALA A 270 -43.90 25.49 -17.49
N GLU A 271 -44.10 25.44 -18.80
CA GLU A 271 -45.11 26.30 -19.43
C GLU A 271 -46.50 25.91 -18.94
N GLY A 272 -46.82 24.63 -18.94
CA GLY A 272 -48.10 24.17 -18.44
C GLY A 272 -48.84 23.25 -19.38
N TYR A 273 -48.09 22.55 -20.25
CA TYR A 273 -48.69 21.59 -21.17
C TYR A 273 -48.71 20.20 -20.53
N ASP A 274 -49.74 19.43 -20.86
CA ASP A 274 -49.96 18.13 -20.24
C ASP A 274 -48.95 17.11 -20.78
N THR A 275 -49.04 15.89 -20.26
CA THR A 275 -48.08 14.85 -20.60
C THR A 275 -48.17 14.45 -22.07
N GLU A 276 -49.40 14.39 -22.62
CA GLU A 276 -49.56 14.03 -24.02
C GLU A 276 -48.95 15.08 -24.93
N ALA A 277 -49.14 16.37 -24.62
CA ALA A 277 -48.68 17.43 -25.50
C ALA A 277 -47.20 17.74 -25.31
N ALA A 278 -46.65 17.45 -24.13
CA ALA A 278 -45.27 17.83 -23.86
C ALA A 278 -44.30 17.12 -24.79
N VAL A 279 -44.57 15.87 -25.13
CA VAL A 279 -43.67 15.13 -26.01
C VAL A 279 -43.72 15.70 -27.43
N ARG A 280 -44.82 16.35 -27.81
CA ARG A 280 -44.92 16.89 -29.16
C ARG A 280 -44.07 18.14 -29.32
N ARG A 281 -44.17 19.08 -28.37
CA ARG A 281 -43.41 20.32 -28.47
C ARG A 281 -41.92 20.11 -28.20
N THR A 282 -41.50 18.93 -27.77
CA THR A 282 -40.09 18.66 -27.55
C THR A 282 -39.42 18.01 -28.76
N VAL A 283 -40.15 17.16 -29.49
CA VAL A 283 -39.57 16.49 -30.65
C VAL A 283 -39.26 17.49 -31.75
N MET A 284 -40.18 18.42 -32.03
CA MET A 284 -40.00 19.39 -33.09
C MET A 284 -39.09 20.54 -32.71
N THR A 285 -38.61 20.58 -31.47
CA THR A 285 -37.68 21.62 -31.04
C THR A 285 -36.37 21.07 -30.48
N SER A 286 -36.35 19.83 -30.01
CA SER A 286 -35.12 19.16 -29.59
C SER A 286 -34.85 17.90 -30.40
N GLY A 287 -35.86 17.06 -30.61
CA GLY A 287 -35.65 15.84 -31.38
C GLY A 287 -35.25 16.12 -32.82
N ARG A 288 -35.89 17.12 -33.44
CA ARG A 288 -35.47 17.53 -34.79
C ARG A 288 -34.07 18.10 -34.78
N THR A 289 -33.66 18.72 -33.68
CA THR A 289 -32.30 19.24 -33.57
C THR A 289 -31.30 18.12 -33.27
N VAL A 290 -31.70 17.14 -32.46
CA VAL A 290 -30.81 16.02 -32.15
C VAL A 290 -30.60 15.16 -33.39
N VAL A 291 -31.65 14.97 -34.21
CA VAL A 291 -31.51 14.21 -35.45
C VAL A 291 -30.52 14.91 -36.38
N PHE A 292 -30.66 16.24 -36.53
CA PHE A 292 -29.76 16.96 -37.42
C PHE A 292 -28.36 17.09 -36.84
N SER A 293 -28.23 17.05 -35.51
CA SER A 293 -26.91 17.11 -34.89
C SER A 293 -26.08 15.87 -35.25
N ALA A 294 -26.69 14.69 -35.15
CA ALA A 294 -25.97 13.46 -35.43
C ALA A 294 -25.70 13.30 -36.92
N VAL A 295 -26.70 13.59 -37.76
CA VAL A 295 -26.52 13.47 -39.21
C VAL A 295 -25.42 14.41 -39.68
N ILE A 296 -25.25 15.56 -39.01
CA ILE A 296 -24.16 16.46 -39.35
C ILE A 296 -22.82 15.82 -39.01
N ILE A 297 -22.71 15.23 -37.82
CA ILE A 297 -21.49 14.52 -37.46
C ILE A 297 -21.21 13.39 -38.44
N VAL A 298 -22.28 12.70 -38.86
CA VAL A 298 -22.13 11.69 -39.91
C VAL A 298 -21.59 12.33 -41.17
N ALA A 299 -22.20 13.43 -41.61
CA ALA A 299 -21.68 14.18 -42.75
C ALA A 299 -20.33 14.82 -42.45
N SER A 300 -19.96 14.92 -41.18
CA SER A 300 -18.65 15.41 -40.79
C SER A 300 -17.62 14.30 -40.64
N SER A 301 -17.99 13.06 -40.96
CA SER A 301 -17.11 11.91 -40.77
C SER A 301 -17.03 10.98 -41.97
N VAL A 302 -18.02 10.95 -42.83
CA VAL A 302 -17.97 10.11 -44.03
C VAL A 302 -16.86 10.53 -44.99
N PRO A 303 -16.45 11.80 -45.09
CA PRO A 303 -15.31 12.12 -45.95
C PRO A 303 -14.00 11.49 -45.50
N LEU A 304 -13.95 10.88 -44.33
CA LEU A 304 -12.77 10.12 -43.93
C LEU A 304 -12.72 8.74 -44.59
N LEU A 305 -13.86 8.26 -45.10
CA LEU A 305 -13.84 7.07 -45.93
C LEU A 305 -13.16 7.31 -47.26
N LEU A 306 -13.02 8.58 -47.68
CA LEU A 306 -12.21 8.89 -48.85
C LEU A 306 -10.75 8.58 -48.59
N PHE A 307 -10.29 8.79 -47.36
CA PHE A 307 -8.92 8.42 -47.01
C PHE A 307 -8.74 6.90 -47.12
N PRO A 308 -7.55 6.44 -47.47
CA PRO A 308 -7.34 5.00 -47.63
C PRO A 308 -7.12 4.24 -46.34
N GLN A 309 -6.61 4.93 -45.30
CA GLN A 309 -6.21 4.25 -44.08
C GLN A 309 -7.37 3.49 -43.45
N GLY A 310 -7.14 2.21 -43.16
CA GLY A 310 -8.13 1.44 -42.42
C GLY A 310 -8.29 1.87 -40.98
N PHE A 311 -7.29 2.56 -40.43
CA PHE A 311 -7.42 3.10 -39.08
C PHE A 311 -8.56 4.10 -39.00
N LEU A 312 -8.59 5.06 -39.94
CA LEU A 312 -9.67 6.05 -39.94
C LEU A 312 -10.99 5.42 -40.36
N LYS A 313 -10.97 4.54 -41.37
CA LYS A 313 -12.20 3.92 -41.83
C LYS A 313 -12.93 3.19 -40.71
N SER A 314 -12.18 2.61 -39.77
CA SER A 314 -12.82 1.94 -38.64
C SER A 314 -13.44 2.95 -37.68
N ILE A 315 -12.77 4.09 -37.48
CA ILE A 315 -13.25 5.06 -36.50
C ILE A 315 -14.58 5.67 -36.94
N THR A 316 -14.67 6.08 -38.21
CA THR A 316 -15.90 6.70 -38.69
C THR A 316 -17.10 5.79 -38.54
N TYR A 317 -16.89 4.48 -38.63
CA TYR A 317 -17.97 3.54 -38.33
C TYR A 317 -18.46 3.73 -36.91
N ALA A 318 -17.53 3.74 -35.95
CA ALA A 318 -17.91 3.88 -34.55
C ALA A 318 -18.53 5.24 -34.27
N ILE A 319 -18.00 6.30 -34.88
CA ILE A 319 -18.58 7.63 -34.71
C ILE A 319 -19.98 7.69 -35.29
N ILE A 320 -20.17 7.12 -36.49
CA ILE A 320 -21.50 7.04 -37.07
C ILE A 320 -22.40 6.19 -36.20
N ALA A 321 -21.91 5.04 -35.76
CA ALA A 321 -22.74 4.10 -35.00
C ALA A 321 -23.12 4.65 -33.63
N SER A 322 -22.24 5.44 -33.01
CA SER A 322 -22.52 5.92 -31.66
C SER A 322 -23.49 7.10 -31.68
N VAL A 323 -23.27 8.07 -32.56
CA VAL A 323 -24.07 9.30 -32.52
C VAL A 323 -25.44 9.07 -33.12
N MET A 324 -25.55 8.23 -34.16
CA MET A 324 -26.86 7.95 -34.75
C MET A 324 -27.71 7.10 -33.82
N LEU A 325 -27.09 6.15 -33.13
CA LEU A 325 -27.81 5.37 -32.14
C LEU A 325 -28.20 6.22 -30.94
N ALA A 326 -27.30 7.10 -30.50
CA ALA A 326 -27.63 8.00 -29.39
C ALA A 326 -28.75 8.96 -29.77
N ALA A 327 -28.78 9.41 -31.02
CA ALA A 327 -29.86 10.27 -31.48
C ALA A 327 -31.17 9.50 -31.54
N ILE A 328 -31.15 8.28 -32.07
CA ILE A 328 -32.34 7.44 -32.07
C ILE A 328 -32.73 7.07 -30.65
N LEU A 329 -31.74 6.84 -29.78
CA LEU A 329 -32.04 6.66 -28.36
C LEU A 329 -32.65 7.90 -27.75
N SER A 330 -32.28 9.08 -28.25
CA SER A 330 -32.80 10.32 -27.69
C SER A 330 -34.30 10.46 -27.96
N ILE A 331 -34.72 10.20 -29.19
CA ILE A 331 -36.13 10.38 -29.53
C ILE A 331 -36.95 9.18 -29.08
N THR A 332 -36.51 7.96 -29.42
CA THR A 332 -37.34 6.79 -29.20
C THR A 332 -37.44 6.42 -27.72
N VAL A 333 -36.34 6.53 -26.98
CA VAL A 333 -36.33 6.07 -25.60
C VAL A 333 -36.59 7.23 -24.64
N LEU A 334 -35.80 8.29 -24.72
CA LEU A 334 -35.85 9.33 -23.71
C LEU A 334 -37.19 10.08 -23.74
N ALA A 335 -37.79 10.26 -24.91
CA ALA A 335 -39.07 10.94 -24.97
C ALA A 335 -40.19 10.07 -24.41
N ALA A 336 -40.13 8.76 -24.65
CA ALA A 336 -41.17 7.87 -24.17
C ALA A 336 -41.11 7.67 -22.66
N ALA A 337 -39.91 7.70 -22.08
CA ALA A 337 -39.78 7.55 -20.63
C ALA A 337 -40.30 8.77 -19.88
N LEU A 338 -40.29 9.94 -20.53
CA LEU A 338 -40.81 11.15 -19.89
C LEU A 338 -42.32 11.21 -19.90
N ALA A 339 -42.99 10.43 -20.75
CA ALA A 339 -44.43 10.27 -20.65
C ALA A 339 -44.79 9.26 -19.57
N ILE A 340 -43.92 8.28 -19.33
CA ILE A 340 -44.17 7.28 -18.29
C ILE A 340 -43.88 7.87 -16.91
N LEU A 341 -42.71 8.52 -16.75
CA LEU A 341 -42.46 9.26 -15.52
C LEU A 341 -43.42 10.43 -15.39
N GLY A 342 -43.84 11.01 -16.52
CA GLY A 342 -44.81 12.08 -16.52
C GLY A 342 -44.32 13.33 -15.82
N PRO A 343 -45.25 14.11 -15.27
CA PRO A 343 -44.86 15.33 -14.55
C PRO A 343 -44.07 15.05 -13.29
N ARG A 344 -44.14 13.84 -12.74
CA ARG A 344 -43.42 13.50 -11.51
C ARG A 344 -41.95 13.16 -11.76
N VAL A 345 -41.36 13.66 -12.84
CA VAL A 345 -39.94 13.48 -13.07
C VAL A 345 -39.14 14.26 -12.02
N ASP A 346 -39.57 15.48 -11.70
CA ASP A 346 -38.88 16.35 -10.77
C ASP A 346 -39.28 16.08 -9.32
N ALA A 347 -39.57 14.83 -8.97
CA ALA A 347 -40.10 14.49 -7.66
C ALA A 347 -39.00 14.18 -6.64
N LEU A 348 -38.13 13.23 -6.96
CA LEU A 348 -37.22 12.69 -5.96
C LEU A 348 -36.30 13.75 -5.39
N GLY A 349 -35.72 14.57 -6.27
CA GLY A 349 -34.81 15.57 -5.74
C GLY A 349 -33.57 14.94 -5.14
N VAL A 350 -32.77 15.81 -4.51
CA VAL A 350 -31.49 15.35 -3.94
C VAL A 350 -31.72 14.50 -2.70
N THR A 351 -32.72 14.86 -1.89
CA THR A 351 -32.93 14.16 -0.62
C THR A 351 -33.23 12.68 -0.83
N THR A 352 -33.90 12.33 -1.94
CA THR A 352 -34.16 10.93 -2.21
C THR A 352 -32.90 10.19 -2.63
N LEU A 353 -31.99 10.87 -3.33
CA LEU A 353 -30.70 10.27 -3.66
C LEU A 353 -29.87 9.99 -2.41
N LEU A 354 -30.16 10.68 -1.31
CA LEU A 354 -29.45 10.45 -0.06
C LEU A 354 -29.89 9.16 0.63
N LYS A 355 -30.89 8.46 0.10
CA LYS A 355 -31.42 7.26 0.73
C LYS A 355 -30.35 6.20 0.90
N ILE A 356 -29.88 5.63 -0.20
CA ILE A 356 -28.79 4.65 -0.17
C ILE A 356 -27.54 5.36 0.34
N PRO A 357 -26.57 4.64 0.93
CA PRO A 357 -25.44 5.32 1.56
C PRO A 357 -24.50 6.01 0.57
N PHE A 358 -25.04 6.89 -0.28
CA PHE A 358 -24.20 7.81 -1.02
C PHE A 358 -23.49 8.79 -0.10
N LEU A 359 -24.06 9.02 1.09
CA LEU A 359 -23.41 9.90 2.06
C LEU A 359 -22.21 9.21 2.72
N ALA A 360 -22.32 7.90 2.98
CA ALA A 360 -21.19 7.16 3.51
C ALA A 360 -20.00 7.21 2.56
N ASN A 361 -20.26 7.26 1.25
CA ASN A 361 -19.20 7.53 0.29
C ASN A 361 -18.69 8.96 0.48
N TRP A 362 -17.37 9.12 0.48
CA TRP A 362 -16.77 10.42 0.76
C TRP A 362 -17.30 11.48 -0.19
N GLN A 363 -17.20 11.24 -1.50
CA GLN A 363 -17.37 12.32 -2.46
C GLN A 363 -18.83 12.72 -2.62
N PHE A 364 -19.74 11.74 -2.60
CA PHE A 364 -21.12 12.05 -2.97
C PHE A 364 -21.89 12.77 -1.87
N SER A 365 -21.52 12.57 -0.60
CA SER A 365 -22.16 13.32 0.47
C SER A 365 -21.97 14.82 0.27
N ARG A 366 -20.71 15.25 0.10
CA ARG A 366 -20.43 16.65 -0.15
C ARG A 366 -21.23 17.17 -1.34
N ARG A 367 -21.40 16.36 -2.38
CA ARG A 367 -22.17 16.77 -3.53
C ARG A 367 -23.67 16.71 -3.27
N ILE A 368 -24.12 15.75 -2.47
CA ILE A 368 -25.55 15.62 -2.20
C ILE A 368 -26.01 16.71 -1.23
N ILE A 369 -25.33 16.82 -0.09
CA ILE A 369 -25.78 17.76 0.95
C ILE A 369 -25.70 19.20 0.46
N ASP A 370 -24.80 19.49 -0.47
CA ASP A 370 -24.72 20.84 -1.02
C ASP A 370 -25.96 21.15 -1.85
N TRP A 371 -26.40 20.20 -2.68
CA TRP A 371 -27.60 20.42 -3.48
C TRP A 371 -28.84 20.51 -2.62
N PHE A 372 -28.84 19.85 -1.44
CA PHE A 372 -30.00 19.90 -0.56
C PHE A 372 -30.13 21.25 0.12
N ALA A 373 -29.03 21.76 0.69
CA ALA A 373 -29.06 23.09 1.30
C ALA A 373 -29.32 24.16 0.26
N GLU A 374 -28.70 24.03 -0.92
CA GLU A 374 -28.93 24.96 -2.02
C GLU A 374 -30.29 24.76 -2.69
N LYS A 375 -30.98 23.65 -2.42
CA LYS A 375 -32.28 23.42 -3.04
C LYS A 375 -33.29 24.46 -2.58
N THR A 376 -33.30 24.76 -1.28
CA THR A 376 -34.24 25.77 -0.76
C THR A 376 -33.90 27.17 -1.24
N GLN A 377 -32.64 27.43 -1.61
CA GLN A 377 -32.23 28.79 -1.92
C GLN A 377 -31.46 28.90 -3.22
N LYS A 378 -30.27 28.29 -3.29
CA LYS A 378 -29.30 28.69 -4.31
C LYS A 378 -29.65 28.14 -5.68
N THR A 379 -30.09 26.88 -5.77
CA THR A 379 -30.20 26.26 -7.09
C THR A 379 -31.30 26.91 -7.94
N LYS A 380 -32.41 27.32 -7.32
CA LYS A 380 -33.51 27.90 -8.07
C LYS A 380 -33.37 29.40 -8.28
N THR A 381 -32.76 30.11 -7.33
CA THR A 381 -32.58 31.54 -7.46
C THR A 381 -31.47 31.89 -8.46
N ARG A 382 -30.35 31.17 -8.39
CA ARG A 382 -29.22 31.48 -9.26
C ARG A 382 -29.51 31.22 -10.73
N GLU A 383 -30.48 30.35 -11.03
CA GLU A 383 -30.81 30.07 -12.43
C GLU A 383 -31.36 31.32 -13.13
N GLU A 384 -32.26 32.04 -12.46
CA GLU A 384 -32.81 33.25 -13.05
C GLU A 384 -31.76 34.35 -13.14
N VAL A 385 -30.93 34.50 -12.10
CA VAL A 385 -29.90 35.54 -12.14
C VAL A 385 -28.81 35.18 -13.13
N GLU A 386 -28.62 33.88 -13.41
CA GLU A 386 -27.71 33.48 -14.47
C GLU A 386 -28.37 33.62 -15.83
N ARG A 387 -29.66 33.28 -15.91
CA ARG A 387 -30.44 33.57 -17.12
C ARG A 387 -30.41 35.05 -17.43
N GLY A 388 -30.61 35.89 -16.40
CA GLY A 388 -30.48 37.32 -16.59
C GLY A 388 -29.06 37.74 -16.91
N PHE A 389 -28.08 37.11 -16.26
CA PHE A 389 -26.69 37.38 -16.56
C PHE A 389 -26.35 37.02 -18.00
N TRP A 390 -26.91 35.91 -18.49
CA TRP A 390 -26.71 35.56 -19.90
C TRP A 390 -27.33 36.61 -20.81
N GLY A 391 -28.50 37.12 -20.44
CA GLY A 391 -29.12 38.18 -21.23
C GLY A 391 -28.37 39.49 -21.14
N ARG A 392 -27.90 39.84 -19.95
CA ARG A 392 -27.16 41.09 -19.80
C ARG A 392 -25.82 41.04 -20.54
N LEU A 393 -25.16 39.87 -20.52
CA LEU A 393 -23.86 39.76 -21.16
C LEU A 393 -23.94 39.99 -22.66
N VAL A 394 -25.01 39.49 -23.29
CA VAL A 394 -25.14 39.62 -24.74
C VAL A 394 -25.36 41.07 -25.14
N ASN A 395 -26.12 41.82 -24.34
CA ASN A 395 -26.35 43.23 -24.66
C ASN A 395 -25.11 44.07 -24.39
N VAL A 396 -24.25 43.64 -23.46
CA VAL A 396 -22.94 44.27 -23.34
C VAL A 396 -22.14 44.01 -24.61
N VAL A 397 -22.35 42.86 -25.25
CA VAL A 397 -21.69 42.56 -26.51
C VAL A 397 -22.33 43.34 -27.65
N MET A 398 -23.66 43.27 -27.78
CA MET A 398 -24.33 43.95 -28.87
C MET A 398 -24.33 45.47 -28.73
N LYS A 399 -23.94 46.01 -27.57
CA LYS A 399 -23.79 47.45 -27.44
C LYS A 399 -22.63 47.96 -28.28
N ARG A 400 -21.50 47.25 -28.25
CA ARG A 400 -20.36 47.54 -29.12
C ARG A 400 -19.84 46.22 -29.67
N PRO A 401 -20.55 45.63 -30.64
CA PRO A 401 -20.15 44.30 -31.13
C PRO A 401 -18.81 44.29 -31.85
N ILE A 402 -18.41 45.41 -32.46
CA ILE A 402 -17.11 45.47 -33.10
C ILE A 402 -16.00 45.42 -32.06
N ALA A 403 -16.23 46.01 -30.88
CA ALA A 403 -15.21 46.02 -29.83
C ALA A 403 -14.91 44.62 -29.30
N PHE A 404 -15.82 43.66 -29.48
CA PHE A 404 -15.59 42.29 -29.02
C PHE A 404 -15.22 41.34 -30.15
N ALA A 405 -15.77 41.55 -31.36
CA ALA A 405 -15.49 40.64 -32.46
C ALA A 405 -14.08 40.87 -33.02
N ALA A 406 -13.64 42.13 -33.08
CA ALA A 406 -12.35 42.41 -33.73
C ALA A 406 -11.17 41.87 -32.91
N PRO A 407 -11.09 42.04 -31.59
CA PRO A 407 -10.01 41.37 -30.85
C PRO A 407 -10.11 39.85 -30.90
N ILE A 408 -11.34 39.32 -30.94
CA ILE A 408 -11.50 37.88 -31.08
C ILE A 408 -11.08 37.41 -32.47
N LEU A 409 -11.39 38.20 -33.49
CA LEU A 409 -11.01 37.82 -34.86
C LEU A 409 -9.50 37.78 -35.03
N VAL A 410 -8.79 38.76 -34.46
CA VAL A 410 -7.35 38.83 -34.69
C VAL A 410 -6.61 37.77 -33.88
N VAL A 411 -7.13 37.40 -32.71
CA VAL A 411 -6.44 36.43 -31.86
C VAL A 411 -6.51 35.04 -32.48
N MET A 412 -7.69 34.64 -32.94
CA MET A 412 -7.85 33.31 -33.53
C MET A 412 -6.99 33.15 -34.77
N VAL A 413 -6.81 34.22 -35.56
CA VAL A 413 -5.97 34.14 -36.74
C VAL A 413 -4.50 34.03 -36.34
N LEU A 414 -4.11 34.71 -35.25
CA LEU A 414 -2.73 34.63 -34.77
C LEU A 414 -2.39 33.27 -34.18
N LEU A 415 -3.40 32.45 -33.86
CA LEU A 415 -3.16 31.11 -33.35
C LEU A 415 -2.99 30.07 -34.45
N ILE A 416 -3.43 30.37 -35.67
CA ILE A 416 -3.21 29.47 -36.80
C ILE A 416 -1.76 29.50 -37.26
N ILE A 417 -0.97 30.46 -36.78
CA ILE A 417 0.41 30.63 -37.27
C ILE A 417 1.26 29.38 -37.10
N PRO A 418 1.37 28.77 -35.92
CA PRO A 418 2.28 27.62 -35.78
C PRO A 418 1.91 26.42 -36.64
N LEU A 419 0.73 26.41 -37.26
CA LEU A 419 0.34 25.31 -38.13
C LEU A 419 1.29 25.15 -39.30
N GLY A 420 2.00 26.21 -39.69
CA GLY A 420 2.97 26.14 -40.78
C GLY A 420 4.20 25.31 -40.48
N GLN A 421 4.37 24.87 -39.24
CA GLN A 421 5.48 24.01 -38.85
C GLN A 421 5.02 22.58 -38.58
N LEU A 422 3.94 22.15 -39.25
CA LEU A 422 3.38 20.83 -39.03
C LEU A 422 4.28 19.74 -39.60
N SER A 423 5.16 19.20 -38.77
CA SER A 423 5.95 18.04 -39.14
C SER A 423 5.16 16.77 -38.85
N LEU A 424 5.20 15.83 -39.80
CA LEU A 424 4.48 14.58 -39.68
C LEU A 424 5.45 13.42 -39.64
N GLY A 425 5.15 12.43 -38.80
CA GLY A 425 6.00 11.26 -38.67
C GLY A 425 5.18 10.00 -38.44
N GLY A 426 5.83 8.95 -37.94
CA GLY A 426 5.18 7.68 -37.69
C GLY A 426 5.28 7.28 -36.23
N ILE A 427 4.78 6.06 -35.96
CA ILE A 427 4.80 5.53 -34.60
C ILE A 427 6.22 5.11 -34.25
N SER A 428 6.60 5.33 -33.00
CA SER A 428 7.91 4.94 -32.49
C SER A 428 7.82 4.81 -30.98
N GLU A 429 8.96 4.53 -30.34
CA GLU A 429 9.00 4.48 -28.89
C GLU A 429 8.69 5.84 -28.26
N LYS A 430 8.83 6.92 -29.03
CA LYS A 430 8.55 8.26 -28.51
C LYS A 430 7.08 8.46 -28.18
N TYR A 431 6.19 7.62 -28.73
CA TYR A 431 4.77 7.73 -28.42
C TYR A 431 4.44 7.41 -26.97
N LEU A 432 5.44 7.05 -26.15
CA LEU A 432 5.29 6.80 -24.74
C LEU A 432 6.01 7.86 -23.92
N PRO A 433 5.52 8.17 -22.72
CA PRO A 433 6.19 9.16 -21.87
C PRO A 433 7.60 8.73 -21.53
N PRO A 434 8.57 9.64 -21.56
CA PRO A 434 9.97 9.23 -21.52
C PRO A 434 10.39 8.53 -20.23
N ASP A 435 9.60 8.61 -19.16
CA ASP A 435 9.89 7.87 -17.94
C ASP A 435 9.44 6.42 -18.02
N ASN A 436 8.98 5.96 -19.17
CA ASN A 436 8.44 4.61 -19.32
C ASN A 436 9.55 3.57 -19.20
N ALA A 437 9.22 2.46 -18.55
CA ALA A 437 10.21 1.39 -18.36
C ALA A 437 10.58 0.72 -19.68
N VAL A 438 9.59 0.55 -20.56
CA VAL A 438 9.85 -0.10 -21.84
C VAL A 438 10.60 0.85 -22.78
N ARG A 439 10.19 2.13 -22.81
CA ARG A 439 10.83 3.08 -23.70
C ARG A 439 12.30 3.25 -23.38
N GLN A 440 12.64 3.34 -22.09
CA GLN A 440 14.03 3.52 -21.70
C GLN A 440 14.86 2.29 -22.04
N SER A 441 14.28 1.10 -21.93
CA SER A 441 14.99 -0.12 -22.32
C SER A 441 15.28 -0.13 -23.82
N GLN A 442 14.27 0.19 -24.63
CA GLN A 442 14.48 0.34 -26.07
C GLN A 442 15.48 1.43 -26.38
N GLU A 443 15.51 2.50 -25.57
CA GLU A 443 16.48 3.56 -25.78
C GLU A 443 17.87 3.12 -25.34
N GLN A 444 17.97 2.39 -24.24
CA GLN A 444 19.28 1.87 -23.82
C GLN A 444 19.77 0.79 -24.77
N PHE A 445 18.85 -0.02 -25.30
CA PHE A 445 19.18 -0.94 -26.37
C PHE A 445 19.87 -0.21 -27.52
N ASP A 446 19.23 0.85 -28.01
CA ASP A 446 19.77 1.57 -29.17
C ASP A 446 21.05 2.32 -28.83
N LYS A 447 21.25 2.70 -27.58
CA LYS A 447 22.47 3.40 -27.20
C LYS A 447 23.62 2.45 -26.87
N LEU A 448 23.33 1.17 -26.59
CA LEU A 448 24.38 0.22 -26.26
C LEU A 448 25.12 -0.25 -27.52
N PHE A 449 24.38 -0.67 -28.54
CA PHE A 449 24.96 -1.24 -29.75
C PHE A 449 24.21 -0.73 -30.96
N PRO A 450 24.57 0.44 -31.48
CA PRO A 450 23.89 0.98 -32.66
C PRO A 450 24.15 0.13 -33.89
N GLY A 451 23.30 0.30 -34.89
CA GLY A 451 23.44 -0.40 -36.15
C GLY A 451 22.52 -1.59 -36.34
N PHE A 452 21.63 -1.86 -35.39
CA PHE A 452 20.62 -2.90 -35.58
C PHE A 452 19.25 -2.34 -35.91
N ARG A 453 18.94 -1.14 -35.40
CA ARG A 453 17.71 -0.44 -35.76
C ARG A 453 17.87 0.15 -37.15
N THR A 454 17.08 -0.33 -38.10
CA THR A 454 17.17 0.12 -39.48
C THR A 454 15.79 0.31 -40.06
N GLU A 455 15.56 1.47 -40.68
CA GLU A 455 14.35 1.72 -41.44
C GLU A 455 14.71 1.85 -42.91
N PRO A 456 15.02 0.74 -43.58
CA PRO A 456 15.57 0.82 -44.95
C PRO A 456 14.50 0.87 -46.02
N LEU A 457 14.77 1.67 -47.05
CA LEU A 457 13.95 1.64 -48.25
C LEU A 457 14.28 0.39 -49.06
N THR A 458 13.24 -0.26 -49.56
CA THR A 458 13.40 -1.50 -50.32
C THR A 458 13.07 -1.27 -51.79
N LEU A 459 13.79 -1.97 -52.66
CA LEU A 459 13.54 -2.02 -54.08
C LEU A 459 13.09 -3.43 -54.43
N VAL A 460 11.84 -3.58 -54.83
CA VAL A 460 11.21 -4.87 -55.08
C VAL A 460 11.06 -5.04 -56.59
N MET A 461 11.85 -5.95 -57.16
CA MET A 461 11.80 -6.27 -58.57
C MET A 461 10.95 -7.51 -58.79
N LYS A 462 10.12 -7.51 -59.84
CA LYS A 462 9.23 -8.62 -60.11
C LYS A 462 8.93 -8.71 -61.60
N ARG A 463 9.24 -9.85 -62.21
CA ARG A 463 8.85 -10.10 -63.59
C ARG A 463 7.60 -10.96 -63.64
N GLU A 464 6.80 -10.76 -64.68
CA GLU A 464 5.59 -11.54 -64.88
C GLU A 464 5.81 -12.74 -65.78
N ASP A 465 6.91 -12.77 -66.52
CA ASP A 465 7.20 -13.92 -67.38
C ASP A 465 7.42 -15.19 -66.59
N GLY A 466 7.80 -15.08 -65.32
CA GLY A 466 8.09 -16.23 -64.49
C GLY A 466 9.52 -16.72 -64.56
N GLU A 467 10.29 -16.27 -65.55
CA GLU A 467 11.67 -16.70 -65.66
C GLU A 467 12.49 -16.18 -64.47
N PRO A 468 13.53 -16.90 -64.08
CA PRO A 468 14.42 -16.37 -63.04
C PRO A 468 15.09 -15.09 -63.48
N ILE A 469 15.44 -14.25 -62.52
CA ILE A 469 16.11 -12.98 -62.78
C ILE A 469 17.62 -13.22 -62.75
N THR A 470 18.28 -12.84 -63.83
CA THR A 470 19.72 -13.01 -63.92
C THR A 470 20.43 -12.00 -63.02
N ASP A 471 21.67 -12.34 -62.64
CA ASP A 471 22.47 -11.42 -61.83
C ASP A 471 22.81 -10.16 -62.61
N ALA A 472 22.91 -10.27 -63.93
CA ALA A 472 23.07 -9.07 -64.75
C ALA A 472 21.79 -8.25 -64.81
N GLN A 473 20.64 -8.93 -64.78
CA GLN A 473 19.37 -8.21 -64.64
C GLN A 473 19.29 -7.47 -63.31
N ILE A 474 19.72 -8.13 -62.23
CA ILE A 474 19.81 -7.45 -60.94
C ILE A 474 20.86 -6.35 -60.99
N ALA A 475 21.97 -6.60 -61.69
CA ALA A 475 23.04 -5.62 -61.76
C ALA A 475 22.58 -4.33 -62.42
N ASP A 476 21.63 -4.42 -63.35
CA ASP A 476 21.13 -3.22 -64.00
C ASP A 476 20.32 -2.37 -63.04
N MET A 477 19.38 -2.99 -62.31
CA MET A 477 18.60 -2.27 -61.32
C MET A 477 19.48 -1.74 -60.19
N ARG A 478 20.45 -2.53 -59.75
CA ARG A 478 21.38 -2.06 -58.74
C ARG A 478 22.24 -0.92 -59.26
N ALA A 479 22.50 -0.90 -60.57
CA ALA A 479 23.29 0.18 -61.14
C ALA A 479 22.53 1.50 -61.11
N LYS A 480 21.24 1.49 -61.44
CA LYS A 480 20.46 2.73 -61.45
C LYS A 480 20.31 3.32 -60.06
N ALA A 481 20.29 2.48 -59.02
CA ALA A 481 20.08 2.99 -57.67
C ALA A 481 21.24 3.85 -57.19
N LEU A 482 22.43 3.67 -57.76
CA LEU A 482 23.59 4.42 -57.32
C LEU A 482 23.57 5.88 -57.79
N THR A 483 22.65 6.26 -58.68
CA THR A 483 22.56 7.63 -59.12
C THR A 483 21.92 8.53 -58.08
N VAL A 484 21.01 8.00 -57.28
CA VAL A 484 20.30 8.77 -56.27
C VAL A 484 21.16 8.79 -55.01
N SER A 485 21.75 9.95 -54.72
CA SER A 485 22.62 10.07 -53.56
C SER A 485 21.81 10.08 -52.28
N GLY A 486 22.48 9.75 -51.18
CA GLY A 486 21.88 9.78 -49.87
C GLY A 486 21.62 8.44 -49.20
N PHE A 487 22.34 7.39 -49.59
CA PHE A 487 22.21 6.08 -48.96
C PHE A 487 23.53 5.71 -48.28
N THR A 488 23.42 4.89 -47.24
CA THR A 488 24.54 4.66 -46.34
C THR A 488 25.55 3.70 -46.96
N ASP A 489 26.81 3.87 -46.54
CA ASP A 489 27.89 2.95 -46.88
C ASP A 489 29.00 3.05 -45.83
N PRO A 490 28.81 2.44 -44.65
CA PRO A 490 29.93 2.40 -43.68
C PRO A 490 31.12 1.62 -44.19
N ASP A 491 30.92 0.73 -45.16
CA ASP A 491 32.01 0.01 -45.80
C ASP A 491 32.80 0.87 -46.78
N ASN A 492 32.26 2.02 -47.17
CA ASN A 492 32.91 2.96 -48.09
C ASN A 492 33.25 2.31 -49.44
N ASP A 493 32.57 1.21 -49.77
CA ASP A 493 32.82 0.46 -51.00
C ASP A 493 31.51 0.40 -51.78
N PRO A 494 31.45 0.96 -52.98
CA PRO A 494 30.19 0.97 -53.73
C PRO A 494 29.63 -0.41 -54.04
N GLU A 495 30.48 -1.44 -54.06
CA GLU A 495 29.98 -2.80 -54.30
C GLU A 495 29.25 -3.34 -53.08
N LYS A 496 29.59 -2.86 -51.89
CA LYS A 496 28.99 -3.35 -50.65
C LYS A 496 27.64 -2.72 -50.33
N MET A 497 27.06 -1.97 -51.27
CA MET A 497 25.80 -1.28 -51.04
C MET A 497 24.65 -2.01 -51.73
N TRP A 498 23.44 -1.77 -51.20
CA TRP A 498 22.22 -2.40 -51.70
C TRP A 498 22.33 -3.91 -51.69
N LYS A 499 22.64 -4.45 -50.51
CA LYS A 499 22.80 -5.88 -50.34
C LYS A 499 21.47 -6.60 -50.60
N GLU A 500 21.58 -7.89 -50.91
CA GLU A 500 20.40 -8.72 -51.07
C GLU A 500 19.72 -8.91 -49.72
N ARG A 501 18.42 -8.63 -49.67
CA ARG A 501 17.68 -8.77 -48.42
C ARG A 501 17.77 -10.21 -47.91
N PRO A 502 17.92 -10.42 -46.61
CA PRO A 502 17.95 -11.78 -46.08
C PRO A 502 16.66 -12.53 -46.39
N ALA A 503 16.80 -13.82 -46.67
CA ALA A 503 15.67 -14.67 -47.01
C ALA A 503 15.30 -15.53 -45.81
N ASN A 504 14.03 -15.50 -45.43
CA ASN A 504 13.57 -16.31 -44.33
C ASN A 504 13.29 -17.74 -44.78
N ASP A 505 13.20 -18.64 -43.79
CA ASP A 505 12.85 -20.04 -44.03
C ASP A 505 11.34 -20.25 -44.18
N SER A 506 10.58 -19.27 -44.74
CA SER A 506 9.12 -19.33 -44.77
C SER A 506 8.53 -18.63 -46.00
N GLY A 507 9.31 -18.45 -47.04
CA GLY A 507 8.86 -17.74 -48.23
C GLY A 507 9.28 -18.47 -49.48
N SER A 508 8.32 -18.61 -50.40
CA SER A 508 8.55 -19.25 -51.69
C SER A 508 9.46 -18.35 -52.51
N LYS A 509 10.75 -18.70 -52.57
CA LYS A 509 11.72 -17.86 -53.26
C LYS A 509 11.49 -17.87 -54.77
N ASP A 510 10.31 -17.41 -55.20
CA ASP A 510 9.98 -17.26 -56.61
C ASP A 510 11.05 -16.42 -57.28
N PRO A 511 11.88 -17.02 -58.15
CA PRO A 511 13.00 -16.27 -58.75
C PRO A 511 12.56 -15.13 -59.66
N SER A 512 11.25 -14.96 -59.89
CA SER A 512 10.75 -13.79 -60.58
C SER A 512 10.89 -12.53 -59.75
N VAL A 513 11.16 -12.65 -58.46
CA VAL A 513 11.21 -11.52 -57.53
C VAL A 513 12.52 -11.55 -56.76
N ARG A 514 13.25 -10.44 -56.81
CA ARG A 514 14.44 -10.24 -55.97
C ARG A 514 14.39 -8.83 -55.41
N VAL A 515 14.74 -8.69 -54.14
CA VAL A 515 14.65 -7.41 -53.45
C VAL A 515 16.01 -7.06 -52.83
N ILE A 516 16.39 -5.79 -52.95
CA ILE A 516 17.55 -5.24 -52.27
C ILE A 516 17.11 -3.98 -51.52
N GLN A 517 17.88 -3.62 -50.50
CA GLN A 517 17.49 -2.54 -49.62
C GLN A 517 18.72 -1.85 -49.06
N ASN A 518 18.60 -0.56 -48.81
CA ASN A 518 19.66 0.21 -48.19
C ASN A 518 19.04 1.33 -47.35
N GLY A 519 19.76 1.75 -46.32
CA GLY A 519 19.24 2.72 -45.37
C GLY A 519 19.50 4.15 -45.79
N LEU A 520 18.51 5.01 -45.53
CA LEU A 520 18.60 6.41 -45.92
C LEU A 520 19.59 7.15 -45.02
N GLU A 521 19.84 8.41 -45.38
CA GLU A 521 20.71 9.30 -44.61
C GLU A 521 19.92 10.28 -43.75
N ASN A 522 18.97 11.01 -44.35
CA ASN A 522 18.12 11.94 -43.64
C ASN A 522 16.67 11.58 -43.93
N ARG A 523 15.95 11.14 -42.89
CA ARG A 523 14.56 10.73 -43.05
C ARG A 523 13.71 11.83 -43.67
N ASN A 524 14.09 13.09 -43.49
CA ASN A 524 13.36 14.19 -44.12
C ASN A 524 13.38 14.10 -45.63
N ASP A 525 14.49 13.61 -46.21
CA ASP A 525 14.62 13.49 -47.65
C ASP A 525 13.76 12.37 -48.23
N ALA A 526 13.20 11.49 -47.39
CA ALA A 526 12.45 10.34 -47.88
C ALA A 526 11.38 10.76 -48.89
N ALA A 527 10.56 11.75 -48.54
CA ALA A 527 9.54 12.23 -49.46
C ALA A 527 10.16 12.63 -50.80
N LYS A 528 11.36 13.19 -50.77
CA LYS A 528 12.06 13.56 -52.01
C LYS A 528 12.77 12.36 -52.63
N LYS A 529 13.41 11.53 -51.80
CA LYS A 529 14.20 10.42 -52.34
C LYS A 529 13.31 9.34 -52.93
N ILE A 530 12.26 8.97 -52.21
CA ILE A 530 11.31 7.98 -52.73
C ILE A 530 10.68 8.47 -54.03
N ASP A 531 10.43 9.78 -54.11
CA ASP A 531 10.03 10.36 -55.40
C ASP A 531 11.12 10.16 -56.45
N GLU A 532 12.38 10.40 -56.08
CA GLU A 532 13.48 10.18 -57.01
C GLU A 532 13.61 8.69 -57.36
N LEU A 533 13.45 7.81 -56.36
CA LEU A 533 13.59 6.39 -56.63
C LEU A 533 12.43 5.86 -57.46
N ARG A 534 11.20 6.28 -57.14
CA ARG A 534 10.07 5.92 -57.98
C ARG A 534 10.17 6.53 -59.38
N ALA A 535 10.91 7.64 -59.52
CA ALA A 535 11.07 8.28 -60.81
C ALA A 535 12.00 7.52 -61.74
N LEU A 536 12.73 6.55 -61.22
CA LEU A 536 13.65 5.75 -62.04
C LEU A 536 12.88 4.79 -62.94
N GLN A 537 13.28 4.66 -64.20
CA GLN A 537 12.57 3.75 -65.11
C GLN A 537 12.88 2.26 -64.97
N PRO A 538 11.86 1.40 -65.09
CA PRO A 538 11.96 -0.06 -64.96
C PRO A 538 12.70 -0.80 -66.08
N PRO A 539 13.24 -2.00 -65.76
CA PRO A 539 14.01 -2.97 -66.56
C PRO A 539 13.18 -3.70 -67.64
N HIS A 540 13.84 -4.20 -68.67
CA HIS A 540 13.17 -4.84 -69.79
C HIS A 540 11.92 -5.61 -69.41
N GLY A 541 11.94 -6.34 -68.30
CA GLY A 541 10.75 -7.08 -67.93
C GLY A 541 10.03 -6.71 -66.65
N ILE A 542 10.80 -6.58 -65.58
CA ILE A 542 10.30 -6.29 -64.24
C ILE A 542 9.76 -4.90 -63.93
N GLU A 543 8.94 -4.83 -62.88
CA GLU A 543 8.36 -3.59 -62.39
C GLU A 543 8.92 -3.30 -61.01
N VAL A 544 9.45 -2.09 -60.83
CA VAL A 544 10.11 -1.73 -59.58
C VAL A 544 9.06 -1.36 -58.53
N PHE A 545 9.47 -1.42 -57.26
CA PHE A 545 8.63 -1.07 -56.13
C PHE A 545 9.49 -0.47 -55.04
N VAL A 546 9.06 0.65 -54.49
CA VAL A 546 9.77 1.32 -53.41
C VAL A 546 8.97 1.08 -52.13
N GLY A 547 9.57 0.34 -51.21
CA GLY A 547 8.93 -0.02 -49.97
C GLY A 547 9.80 0.35 -48.78
N GLY A 548 9.54 -0.33 -47.66
CA GLY A 548 10.15 0.02 -46.40
C GLY A 548 9.33 1.03 -45.62
N THR A 549 9.64 1.16 -44.33
CA THR A 549 8.85 2.05 -43.48
C THR A 549 8.89 3.52 -43.90
N PRO A 550 10.00 4.08 -44.40
CA PRO A 550 9.90 5.46 -44.91
C PRO A 550 8.87 5.61 -46.01
N ALA A 551 8.95 4.77 -47.06
CA ALA A 551 7.96 4.83 -48.13
C ALA A 551 6.57 4.52 -47.62
N LEU A 552 6.46 3.68 -46.58
CA LEU A 552 5.15 3.38 -46.00
C LEU A 552 4.52 4.62 -45.37
N GLU A 553 5.29 5.33 -44.54
CA GLU A 553 4.77 6.53 -43.89
C GLU A 553 4.64 7.68 -44.89
N GLN A 554 5.67 7.89 -45.72
CA GLN A 554 5.65 8.99 -46.67
C GLN A 554 4.56 8.83 -47.72
N ASP A 555 4.11 7.61 -47.99
CA ASP A 555 2.92 7.43 -48.82
C ASP A 555 1.66 7.69 -48.01
N SER A 556 1.63 7.25 -46.75
CA SER A 556 0.48 7.51 -45.90
C SER A 556 0.38 9.00 -45.57
N ILE A 557 1.52 9.65 -45.35
CA ILE A 557 1.53 11.11 -45.24
C ILE A 557 1.00 11.73 -46.53
N HIS A 558 1.43 11.20 -47.67
CA HIS A 558 1.01 11.73 -48.96
C HIS A 558 -0.47 11.44 -49.21
N SER A 559 -0.91 10.21 -48.93
CA SER A 559 -2.29 9.83 -49.20
C SER A 559 -3.29 10.68 -48.43
N LEU A 560 -2.85 11.32 -47.34
CA LEU A 560 -3.75 12.22 -46.61
C LEU A 560 -3.94 13.53 -47.37
N PHE A 561 -2.85 14.13 -47.85
CA PHE A 561 -2.92 15.45 -48.44
C PHE A 561 -3.67 15.47 -49.77
N ASP A 562 -3.76 14.33 -50.46
CA ASP A 562 -4.47 14.31 -51.74
C ASP A 562 -5.98 14.35 -51.54
N LYS A 563 -6.52 13.45 -50.72
CA LYS A 563 -7.95 13.42 -50.45
C LYS A 563 -8.39 14.49 -49.47
N LEU A 564 -7.45 15.25 -48.89
CA LEU A 564 -7.83 16.24 -47.87
C LEU A 564 -8.65 17.38 -48.45
N PRO A 565 -8.26 18.02 -49.57
CA PRO A 565 -9.14 19.05 -50.14
C PRO A 565 -10.51 18.51 -50.55
N LEU A 566 -10.54 17.34 -51.20
CA LEU A 566 -11.83 16.72 -51.50
C LEU A 566 -12.60 16.39 -50.23
N MET A 567 -11.90 16.01 -49.16
CA MET A 567 -12.56 15.85 -47.87
C MET A 567 -13.03 17.19 -47.33
N ALA A 568 -12.13 18.18 -47.28
CA ALA A 568 -12.49 19.50 -46.80
C ALA A 568 -13.69 20.06 -47.56
N LEU A 569 -13.70 19.89 -48.88
CA LEU A 569 -14.82 20.37 -49.67
C LEU A 569 -16.09 19.62 -49.32
N ILE A 570 -16.05 18.28 -49.40
CA ILE A 570 -17.23 17.48 -49.07
C ILE A 570 -17.69 17.74 -47.64
N LEU A 571 -16.73 17.89 -46.72
CA LEU A 571 -17.08 18.20 -45.34
C LEU A 571 -17.79 19.55 -45.24
N ILE A 572 -17.17 20.59 -45.80
CA ILE A 572 -17.70 21.95 -45.66
C ILE A 572 -19.08 22.05 -46.33
N VAL A 573 -19.20 21.55 -47.56
CA VAL A 573 -20.46 21.74 -48.27
C VAL A 573 -21.58 20.92 -47.65
N THR A 574 -21.27 19.72 -47.13
CA THR A 574 -22.32 18.87 -46.57
C THR A 574 -22.76 19.35 -45.20
N THR A 575 -21.84 19.89 -44.40
CA THR A 575 -22.23 20.47 -43.12
C THR A 575 -23.00 21.76 -43.32
N THR A 576 -22.53 22.62 -44.23
CA THR A 576 -23.20 23.89 -44.48
C THR A 576 -24.60 23.68 -45.03
N VAL A 577 -24.76 22.76 -45.99
CA VAL A 577 -26.07 22.54 -46.59
C VAL A 577 -27.02 21.92 -45.58
N LEU A 578 -26.51 21.17 -44.60
CA LEU A 578 -27.38 20.58 -43.59
C LEU A 578 -27.81 21.61 -42.54
N MET A 579 -26.98 22.63 -42.29
CA MET A 579 -27.34 23.68 -41.35
C MET A 579 -28.38 24.63 -41.93
N PHE A 580 -28.34 24.89 -43.23
CA PHE A 580 -29.39 25.70 -43.85
C PHE A 580 -30.74 25.01 -43.74
N LEU A 581 -30.77 23.71 -44.04
CA LEU A 581 -32.00 22.94 -43.92
C LEU A 581 -32.52 22.96 -42.49
N ALA A 582 -31.61 22.97 -41.51
CA ALA A 582 -32.03 23.01 -40.12
C ALA A 582 -32.57 24.38 -39.73
N PHE A 583 -31.80 25.43 -39.96
CA PHE A 583 -32.20 26.76 -39.50
C PHE A 583 -33.31 27.35 -40.37
N GLY A 584 -33.38 26.96 -41.64
CA GLY A 584 -34.12 27.68 -42.65
C GLY A 584 -33.36 28.86 -43.24
N SER A 585 -32.40 29.41 -42.49
CA SER A 585 -31.55 30.49 -42.96
C SER A 585 -30.43 29.98 -43.86
N VAL A 586 -29.77 30.91 -44.56
CA VAL A 586 -28.65 30.58 -45.44
C VAL A 586 -27.35 31.21 -44.95
N VAL A 587 -27.40 32.45 -44.47
CA VAL A 587 -26.18 33.14 -44.11
C VAL A 587 -25.63 32.65 -42.78
N LEU A 588 -26.49 32.13 -41.89
CA LEU A 588 -25.98 31.55 -40.65
C LEU A 588 -25.10 30.33 -40.90
N PRO A 589 -25.48 29.36 -41.73
CA PRO A 589 -24.54 28.27 -42.06
C PRO A 589 -23.27 28.77 -42.72
N ILE A 590 -23.38 29.72 -43.65
CA ILE A 590 -22.18 30.30 -44.27
C ILE A 590 -21.34 31.02 -43.22
N LYS A 591 -22.01 31.68 -42.27
CA LYS A 591 -21.28 32.32 -41.18
C LYS A 591 -20.71 31.29 -40.20
N ALA A 592 -21.51 30.26 -39.87
CA ALA A 592 -21.04 29.24 -38.94
C ALA A 592 -19.86 28.47 -39.52
N ALA A 593 -19.94 28.10 -40.80
CA ALA A 593 -18.82 27.41 -41.45
C ALA A 593 -17.54 28.24 -41.36
N LEU A 594 -17.65 29.57 -41.39
CA LEU A 594 -16.50 30.41 -41.11
C LEU A 594 -16.03 30.23 -39.68
N MET A 595 -16.94 30.38 -38.71
CA MET A 595 -16.59 30.20 -37.32
C MET A 595 -16.10 28.77 -37.04
N SER A 596 -16.69 27.79 -37.71
CA SER A 596 -16.19 26.43 -37.60
C SER A 596 -14.77 26.34 -38.15
N ALA A 597 -14.54 26.92 -39.33
CA ALA A 597 -13.19 26.96 -39.89
C ALA A 597 -12.28 27.86 -39.06
N LEU A 598 -12.86 28.85 -38.36
CA LEU A 598 -12.07 29.67 -37.45
C LEU A 598 -11.69 28.90 -36.20
N THR A 599 -12.58 28.03 -35.72
CA THR A 599 -12.30 27.26 -34.52
C THR A 599 -11.33 26.12 -34.81
N LEU A 600 -11.60 25.35 -35.88
CA LEU A 600 -10.76 24.20 -36.22
C LEU A 600 -9.33 24.63 -36.48
N GLY A 601 -9.14 25.70 -37.27
CA GLY A 601 -7.81 26.15 -37.59
C GLY A 601 -7.03 26.68 -36.41
N SER A 602 -7.71 27.33 -35.47
CA SER A 602 -7.02 27.86 -34.30
C SER A 602 -6.61 26.74 -33.35
N THR A 603 -7.44 25.71 -33.22
CA THR A 603 -7.13 24.62 -32.29
C THR A 603 -5.89 23.85 -32.72
N MET A 604 -5.81 23.50 -34.01
CA MET A 604 -4.66 22.75 -34.50
C MET A 604 -3.37 23.57 -34.46
N GLY A 605 -3.47 24.90 -34.38
CA GLY A 605 -2.29 25.71 -34.18
C GLY A 605 -1.80 25.70 -32.75
N ILE A 606 -2.71 25.51 -31.79
CA ILE A 606 -2.29 25.32 -30.41
C ILE A 606 -1.67 23.95 -30.23
N LEU A 607 -2.32 22.91 -30.78
CA LEU A 607 -1.79 21.56 -30.69
C LEU A 607 -0.40 21.47 -31.32
N THR A 608 -0.22 22.08 -32.49
CA THR A 608 1.09 22.10 -33.12
C THR A 608 2.11 22.80 -32.23
N TRP A 609 1.68 23.83 -31.50
CA TRP A 609 2.60 24.57 -30.64
C TRP A 609 3.05 23.71 -29.46
N MET A 610 2.10 23.06 -28.79
CA MET A 610 2.40 22.33 -27.57
C MET A 610 2.81 20.87 -27.80
N PHE A 611 2.53 20.31 -28.98
CA PHE A 611 2.86 18.92 -29.25
C PHE A 611 4.02 18.73 -30.22
N VAL A 612 4.27 19.67 -31.12
CA VAL A 612 5.40 19.59 -32.03
C VAL A 612 6.58 20.40 -31.53
N ASP A 613 6.32 21.56 -30.91
CA ASP A 613 7.37 22.34 -30.28
C ASP A 613 7.58 21.99 -28.81
N GLY A 614 6.58 21.37 -28.17
CA GLY A 614 6.75 20.93 -26.80
C GLY A 614 6.51 21.97 -25.75
N HIS A 615 5.73 23.00 -26.05
CA HIS A 615 5.35 23.99 -25.04
C HIS A 615 4.26 23.36 -24.19
N GLY A 616 4.67 22.66 -23.15
CA GLY A 616 3.81 21.79 -22.37
C GLY A 616 4.30 20.36 -22.27
N SER A 617 5.36 20.01 -23.02
CA SER A 617 5.92 18.67 -22.93
C SER A 617 6.52 18.42 -21.55
N GLY A 618 6.96 19.46 -20.86
CA GLY A 618 7.52 19.28 -19.54
C GLY A 618 6.46 19.04 -18.48
N LEU A 619 5.26 19.57 -18.67
CA LEU A 619 4.19 19.43 -17.68
C LEU A 619 3.38 18.15 -17.90
N MET A 620 2.81 17.99 -19.09
CA MET A 620 2.00 16.81 -19.38
C MET A 620 2.82 15.55 -19.56
N ASN A 621 4.15 15.64 -19.48
CA ASN A 621 5.07 14.51 -19.58
C ASN A 621 4.95 13.78 -20.92
N TYR A 622 5.54 14.35 -21.95
CA TYR A 622 5.73 13.65 -23.22
C TYR A 622 6.93 14.27 -23.92
N THR A 623 7.06 14.05 -25.22
CA THR A 623 8.18 14.59 -25.98
C THR A 623 7.65 15.14 -27.29
N PRO A 624 8.02 16.38 -27.64
CA PRO A 624 7.57 16.95 -28.93
C PRO A 624 8.12 16.14 -30.09
N GLN A 625 7.22 15.76 -30.99
CA GLN A 625 7.57 14.87 -32.09
C GLN A 625 6.59 15.10 -33.24
N PRO A 626 6.99 14.80 -34.47
CA PRO A 626 6.07 14.95 -35.60
C PRO A 626 4.80 14.12 -35.40
N LEU A 627 3.65 14.74 -35.64
CA LEU A 627 2.37 14.12 -35.38
C LEU A 627 2.08 13.02 -36.41
N MET A 628 0.97 12.32 -36.18
CA MET A 628 0.56 11.22 -37.03
C MET A 628 -0.30 11.73 -38.17
N ALA A 629 -0.02 11.23 -39.39
CA ALA A 629 -0.68 11.76 -40.57
C ALA A 629 -2.20 11.55 -40.56
N PRO A 630 -2.73 10.34 -40.37
CA PRO A 630 -4.19 10.21 -40.32
C PRO A 630 -4.82 10.91 -39.12
N MET A 631 -4.03 11.26 -38.11
CA MET A 631 -4.59 11.90 -36.91
C MET A 631 -5.11 13.28 -37.22
N ILE A 632 -4.33 14.09 -37.95
CA ILE A 632 -4.79 15.43 -38.29
C ILE A 632 -6.00 15.37 -39.22
N GLY A 633 -6.07 14.35 -40.07
CA GLY A 633 -7.28 14.15 -40.85
C GLY A 633 -8.47 13.78 -39.98
N LEU A 634 -8.24 13.05 -38.89
CA LEU A 634 -9.31 12.71 -37.96
C LEU A 634 -9.78 13.94 -37.20
N ILE A 635 -8.85 14.68 -36.59
CA ILE A 635 -9.23 15.78 -35.72
C ILE A 635 -9.90 16.89 -36.51
N ILE A 636 -9.60 17.01 -37.81
CA ILE A 636 -10.33 17.94 -38.66
C ILE A 636 -11.79 17.55 -38.75
N ALA A 637 -12.06 16.25 -38.94
CA ALA A 637 -13.43 15.77 -39.03
C ALA A 637 -14.18 15.84 -37.71
N VAL A 638 -13.46 15.89 -36.59
CA VAL A 638 -14.09 15.88 -35.27
C VAL A 638 -14.44 17.30 -34.86
N ILE A 639 -13.43 18.18 -34.79
CA ILE A 639 -13.66 19.56 -34.36
C ILE A 639 -14.77 20.20 -35.18
N TRP A 640 -14.78 19.94 -36.49
CA TRP A 640 -15.84 20.48 -37.33
C TRP A 640 -17.20 19.92 -36.91
N GLY A 641 -17.29 18.60 -36.72
CA GLY A 641 -18.54 17.98 -36.31
C GLY A 641 -19.01 18.42 -34.94
N LEU A 642 -18.11 18.91 -34.09
CA LEU A 642 -18.46 19.41 -32.77
C LEU A 642 -18.80 20.90 -32.78
N SER A 643 -17.93 21.71 -33.40
CA SER A 643 -18.23 23.14 -33.53
C SER A 643 -19.55 23.36 -34.25
N THR A 644 -19.79 22.62 -35.33
CA THR A 644 -21.07 22.73 -36.02
C THR A 644 -22.23 22.39 -35.09
N ASP A 645 -22.06 21.35 -34.27
CA ASP A 645 -23.17 20.90 -33.43
C ASP A 645 -23.52 21.92 -32.36
N TYR A 646 -22.51 22.49 -31.69
CA TYR A 646 -22.80 23.47 -30.66
C TYR A 646 -23.34 24.76 -31.25
N GLU A 647 -22.98 25.08 -32.50
CA GLU A 647 -23.62 26.20 -33.17
C GLU A 647 -25.05 25.86 -33.58
N VAL A 648 -25.33 24.60 -33.86
CA VAL A 648 -26.70 24.18 -34.12
C VAL A 648 -27.56 24.39 -32.88
N PHE A 649 -26.97 24.22 -31.69
CA PHE A 649 -27.73 24.41 -30.45
C PHE A 649 -28.03 25.89 -30.21
N LEU A 650 -27.00 26.73 -30.31
CA LEU A 650 -27.17 28.14 -29.98
C LEU A 650 -28.10 28.85 -30.94
N VAL A 651 -28.12 28.44 -32.21
CA VAL A 651 -28.90 29.16 -33.21
C VAL A 651 -30.32 28.60 -33.38
N SER A 652 -30.52 27.31 -33.13
CA SER A 652 -31.85 26.72 -33.32
C SER A 652 -32.89 27.33 -32.39
N ARG A 653 -32.47 27.94 -31.28
CA ARG A 653 -33.40 28.66 -30.43
C ARG A 653 -33.69 30.07 -30.95
N MET A 654 -32.78 30.62 -31.76
CA MET A 654 -32.98 31.95 -32.32
C MET A 654 -33.93 31.92 -33.51
N VAL A 655 -33.83 30.89 -34.36
CA VAL A 655 -34.81 30.72 -35.44
C VAL A 655 -36.19 30.46 -34.86
N GLU A 656 -36.25 29.90 -33.65
CA GLU A 656 -37.54 29.69 -33.00
C GLU A 656 -38.17 31.03 -32.62
N ALA A 657 -37.40 31.92 -32.00
CA ALA A 657 -37.92 33.22 -31.58
C ALA A 657 -38.12 34.14 -32.78
N ARG A 658 -37.25 34.05 -33.78
CA ARG A 658 -37.39 34.90 -34.96
C ARG A 658 -38.67 34.56 -35.73
N GLU A 659 -38.84 33.28 -36.05
CA GLU A 659 -40.04 32.84 -36.76
C GLU A 659 -41.29 32.85 -35.88
N ARG A 660 -41.15 33.24 -34.62
CA ARG A 660 -42.28 33.47 -33.71
C ARG A 660 -42.79 34.90 -33.77
N GLY A 661 -42.15 35.77 -34.54
CA GLY A 661 -42.52 37.16 -34.65
C GLY A 661 -41.60 38.12 -33.95
N MET A 662 -40.74 37.64 -33.06
CA MET A 662 -39.87 38.52 -32.29
C MET A 662 -38.79 39.14 -33.19
N SER A 663 -38.18 40.20 -32.68
CA SER A 663 -37.14 40.89 -33.42
C SER A 663 -35.85 40.06 -33.44
N THR A 664 -34.84 40.57 -34.15
CA THR A 664 -33.59 39.84 -34.27
C THR A 664 -32.86 39.76 -32.92
N ALA A 665 -32.68 40.90 -32.26
CA ALA A 665 -32.07 40.89 -30.93
C ALA A 665 -32.88 40.05 -29.95
N GLU A 666 -34.22 40.06 -30.09
CA GLU A 666 -35.04 39.15 -29.31
C GLU A 666 -34.70 37.70 -29.64
N ALA A 667 -34.51 37.38 -30.92
CA ALA A 667 -34.19 36.02 -31.32
C ALA A 667 -32.83 35.59 -30.78
N ILE A 668 -31.82 36.45 -30.92
CA ILE A 668 -30.50 36.14 -30.37
C ILE A 668 -30.59 35.95 -28.86
N ARG A 669 -31.20 36.92 -28.17
CA ARG A 669 -31.23 36.89 -26.70
C ARG A 669 -32.02 35.70 -26.19
N ILE A 670 -33.15 35.38 -26.83
CA ILE A 670 -33.89 34.17 -26.46
C ILE A 670 -33.03 32.94 -26.69
N GLY A 671 -32.26 32.94 -27.78
CA GLY A 671 -31.44 31.77 -28.09
C GLY A 671 -30.31 31.56 -27.10
N THR A 672 -29.55 32.62 -26.81
CA THR A 672 -28.34 32.46 -26.00
C THR A 672 -28.65 32.28 -24.52
N ALA A 673 -29.64 33.00 -23.99
CA ALA A 673 -29.85 33.00 -22.54
C ALA A 673 -30.65 31.79 -22.07
N THR A 674 -31.57 31.28 -22.89
CA THR A 674 -32.31 30.08 -22.52
C THR A 674 -31.45 28.82 -22.64
N THR A 675 -30.35 28.90 -23.37
CA THR A 675 -29.45 27.77 -23.52
C THR A 675 -28.14 27.94 -22.77
N GLY A 676 -27.88 29.12 -22.20
CA GLY A 676 -26.56 29.41 -21.66
C GLY A 676 -26.14 28.45 -20.57
N ARG A 677 -27.10 27.77 -19.94
CA ARG A 677 -26.80 26.76 -18.95
C ARG A 677 -26.74 25.37 -19.57
N LEU A 678 -27.57 25.10 -20.57
CA LEU A 678 -27.61 23.77 -21.19
C LEU A 678 -26.29 23.43 -21.87
N ILE A 679 -25.81 24.33 -22.74
CA ILE A 679 -24.60 24.05 -23.50
C ILE A 679 -23.38 23.98 -22.60
N THR A 680 -23.33 24.83 -21.57
CA THR A 680 -22.21 24.79 -20.63
C THR A 680 -22.12 23.44 -19.94
N GLY A 681 -23.27 22.85 -19.61
CA GLY A 681 -23.26 21.50 -19.09
C GLY A 681 -22.78 20.50 -20.12
N ALA A 682 -23.32 20.59 -21.35
CA ALA A 682 -22.87 19.72 -22.43
C ALA A 682 -21.38 19.91 -22.70
N ALA A 683 -20.90 21.16 -22.61
CA ALA A 683 -19.46 21.40 -22.74
C ALA A 683 -18.68 20.76 -21.60
N LEU A 684 -19.12 20.98 -20.36
CA LEU A 684 -18.44 20.39 -19.23
C LEU A 684 -18.51 18.86 -19.26
N ILE A 685 -19.65 18.31 -19.67
CA ILE A 685 -19.78 16.85 -19.77
C ILE A 685 -18.71 16.29 -20.70
N LEU A 686 -18.52 16.93 -21.85
CA LEU A 686 -17.43 16.52 -22.74
C LEU A 686 -16.08 16.90 -22.17
N ALA A 687 -15.96 18.11 -21.63
CA ALA A 687 -14.70 18.53 -21.01
C ALA A 687 -14.32 17.63 -19.85
N VAL A 688 -15.28 16.90 -19.28
CA VAL A 688 -14.96 15.88 -18.28
C VAL A 688 -14.40 14.63 -18.95
N VAL A 689 -15.18 14.02 -19.86
CA VAL A 689 -14.74 12.80 -20.50
C VAL A 689 -13.50 13.05 -21.34
N ALA A 690 -13.38 14.24 -21.94
CA ALA A 690 -12.15 14.58 -22.66
C ALA A 690 -11.00 14.77 -21.70
N GLY A 691 -11.26 15.37 -20.53
CA GLY A 691 -10.21 15.56 -19.54
C GLY A 691 -9.62 14.26 -19.06
N ALA A 692 -10.41 13.18 -19.06
CA ALA A 692 -9.91 11.87 -18.67
C ALA A 692 -8.86 11.37 -19.67
N PHE A 693 -9.26 11.22 -20.93
CA PHE A 693 -8.36 10.73 -21.97
C PHE A 693 -7.20 11.67 -22.25
N VAL A 694 -7.25 12.90 -21.71
CA VAL A 694 -6.09 13.76 -21.95
C VAL A 694 -4.87 13.27 -21.18
N PHE A 695 -5.03 12.58 -20.05
CA PHE A 695 -3.89 12.07 -19.28
C PHE A 695 -3.37 10.74 -19.81
N SER A 696 -3.65 10.41 -21.06
CA SER A 696 -3.23 9.12 -21.61
C SER A 696 -1.73 9.08 -21.84
N ASP A 697 -1.13 7.91 -21.63
CA ASP A 697 0.28 7.71 -21.92
C ASP A 697 0.56 7.76 -23.42
N LEU A 698 -0.43 7.46 -24.24
CA LEU A 698 -0.30 7.53 -25.70
C LEU A 698 -0.41 8.99 -26.12
N VAL A 699 0.67 9.54 -26.67
CA VAL A 699 0.72 10.98 -26.96
C VAL A 699 -0.34 11.37 -27.97
N MET A 700 -0.68 10.48 -28.90
CA MET A 700 -1.69 10.82 -29.89
C MET A 700 -3.08 10.87 -29.27
N MET A 701 -3.33 10.08 -28.22
CA MET A 701 -4.57 10.23 -27.48
C MET A 701 -4.59 11.56 -26.73
N LYS A 702 -3.44 11.98 -26.21
CA LYS A 702 -3.33 13.34 -25.68
C LYS A 702 -3.65 14.37 -26.75
N TYR A 703 -3.21 14.12 -27.99
CA TYR A 703 -3.47 15.07 -29.07
C TYR A 703 -4.96 15.20 -29.35
N LEU A 704 -5.64 14.08 -29.58
CA LEU A 704 -7.07 14.13 -29.87
C LEU A 704 -7.86 14.68 -28.70
N ALA A 705 -7.43 14.35 -27.48
CA ALA A 705 -8.19 14.77 -26.30
C ALA A 705 -8.00 16.24 -26.01
N PHE A 706 -6.78 16.76 -26.19
CA PHE A 706 -6.56 18.21 -26.07
C PHE A 706 -7.34 18.97 -27.14
N GLY A 707 -7.23 18.53 -28.40
CA GLY A 707 -7.96 19.18 -29.47
C GLY A 707 -9.46 19.20 -29.23
N LEU A 708 -9.99 18.19 -28.54
CA LEU A 708 -11.37 18.26 -28.10
C LEU A 708 -11.54 19.32 -27.03
N LEU A 709 -10.82 19.18 -25.92
CA LEU A 709 -10.98 20.09 -24.79
C LEU A 709 -10.73 21.55 -25.18
N ILE A 710 -9.82 21.79 -26.12
CA ILE A 710 -9.55 23.16 -26.55
C ILE A 710 -10.72 23.71 -27.35
N ALA A 711 -11.04 23.07 -28.47
CA ALA A 711 -12.09 23.58 -29.34
C ALA A 711 -13.45 23.57 -28.64
N LEU A 712 -13.71 22.54 -27.83
CA LEU A 712 -14.95 22.49 -27.08
C LEU A 712 -15.06 23.66 -26.11
N LEU A 713 -13.93 24.11 -25.56
CA LEU A 713 -13.95 25.29 -24.69
C LEU A 713 -14.26 26.55 -25.48
N LEU A 714 -13.67 26.69 -26.67
CA LEU A 714 -13.89 27.88 -27.48
C LEU A 714 -15.33 27.92 -28.01
N ASP A 715 -15.91 26.77 -28.32
CA ASP A 715 -17.30 26.73 -28.77
C ASP A 715 -18.26 27.13 -27.65
N ALA A 716 -17.94 26.77 -26.40
CA ALA A 716 -18.81 27.09 -25.28
C ALA A 716 -18.66 28.52 -24.79
N THR A 717 -17.52 29.17 -25.07
CA THR A 717 -17.28 30.50 -24.53
C THR A 717 -17.17 31.54 -25.64
N ILE A 718 -16.02 31.58 -26.32
CA ILE A 718 -15.74 32.70 -27.22
C ILE A 718 -16.74 32.76 -28.36
N ILE A 719 -17.19 31.60 -28.85
CA ILE A 719 -18.15 31.60 -29.95
C ILE A 719 -19.56 31.79 -29.42
N ARG A 720 -19.96 30.99 -28.43
CA ARG A 720 -21.34 31.02 -27.96
C ARG A 720 -21.68 32.36 -27.33
N MET A 721 -20.80 32.87 -26.48
CA MET A 721 -21.10 34.08 -25.71
C MET A 721 -20.79 35.35 -26.50
N PHE A 722 -19.69 35.37 -27.25
CA PHE A 722 -19.15 36.60 -27.80
C PHE A 722 -19.32 36.71 -29.31
N LEU A 723 -18.71 35.81 -30.08
CA LEU A 723 -18.58 36.02 -31.52
C LEU A 723 -19.91 35.87 -32.24
N VAL A 724 -20.71 34.88 -31.85
CA VAL A 724 -22.01 34.65 -32.49
C VAL A 724 -22.88 35.89 -32.31
N PRO A 725 -23.11 36.39 -31.08
CA PRO A 725 -23.94 37.59 -30.95
C PRO A 725 -23.33 38.81 -31.62
N ALA A 726 -22.00 38.93 -31.60
CA ALA A 726 -21.36 40.09 -32.23
C ALA A 726 -21.56 40.07 -33.74
N VAL A 727 -21.36 38.92 -34.37
CA VAL A 727 -21.48 38.83 -35.82
C VAL A 727 -22.94 38.77 -36.25
N MET A 728 -23.78 38.10 -35.47
CA MET A 728 -25.19 37.99 -35.84
C MET A 728 -25.87 39.35 -35.89
N LYS A 729 -25.58 40.22 -34.92
CA LYS A 729 -26.23 41.52 -34.91
C LYS A 729 -25.81 42.38 -36.09
N LEU A 730 -24.55 42.26 -36.52
CA LEU A 730 -24.11 42.98 -37.72
C LEU A 730 -24.88 42.52 -38.95
N LEU A 731 -25.38 41.29 -38.95
CA LEU A 731 -26.27 40.84 -40.01
C LEU A 731 -27.68 41.42 -39.83
N GLY A 732 -28.15 41.47 -38.58
CA GLY A 732 -29.46 42.07 -38.32
C GLY A 732 -30.57 41.15 -38.79
N ASP A 733 -31.49 41.72 -39.58
CA ASP A 733 -32.58 40.94 -40.15
C ASP A 733 -32.11 39.96 -41.21
N ASP A 734 -30.87 40.10 -41.69
CA ASP A 734 -30.35 39.21 -42.72
C ASP A 734 -30.12 37.79 -42.22
N CYS A 735 -30.04 37.61 -40.90
CA CYS A 735 -29.69 36.30 -40.34
C CYS A 735 -30.58 35.19 -40.87
N TRP A 736 -31.81 35.51 -41.27
CA TRP A 736 -32.82 34.50 -41.57
C TRP A 736 -33.21 34.48 -43.04
N TRP A 737 -32.38 35.04 -43.91
CA TRP A 737 -32.71 35.08 -45.33
C TRP A 737 -32.66 33.69 -45.94
N ALA A 738 -33.50 33.46 -46.93
CA ALA A 738 -33.60 32.17 -47.60
C ALA A 738 -34.40 32.29 -48.89
N PRO A 739 -33.81 31.92 -50.03
CA PRO A 739 -34.60 31.86 -51.27
C PRO A 739 -35.76 30.90 -51.13
N ARG A 740 -36.88 31.24 -51.76
CA ARG A 740 -38.10 30.44 -51.60
C ARG A 740 -37.91 29.02 -52.14
N TRP A 741 -37.20 28.89 -53.26
CA TRP A 741 -36.91 27.55 -53.78
C TRP A 741 -36.06 26.77 -52.79
N MET A 742 -35.08 27.43 -52.17
CA MET A 742 -34.30 26.78 -51.13
C MET A 742 -35.18 26.42 -49.94
N LYS A 743 -36.07 27.33 -49.55
CA LYS A 743 -36.99 27.05 -48.45
C LYS A 743 -37.96 25.92 -48.82
N ARG A 744 -38.67 26.08 -49.95
CA ARG A 744 -39.67 25.08 -50.33
C ARG A 744 -39.08 23.68 -50.45
N VAL A 745 -37.79 23.59 -50.79
CA VAL A 745 -37.10 22.31 -50.69
C VAL A 745 -37.17 21.79 -49.26
N GLN A 746 -36.70 22.60 -48.31
CA GLN A 746 -36.79 22.23 -46.89
C GLN A 746 -38.23 22.03 -46.46
N GLU A 747 -39.17 22.79 -47.03
CA GLU A 747 -40.53 22.83 -46.50
C GLU A 747 -41.36 21.65 -46.95
N LYS A 748 -41.27 21.25 -48.22
CA LYS A 748 -42.05 20.11 -48.70
C LYS A 748 -41.29 18.79 -48.61
N LEU A 749 -40.02 18.82 -48.23
CA LEU A 749 -39.30 17.58 -47.94
C LEU A 749 -39.71 16.98 -46.60
N GLY A 750 -40.68 17.59 -45.92
CA GLY A 750 -41.07 17.16 -44.59
C GLY A 750 -40.27 17.76 -43.47
N LEU A 751 -39.45 18.79 -43.74
CA LEU A 751 -38.50 19.31 -42.77
C LEU A 751 -38.59 20.83 -42.62
N GLY A 752 -39.55 21.48 -43.26
CA GLY A 752 -39.67 22.92 -43.18
C GLY A 752 -40.50 23.40 -42.00
N GLU A 753 -40.61 22.56 -40.98
CA GLU A 753 -41.31 22.91 -39.75
C GLU A 753 -40.58 24.04 -39.04
N THR A 754 -40.88 25.28 -39.42
CA THR A 754 -40.08 26.42 -38.96
C THR A 754 -40.23 26.64 -37.46
N GLU A 755 -41.45 26.87 -36.99
CA GLU A 755 -41.69 27.11 -35.58
C GLU A 755 -42.98 26.42 -35.14
N LEU A 756 -43.23 26.44 -33.83
CA LEU A 756 -44.36 25.75 -33.25
C LEU A 756 -45.67 26.45 -33.56
N MET B 1 26.87 -9.50 -0.14
CA MET B 1 26.58 -8.56 0.93
C MET B 1 27.24 -9.00 2.23
N PHE B 2 26.85 -10.18 2.72
CA PHE B 2 27.49 -10.75 3.90
C PHE B 2 28.94 -11.13 3.60
N ALA B 3 29.19 -11.60 2.39
CA ALA B 3 30.57 -11.88 1.98
C ALA B 3 31.42 -10.63 2.06
N TRP B 4 30.85 -9.49 1.65
CA TRP B 4 31.59 -8.22 1.71
C TRP B 4 31.95 -7.87 3.16
N TRP B 5 30.99 -7.99 4.08
CA TRP B 5 31.30 -7.70 5.47
C TRP B 5 32.24 -8.75 6.07
N GLY B 6 32.12 -10.00 5.63
CA GLY B 6 33.04 -11.02 6.09
C GLY B 6 34.49 -10.72 5.75
N ARG B 7 34.71 -10.01 4.65
CA ARG B 7 36.07 -9.62 4.29
C ARG B 7 36.53 -8.38 5.06
N THR B 8 35.65 -7.38 5.22
CA THR B 8 36.06 -6.10 5.78
C THR B 8 36.47 -6.22 7.24
N VAL B 9 35.80 -7.09 8.00
CA VAL B 9 36.08 -7.22 9.43
C VAL B 9 37.47 -7.75 9.67
N TYR B 10 38.02 -8.53 8.73
CA TYR B 10 39.28 -9.21 8.99
C TYR B 10 40.50 -8.29 8.85
N GLN B 11 40.43 -7.25 8.02
CA GLN B 11 41.58 -6.35 7.91
C GLN B 11 41.52 -5.23 8.94
N PHE B 12 40.33 -4.69 9.19
CA PHE B 12 40.15 -3.67 10.22
C PHE B 12 39.80 -4.27 11.57
N ARG B 13 40.26 -5.50 11.83
CA ARG B 13 39.90 -6.22 13.04
C ARG B 13 40.45 -5.56 14.30
N TYR B 14 41.64 -4.95 14.21
CA TYR B 14 42.22 -4.30 15.37
C TYR B 14 41.37 -3.12 15.82
N ILE B 15 41.02 -2.24 14.89
CA ILE B 15 40.30 -1.02 15.27
C ILE B 15 38.89 -1.35 15.74
N VAL B 16 38.24 -2.35 15.13
CA VAL B 16 36.87 -2.67 15.53
C VAL B 16 36.81 -3.47 16.82
N ILE B 17 37.93 -4.00 17.30
CA ILE B 17 37.98 -4.54 18.65
C ILE B 17 38.11 -3.42 19.67
N GLY B 18 39.14 -2.58 19.51
CA GLY B 18 39.34 -1.48 20.43
C GLY B 18 38.17 -0.52 20.46
N VAL B 19 37.62 -0.20 19.29
CA VAL B 19 36.51 0.76 19.22
C VAL B 19 35.26 0.17 19.86
N MET B 20 34.86 -1.03 19.44
CA MET B 20 33.59 -1.58 19.90
C MET B 20 33.65 -1.96 21.38
N VAL B 21 34.77 -2.54 21.83
CA VAL B 21 34.91 -2.84 23.25
C VAL B 21 34.95 -1.55 24.05
N ALA B 22 35.46 -0.46 23.46
CA ALA B 22 35.44 0.83 24.15
C ALA B 22 34.02 1.33 24.34
N LEU B 23 33.18 1.24 23.30
CA LEU B 23 31.82 1.77 23.38
C LEU B 23 30.99 1.01 24.40
N CYS B 24 31.05 -0.32 24.36
CA CYS B 24 30.32 -1.11 25.35
C CYS B 24 30.88 -0.91 26.76
N LEU B 25 32.19 -0.73 26.87
CA LEU B 25 32.75 -0.29 28.14
C LEU B 25 32.34 1.14 28.45
N GLY B 26 32.21 1.98 27.42
CA GLY B 26 31.76 3.35 27.60
C GLY B 26 30.34 3.43 28.11
N GLY B 27 29.40 2.83 27.38
CA GLY B 27 28.02 2.80 27.82
C GLY B 27 27.82 2.11 29.15
N GLY B 28 28.82 1.34 29.62
CA GLY B 28 28.71 0.68 30.89
C GLY B 28 28.62 1.65 32.05
N VAL B 29 29.52 2.64 32.08
CA VAL B 29 29.50 3.61 33.16
C VAL B 29 28.29 4.52 33.04
N TYR B 30 27.84 4.81 31.82
CA TYR B 30 26.65 5.62 31.63
C TYR B 30 25.39 4.88 32.05
N GLY B 31 25.41 3.55 32.01
CA GLY B 31 24.25 2.76 32.35
C GLY B 31 24.14 2.43 33.82
N ILE B 32 25.25 2.55 34.56
CA ILE B 32 25.22 2.28 35.99
C ILE B 32 24.26 3.24 36.68
N SER B 33 24.22 4.49 36.23
CA SER B 33 23.39 5.52 36.84
C SER B 33 21.96 5.39 36.34
N LEU B 34 21.48 4.16 36.16
CA LEU B 34 20.11 3.94 35.70
C LEU B 34 19.14 3.90 36.87
N GLY B 35 19.35 2.98 37.82
CA GLY B 35 18.44 2.81 38.94
C GLY B 35 18.06 4.09 39.66
N ASN B 36 18.91 5.10 39.57
CA ASN B 36 18.63 6.42 40.12
C ASN B 36 17.85 7.30 39.17
N HIS B 37 17.35 6.75 38.07
CA HIS B 37 16.63 7.54 37.07
C HIS B 37 15.53 6.72 36.41
N VAL B 38 14.85 5.88 37.20
CA VAL B 38 13.81 4.99 36.69
C VAL B 38 12.48 5.38 37.30
N THR B 39 11.39 5.05 36.59
CA THR B 39 10.04 5.27 37.06
C THR B 39 9.32 3.93 37.23
N GLN B 40 8.10 3.99 37.77
CA GLN B 40 7.30 2.80 38.01
C GLN B 40 5.88 2.93 37.46
N SER B 41 5.58 4.00 36.76
CA SER B 41 4.22 4.29 36.32
C SER B 41 3.93 3.66 34.95
N GLY B 42 2.76 3.07 34.83
CA GLY B 42 2.31 2.43 33.60
C GLY B 42 1.02 1.69 33.81
N PHE B 43 0.85 0.56 33.13
CA PHE B 43 -0.22 -0.41 33.32
C PHE B 43 -1.60 0.11 32.98
N TYR B 44 -1.75 1.36 32.55
CA TYR B 44 -3.07 1.94 32.34
C TYR B 44 -3.13 2.67 31.00
N ASP B 45 -4.23 2.45 30.28
CA ASP B 45 -4.50 3.14 29.01
C ASP B 45 -4.60 4.64 29.25
N GLU B 46 -3.53 5.37 28.91
CA GLU B 46 -3.48 6.80 29.18
C GLU B 46 -4.60 7.56 28.48
N GLY B 47 -4.77 7.33 27.18
CA GLY B 47 -5.77 8.07 26.42
C GLY B 47 -7.17 7.50 26.50
N SER B 48 -7.55 6.99 27.67
CA SER B 48 -8.86 6.40 27.88
C SER B 48 -9.71 7.28 28.78
N GLN B 49 -10.98 6.90 28.90
CA GLN B 49 -11.93 7.71 29.65
C GLN B 49 -11.71 7.61 31.16
N SER B 50 -11.33 6.43 31.64
CA SER B 50 -11.22 6.23 33.08
C SER B 50 -9.98 6.89 33.68
N VAL B 51 -8.90 7.01 32.92
CA VAL B 51 -7.70 7.66 33.44
C VAL B 51 -7.88 9.17 33.47
N ALA B 52 -8.61 9.73 32.51
CA ALA B 52 -8.89 11.17 32.55
C ALA B 52 -9.78 11.52 33.74
N ALA B 53 -10.68 10.62 34.12
CA ALA B 53 -11.51 10.86 35.30
C ALA B 53 -10.67 10.92 36.57
N SER B 54 -9.63 10.09 36.65
CA SER B 54 -8.69 10.15 37.76
C SER B 54 -7.70 11.29 37.61
N LEU B 55 -7.54 11.84 36.41
CA LEU B 55 -6.67 12.99 36.21
C LEU B 55 -7.29 14.27 36.73
N ILE B 56 -8.63 14.38 36.66
CA ILE B 56 -9.30 15.62 37.03
C ILE B 56 -9.40 15.77 38.54
N GLY B 57 -9.74 14.69 39.25
CA GLY B 57 -10.08 14.81 40.66
C GLY B 57 -8.95 15.28 41.54
N ASP B 58 -7.70 14.97 41.18
CA ASP B 58 -6.58 15.30 42.05
C ASP B 58 -6.31 16.80 42.08
N GLU B 59 -6.52 17.50 40.97
CA GLU B 59 -6.33 18.95 40.95
C GLU B 59 -7.43 19.68 41.72
N VAL B 60 -8.58 19.05 41.91
CA VAL B 60 -9.75 19.70 42.49
C VAL B 60 -9.87 19.42 43.98
N TYR B 61 -9.70 18.17 44.39
CA TYR B 61 -9.80 17.82 45.80
C TYR B 61 -8.44 17.62 46.46
N GLY B 62 -7.36 17.79 45.72
CA GLY B 62 -6.03 17.68 46.30
C GLY B 62 -5.48 16.27 46.24
N ARG B 63 -4.16 16.18 46.14
CA ARG B 63 -3.48 14.89 46.18
C ARG B 63 -3.63 14.26 47.55
N ASP B 64 -4.01 12.99 47.59
CA ASP B 64 -4.19 12.27 48.84
C ASP B 64 -2.87 11.66 49.28
N ARG B 65 -2.38 12.09 50.44
CA ARG B 65 -1.09 11.64 50.97
C ARG B 65 -1.24 10.83 52.25
N THR B 66 -2.44 10.34 52.54
CA THR B 66 -2.67 9.60 53.78
C THR B 66 -2.11 8.18 53.70
N SER B 67 -2.41 7.47 52.62
CA SER B 67 -2.02 6.08 52.46
C SER B 67 -0.57 5.91 52.00
N HIS B 68 0.26 6.95 52.10
CA HIS B 68 1.68 6.80 51.81
C HIS B 68 2.29 5.70 52.66
N VAL B 69 2.21 5.85 53.98
CA VAL B 69 2.71 4.88 54.94
C VAL B 69 1.71 4.79 56.08
N VAL B 70 1.30 3.57 56.43
CA VAL B 70 0.56 3.34 57.67
C VAL B 70 1.44 2.49 58.58
N ALA B 71 1.33 2.74 59.89
CA ALA B 71 2.26 2.16 60.85
C ALA B 71 1.48 1.67 62.07
N ILE B 72 1.17 0.37 62.07
CA ILE B 72 0.50 -0.23 63.22
C ILE B 72 1.49 -0.33 64.38
N LEU B 73 1.09 0.17 65.55
CA LEU B 73 1.95 0.21 66.72
C LEU B 73 1.36 -0.65 67.84
N THR B 74 2.25 -1.20 68.67
CA THR B 74 1.85 -2.09 69.74
C THR B 74 2.78 -1.85 70.93
N PRO B 75 2.22 -1.65 72.13
CA PRO B 75 3.06 -1.31 73.29
C PRO B 75 3.71 -2.55 73.88
N PRO B 76 4.81 -2.37 74.61
CA PRO B 76 5.55 -3.51 75.16
C PRO B 76 5.04 -3.95 76.53
N ASP B 77 5.59 -5.09 76.98
CA ASP B 77 5.27 -5.66 78.31
C ASP B 77 3.76 -5.82 78.50
N ASP B 78 3.05 -6.09 77.42
CA ASP B 78 1.59 -6.21 77.38
C ASP B 78 0.87 -4.97 77.90
N LYS B 79 1.58 -3.85 78.05
CA LYS B 79 0.93 -2.62 78.46
C LYS B 79 -0.03 -2.14 77.39
N LYS B 80 -1.07 -1.43 77.82
CA LYS B 80 -2.08 -0.97 76.89
C LYS B 80 -1.59 0.28 76.14
N VAL B 81 -2.38 0.68 75.14
CA VAL B 81 -2.05 1.86 74.34
C VAL B 81 -2.39 3.16 75.03
N THR B 82 -2.85 3.12 76.28
CA THR B 82 -3.19 4.32 77.04
C THR B 82 -2.15 4.64 78.11
N ASP B 83 -1.02 3.93 78.12
CA ASP B 83 0.06 4.24 79.05
C ASP B 83 0.65 5.60 78.68
N LYS B 84 0.67 6.52 79.66
CA LYS B 84 1.09 7.88 79.37
C LYS B 84 2.59 7.95 79.07
N ALA B 85 3.40 7.25 79.85
CA ALA B 85 4.84 7.30 79.64
C ALA B 85 5.25 6.69 78.31
N TRP B 86 4.45 5.76 77.78
CA TRP B 86 4.76 5.14 76.49
C TRP B 86 4.47 6.09 75.34
N GLN B 87 3.34 6.79 75.38
CA GLN B 87 2.96 7.69 74.30
C GLN B 87 3.90 8.89 74.18
N LYS B 88 4.61 9.25 75.26
CA LYS B 88 5.56 10.35 75.19
C LYS B 88 6.80 9.95 74.41
N LYS B 89 7.26 8.70 74.57
CA LYS B 89 8.52 8.29 73.97
C LYS B 89 8.42 8.16 72.46
N VAL B 90 7.24 7.80 71.95
CA VAL B 90 7.10 7.62 70.50
C VAL B 90 6.97 8.96 69.79
N THR B 91 6.27 9.92 70.40
CA THR B 91 6.06 11.21 69.74
C THR B 91 7.33 12.03 69.70
N GLU B 92 8.12 12.00 70.77
CA GLU B 92 9.42 12.67 70.75
C GLU B 92 10.38 12.02 69.79
N GLU B 93 10.19 10.74 69.47
CA GLU B 93 11.03 10.07 68.48
C GLU B 93 10.60 10.41 67.07
N LEU B 94 9.29 10.39 66.79
CA LEU B 94 8.81 10.72 65.46
C LEU B 94 9.16 12.14 65.06
N ASP B 95 9.35 13.03 66.04
CA ASP B 95 9.74 14.40 65.73
C ASP B 95 11.15 14.46 65.16
N GLN B 96 12.11 13.82 65.83
CA GLN B 96 13.50 13.92 65.42
C GLN B 96 13.72 13.45 63.99
N VAL B 97 12.95 12.46 63.53
CA VAL B 97 13.09 12.01 62.15
C VAL B 97 12.40 12.97 61.18
N VAL B 98 11.28 13.56 61.60
CA VAL B 98 10.67 14.61 60.79
C VAL B 98 11.49 15.88 60.87
N LYS B 99 12.10 16.15 62.03
CA LYS B 99 13.01 17.27 62.15
C LYS B 99 14.22 17.10 61.24
N ASP B 100 14.76 15.88 61.17
CA ASP B 100 15.93 15.62 60.35
C ASP B 100 15.58 15.41 58.87
N HIS B 101 14.32 15.08 58.57
CA HIS B 101 13.88 14.83 57.19
C HIS B 101 12.67 15.71 56.89
N GLU B 102 12.90 17.03 56.84
CA GLU B 102 11.85 17.92 56.38
C GLU B 102 11.75 17.89 54.87
N ASP B 103 12.88 17.74 54.18
CA ASP B 103 12.85 17.63 52.72
C ASP B 103 12.16 16.35 52.27
N GLN B 104 12.20 15.31 53.10
CA GLN B 104 11.64 14.00 52.74
C GLN B 104 10.25 13.76 53.29
N ILE B 105 9.92 14.30 54.46
CA ILE B 105 8.66 14.02 55.13
C ILE B 105 7.87 15.31 55.31
N VAL B 106 6.57 15.22 55.08
CA VAL B 106 5.66 16.32 55.42
C VAL B 106 5.43 16.37 56.93
N GLY B 107 5.03 15.25 57.51
CA GLY B 107 4.72 15.14 58.92
C GLY B 107 3.73 14.02 59.14
N TRP B 108 3.71 13.51 60.37
CA TRP B 108 2.88 12.36 60.71
C TRP B 108 1.60 12.79 61.41
N VAL B 109 0.58 11.95 61.28
CA VAL B 109 -0.78 12.26 61.74
C VAL B 109 -1.43 10.96 62.23
N GLY B 110 -2.15 11.04 63.33
CA GLY B 110 -2.85 9.87 63.82
C GLY B 110 -3.65 10.16 65.07
N TRP B 111 -4.24 9.09 65.61
CA TRP B 111 -5.01 9.17 66.85
C TRP B 111 -4.13 9.51 68.04
N LEU B 112 -2.83 9.23 67.97
CA LEU B 112 -1.89 9.63 69.00
C LEU B 112 -1.61 11.13 69.02
N LYS B 113 -2.37 11.92 68.27
CA LYS B 113 -2.22 13.37 68.23
C LYS B 113 -3.39 14.11 68.87
N ALA B 114 -4.61 13.61 68.70
CA ALA B 114 -5.80 14.15 69.36
C ALA B 114 -6.51 13.01 70.07
N PRO B 115 -5.97 12.55 71.21
CA PRO B 115 -6.56 11.39 71.89
C PRO B 115 -7.96 11.64 72.43
N ASP B 116 -8.14 12.75 73.16
CA ASP B 116 -9.46 13.12 73.68
C ASP B 116 -10.24 13.83 72.57
N THR B 117 -10.71 13.02 71.62
CA THR B 117 -11.33 13.52 70.40
C THR B 117 -12.82 13.22 70.39
N THR B 118 -13.61 14.19 69.90
CA THR B 118 -15.01 13.95 69.61
C THR B 118 -15.20 13.17 68.32
N ASP B 119 -14.20 13.17 67.45
CA ASP B 119 -14.35 12.60 66.12
C ASP B 119 -14.48 11.08 66.20
N PRO B 120 -15.50 10.48 65.56
CA PRO B 120 -15.62 9.02 65.57
C PRO B 120 -14.70 8.35 64.56
N THR B 121 -14.35 9.08 63.50
CA THR B 121 -13.45 8.52 62.48
C THR B 121 -12.07 8.26 63.06
N VAL B 122 -11.54 9.21 63.84
CA VAL B 122 -10.23 9.02 64.45
C VAL B 122 -10.30 7.95 65.54
N SER B 123 -11.48 7.74 66.13
CA SER B 123 -11.65 6.74 67.17
C SER B 123 -11.58 5.31 66.64
N ALA B 124 -11.69 5.11 65.33
CA ALA B 124 -11.57 3.78 64.73
C ALA B 124 -10.13 3.39 64.46
N MET B 125 -9.17 4.29 64.71
CA MET B 125 -7.76 4.02 64.52
C MET B 125 -7.12 3.34 65.73
N LYS B 126 -7.92 2.97 66.72
CA LYS B 126 -7.48 2.14 67.83
C LYS B 126 -8.26 0.84 67.79
N THR B 127 -7.66 -0.23 68.33
CA THR B 127 -8.32 -1.51 68.33
C THR B 127 -9.47 -1.53 69.34
N GLN B 128 -10.46 -2.37 69.07
CA GLN B 128 -11.59 -2.47 69.98
C GLN B 128 -11.15 -2.94 71.36
N ASP B 129 -10.21 -3.88 71.42
CA ASP B 129 -9.64 -4.33 72.69
C ASP B 129 -8.39 -3.54 73.07
N LEU B 130 -8.15 -2.40 72.42
CA LEU B 130 -7.14 -1.43 72.84
C LEU B 130 -5.72 -2.00 72.84
N ARG B 131 -5.45 -2.95 71.94
CA ARG B 131 -4.12 -3.55 71.88
C ARG B 131 -3.20 -2.85 70.89
N HIS B 132 -3.74 -2.34 69.78
CA HIS B 132 -2.91 -1.71 68.76
C HIS B 132 -3.59 -0.44 68.25
N THR B 133 -2.76 0.43 67.67
CA THR B 133 -3.23 1.61 66.96
C THR B 133 -2.24 1.92 65.85
N PHE B 134 -2.71 2.57 64.80
CA PHE B 134 -1.87 2.88 63.65
C PHE B 134 -1.92 4.37 63.33
N ILE B 135 -0.97 4.82 62.52
CA ILE B 135 -0.84 6.22 62.12
C ILE B 135 -0.55 6.27 60.63
N SER B 136 -0.51 7.48 60.08
CA SER B 136 -0.20 7.72 58.69
C SER B 136 0.90 8.77 58.58
N ILE B 137 1.77 8.62 57.58
CA ILE B 137 2.90 9.52 57.41
C ILE B 137 2.99 9.97 55.96
N PRO B 138 2.44 11.14 55.61
CA PRO B 138 2.66 11.69 54.26
C PRO B 138 4.11 12.05 54.03
N LEU B 139 4.53 11.95 52.77
CA LEU B 139 5.90 12.23 52.36
C LEU B 139 5.91 13.32 51.30
N GLN B 140 7.01 14.08 51.28
CA GLN B 140 7.16 15.15 50.30
C GLN B 140 7.49 14.56 48.93
N GLY B 141 6.70 14.92 47.93
CA GLY B 141 6.93 14.43 46.58
C GLY B 141 5.85 14.85 45.60
N ASP B 142 6.23 15.05 44.34
CA ASP B 142 5.30 15.45 43.30
C ASP B 142 4.84 14.30 42.42
N ASP B 143 5.65 13.26 42.25
CA ASP B 143 5.27 12.05 41.55
C ASP B 143 5.57 10.84 42.43
N ASP B 144 5.07 9.68 42.00
CA ASP B 144 5.19 8.47 42.81
C ASP B 144 6.64 8.07 43.03
N ASP B 145 7.52 8.32 42.05
CA ASP B 145 8.91 7.94 42.21
C ASP B 145 9.63 8.86 43.18
N GLU B 146 9.34 10.17 43.12
CA GLU B 146 9.95 11.11 44.05
C GLU B 146 9.51 10.83 45.48
N ILE B 147 8.28 10.34 45.66
CA ILE B 147 7.81 9.97 46.98
C ILE B 147 8.56 8.74 47.50
N LEU B 148 8.66 7.71 46.67
CA LEU B 148 9.28 6.46 47.10
C LEU B 148 10.76 6.64 47.40
N LYS B 149 11.47 7.40 46.56
CA LYS B 149 12.89 7.62 46.81
C LYS B 149 13.12 8.40 48.10
N ASN B 150 12.17 9.28 48.47
CA ASN B 150 12.23 9.91 49.77
C ASN B 150 11.99 8.91 50.89
N TYR B 151 10.96 8.07 50.73
CA TYR B 151 10.66 7.05 51.73
C TYR B 151 11.87 6.16 51.99
N GLN B 152 12.59 5.78 50.94
CA GLN B 152 13.78 4.95 51.09
C GLN B 152 14.92 5.68 51.79
N VAL B 153 14.78 6.98 52.03
CA VAL B 153 15.74 7.68 52.89
C VAL B 153 15.29 7.67 54.35
N VAL B 154 13.97 7.66 54.59
CA VAL B 154 13.44 7.71 55.94
C VAL B 154 12.95 6.36 56.45
N GLU B 155 12.83 5.37 55.57
CA GLU B 155 12.49 4.02 56.02
C GLU B 155 13.51 3.43 57.00
N PRO B 156 14.82 3.63 56.84
CA PRO B 156 15.75 3.10 57.87
C PRO B 156 15.52 3.66 59.26
N GLU B 157 15.20 4.96 59.36
CA GLU B 157 14.98 5.56 60.67
C GLU B 157 13.57 5.33 61.20
N LEU B 158 12.60 5.10 60.31
CA LEU B 158 11.23 4.94 60.75
C LEU B 158 11.02 3.63 61.50
N GLN B 159 11.72 2.57 61.09
CA GLN B 159 11.57 1.28 61.76
C GLN B 159 12.18 1.28 63.16
N GLN B 160 13.06 2.24 63.46
CA GLN B 160 13.72 2.30 64.76
C GLN B 160 12.82 2.85 65.86
N VAL B 161 11.64 3.36 65.54
CA VAL B 161 10.76 3.92 66.56
C VAL B 161 9.98 2.81 67.25
N ASN B 162 9.49 3.15 68.44
CA ASN B 162 8.79 2.21 69.30
C ASN B 162 9.71 1.05 69.47
N GLY B 163 10.94 1.36 69.85
CA GLY B 163 11.97 0.35 70.00
C GLY B 163 12.15 -0.21 68.61
N GLY B 164 12.20 -1.52 68.48
CA GLY B 164 12.37 -2.11 67.17
C GLY B 164 11.06 -2.54 66.56
N ASP B 165 9.96 -2.27 67.24
CA ASP B 165 8.67 -2.77 66.79
C ASP B 165 7.69 -1.83 66.15
N ILE B 166 7.44 -2.03 64.86
CA ILE B 166 6.44 -1.30 64.12
C ILE B 166 6.09 -2.07 62.85
N ARG B 167 4.83 -2.08 62.45
CA ARG B 167 4.42 -2.76 61.22
C ARG B 167 4.11 -1.71 60.16
N LEU B 168 5.08 -1.46 59.28
CA LEU B 168 4.90 -0.48 58.20
C LEU B 168 4.13 -1.14 57.06
N ALA B 169 2.87 -0.72 56.90
CA ALA B 169 2.08 -1.18 55.77
C ALA B 169 1.69 0.02 54.91
N GLY B 170 0.71 -0.16 54.03
CA GLY B 170 0.29 0.90 53.14
C GLY B 170 0.93 0.78 51.76
N LEU B 171 0.98 1.92 51.06
CA LEU B 171 1.46 1.95 49.68
C LEU B 171 2.98 1.82 49.60
N ASN B 172 3.69 2.87 49.98
CA ASN B 172 5.13 2.92 49.78
C ASN B 172 5.89 1.74 50.38
N PRO B 173 5.56 1.22 51.57
CA PRO B 173 6.25 0.00 52.04
C PRO B 173 6.09 -1.18 51.09
N LEU B 174 4.91 -1.34 50.48
CA LEU B 174 4.71 -2.42 49.51
C LEU B 174 5.48 -2.13 48.22
N ALA B 175 5.51 -0.87 47.79
CA ALA B 175 6.21 -0.52 46.56
C ALA B 175 7.70 -0.83 46.68
N SER B 176 8.34 -0.36 47.75
CA SER B 176 9.76 -0.63 47.97
C SER B 176 10.05 -2.11 48.15
N GLU B 177 9.03 -2.94 48.40
CA GLU B 177 9.21 -4.39 48.47
C GLU B 177 8.90 -5.09 47.16
N LEU B 178 7.99 -4.54 46.35
CA LEU B 178 7.80 -5.06 45.00
C LEU B 178 9.00 -4.71 44.12
N THR B 179 9.36 -3.43 44.07
CA THR B 179 10.57 -3.03 43.36
C THR B 179 11.84 -3.53 44.05
N GLY B 180 11.74 -3.93 45.32
CA GLY B 180 12.87 -4.55 46.00
C GLY B 180 13.22 -5.91 45.45
N THR B 181 12.26 -6.58 44.79
CA THR B 181 12.56 -7.86 44.15
C THR B 181 13.53 -7.69 42.98
N ILE B 182 13.49 -6.53 42.31
CA ILE B 182 14.35 -6.29 41.16
C ILE B 182 15.82 -6.47 41.55
N GLY B 183 16.26 -5.76 42.58
CA GLY B 183 17.63 -5.88 43.03
C GLY B 183 17.98 -7.23 43.62
N GLU B 184 16.98 -8.00 44.07
CA GLU B 184 17.24 -9.32 44.62
C GLU B 184 17.47 -10.35 43.52
N ASP B 185 16.70 -10.29 42.43
CA ASP B 185 16.93 -11.21 41.33
C ASP B 185 18.20 -10.87 40.57
N GLN B 186 18.59 -9.59 40.53
CA GLN B 186 19.80 -9.20 39.83
C GLN B 186 21.02 -9.86 40.45
N LYS B 187 21.16 -9.79 41.77
CA LYS B 187 22.29 -10.40 42.45
C LYS B 187 22.09 -11.89 42.67
N ARG B 188 20.90 -12.43 42.40
CA ARG B 188 20.74 -13.89 42.39
C ARG B 188 21.44 -14.50 41.20
N ALA B 189 21.17 -13.99 40.00
CA ALA B 189 21.86 -14.45 38.80
C ALA B 189 23.35 -14.11 38.83
N GLU B 190 23.77 -13.17 39.66
CA GLU B 190 25.18 -12.83 39.76
C GLU B 190 26.01 -13.95 40.38
N VAL B 191 25.40 -14.85 41.14
CA VAL B 191 26.14 -15.87 41.87
C VAL B 191 25.47 -17.23 41.74
N ALA B 192 24.44 -17.33 40.90
CA ALA B 192 23.76 -18.60 40.72
C ALA B 192 23.62 -18.96 39.24
N ALA B 193 23.22 -17.99 38.42
CA ALA B 193 23.03 -18.27 37.00
C ALA B 193 24.35 -18.29 36.26
N ILE B 194 25.15 -17.23 36.40
CA ILE B 194 26.37 -17.10 35.60
C ILE B 194 27.44 -18.14 35.96
N PRO B 195 27.40 -18.81 37.12
CA PRO B 195 28.20 -20.04 37.23
C PRO B 195 27.59 -21.20 36.46
N LEU B 196 26.26 -21.31 36.45
CA LEU B 196 25.63 -22.37 35.67
C LEU B 196 25.70 -22.10 34.17
N VAL B 197 25.72 -20.83 33.76
CA VAL B 197 25.98 -20.55 32.35
C VAL B 197 27.45 -20.71 32.03
N ALA B 198 28.32 -20.72 33.04
CA ALA B 198 29.74 -20.97 32.79
C ALA B 198 30.02 -22.44 32.53
N VAL B 199 29.24 -23.33 33.13
CA VAL B 199 29.47 -24.75 32.91
C VAL B 199 28.72 -25.21 31.66
N VAL B 200 27.53 -24.67 31.41
CA VAL B 200 26.80 -25.04 30.20
C VAL B 200 27.48 -24.44 28.98
N LEU B 201 28.09 -23.26 29.12
CA LEU B 201 28.90 -22.72 28.03
C LEU B 201 30.11 -23.60 27.75
N PHE B 202 30.58 -24.33 28.77
CA PHE B 202 31.78 -25.13 28.62
C PHE B 202 31.50 -26.55 28.19
N PHE B 203 30.39 -27.14 28.65
CA PHE B 203 30.03 -28.49 28.21
C PHE B 203 29.94 -28.57 26.70
N VAL B 204 29.55 -27.48 26.04
CA VAL B 204 29.36 -27.49 24.60
C VAL B 204 30.61 -27.12 23.82
N PHE B 205 31.63 -26.55 24.47
CA PHE B 205 32.81 -26.08 23.75
C PHE B 205 34.11 -26.76 24.17
N GLY B 206 34.22 -27.23 25.41
CA GLY B 206 35.36 -28.04 25.79
C GLY B 206 36.64 -27.29 26.05
N THR B 207 36.69 -25.99 25.78
CA THR B 207 37.88 -25.19 26.07
C THR B 207 37.47 -23.82 26.55
N VAL B 208 38.36 -23.18 27.32
CA VAL B 208 37.97 -21.99 28.08
C VAL B 208 37.68 -20.81 27.17
N ILE B 209 38.68 -20.40 26.37
CA ILE B 209 38.54 -19.17 25.60
C ILE B 209 37.43 -19.27 24.56
N ALA B 210 37.11 -20.50 24.12
CA ALA B 210 35.96 -20.67 23.25
C ALA B 210 34.66 -20.45 24.00
N ALA B 211 34.58 -20.95 25.23
CA ALA B 211 33.37 -20.75 26.02
C ALA B 211 33.30 -19.35 26.59
N ALA B 212 34.46 -18.73 26.85
CA ALA B 212 34.47 -17.43 27.50
C ALA B 212 33.95 -16.32 26.59
N LEU B 213 33.94 -16.54 25.28
CA LEU B 213 33.61 -15.47 24.34
C LEU B 213 32.12 -15.17 24.27
N PRO B 214 31.22 -16.16 24.23
CA PRO B 214 29.80 -15.83 24.31
C PRO B 214 29.41 -15.13 25.61
N ALA B 215 30.16 -15.35 26.68
CA ALA B 215 29.91 -14.62 27.92
C ALA B 215 30.43 -13.19 27.84
N ILE B 216 31.65 -13.00 27.31
CA ILE B 216 32.19 -11.66 27.11
C ILE B 216 31.31 -10.86 26.16
N ILE B 217 30.73 -11.52 25.16
CA ILE B 217 29.74 -10.86 24.31
C ILE B 217 28.53 -10.46 25.13
N GLY B 218 28.02 -11.39 25.95
CA GLY B 218 26.88 -11.07 26.80
C GLY B 218 27.18 -9.96 27.78
N GLY B 219 28.39 -9.94 28.33
CA GLY B 219 28.77 -8.87 29.23
C GLY B 219 28.92 -7.53 28.52
N LEU B 220 29.59 -7.55 27.36
CA LEU B 220 29.72 -6.34 26.57
C LEU B 220 28.38 -5.86 26.04
N ALA B 221 27.42 -6.78 25.87
CA ALA B 221 26.12 -6.40 25.32
C ALA B 221 25.23 -5.76 26.39
N ILE B 222 25.20 -6.32 27.60
CA ILE B 222 24.39 -5.74 28.66
C ILE B 222 24.99 -4.42 29.11
N ALA B 223 26.31 -4.26 29.01
CA ALA B 223 26.94 -3.01 29.43
C ALA B 223 26.44 -1.84 28.59
N GLY B 224 26.43 -2.01 27.26
CA GLY B 224 25.86 -0.99 26.40
C GLY B 224 24.35 -0.97 26.39
N ALA B 225 23.70 -2.05 26.83
CA ALA B 225 22.24 -2.07 26.88
C ALA B 225 21.73 -1.11 27.95
N LEU B 226 22.25 -1.22 29.18
CA LEU B 226 21.86 -0.30 30.24
C LEU B 226 22.31 1.12 29.94
N GLY B 227 23.41 1.28 29.20
CA GLY B 227 23.85 2.61 28.82
C GLY B 227 22.91 3.30 27.85
N ILE B 228 22.19 2.53 27.04
CA ILE B 228 21.22 3.12 26.12
C ILE B 228 19.97 3.56 26.87
N MET B 229 19.52 2.77 27.84
CA MET B 229 18.30 3.11 28.57
C MET B 229 18.47 4.40 29.37
N ARG B 230 19.64 4.59 29.97
CA ARG B 230 19.91 5.86 30.66
C ARG B 230 19.89 7.03 29.69
N LEU B 231 20.25 6.79 28.43
CA LEU B 231 20.06 7.81 27.40
C LEU B 231 18.58 8.02 27.09
N VAL B 232 17.80 6.93 27.02
CA VAL B 232 16.37 7.06 26.86
C VAL B 232 15.75 7.71 28.09
N ALA B 233 16.34 7.48 29.27
CA ALA B 233 15.85 8.13 30.48
C ALA B 233 15.87 9.64 30.35
N GLU B 234 16.93 10.19 29.74
CA GLU B 234 17.00 11.62 29.46
C GLU B 234 15.97 12.07 28.44
N PHE B 235 15.23 11.14 27.83
CA PHE B 235 14.23 11.44 26.82
C PHE B 235 12.82 11.00 27.20
N THR B 236 12.68 9.87 27.89
CA THR B 236 11.38 9.25 28.11
C THR B 236 11.47 8.32 29.30
N PRO B 237 10.46 8.26 30.16
CA PRO B 237 10.55 7.41 31.35
C PRO B 237 10.68 5.94 31.00
N VAL B 238 11.45 5.21 31.81
CA VAL B 238 11.62 3.78 31.68
C VAL B 238 11.19 3.11 32.99
N HIS B 239 10.82 1.85 32.89
CA HIS B 239 10.25 1.12 34.02
C HIS B 239 11.32 0.35 34.77
N PHE B 240 11.15 0.25 36.10
CA PHE B 240 12.07 -0.55 36.92
C PHE B 240 12.08 -2.01 36.48
N PHE B 241 11.07 -2.45 35.75
CA PHE B 241 10.92 -3.82 35.27
C PHE B 241 11.73 -4.11 34.01
N ALA B 242 12.45 -3.12 33.47
CA ALA B 242 13.25 -3.31 32.26
C ALA B 242 14.62 -3.91 32.55
N GLN B 243 15.29 -3.45 33.60
CA GLN B 243 16.59 -4.02 33.98
C GLN B 243 16.55 -5.53 34.17
N PRO B 244 15.52 -6.14 34.77
CA PRO B 244 15.48 -7.62 34.79
C PRO B 244 15.38 -8.23 33.41
N VAL B 245 14.58 -7.63 32.52
CA VAL B 245 14.40 -8.19 31.17
C VAL B 245 15.72 -8.25 30.42
N VAL B 246 16.53 -7.19 30.53
CA VAL B 246 17.85 -7.20 29.88
C VAL B 246 18.71 -8.33 30.45
N THR B 247 18.70 -8.47 31.77
CA THR B 247 19.42 -9.59 32.39
C THR B 247 18.78 -10.92 32.02
N LEU B 248 17.45 -11.00 32.06
CA LEU B 248 16.76 -12.27 31.84
C LEU B 248 16.89 -12.72 30.39
N ILE B 249 16.53 -11.85 29.44
CA ILE B 249 16.50 -12.19 28.02
C ILE B 249 17.77 -11.79 27.30
N GLY B 250 18.18 -10.51 27.41
CA GLY B 250 19.33 -10.05 26.67
C GLY B 250 20.59 -10.86 26.95
N LEU B 251 20.93 -11.02 28.23
CA LEU B 251 22.11 -11.80 28.59
C LEU B 251 21.95 -13.27 28.21
N GLY B 252 20.72 -13.80 28.31
CA GLY B 252 20.51 -15.20 27.99
C GLY B 252 20.75 -15.51 26.53
N ILE B 253 20.13 -14.72 25.64
CA ILE B 253 20.23 -15.00 24.22
C ILE B 253 21.47 -14.38 23.57
N ALA B 254 22.12 -13.42 24.23
CA ALA B 254 23.39 -12.92 23.71
C ALA B 254 24.46 -13.98 23.76
N ILE B 255 24.46 -14.80 24.82
CA ILE B 255 25.38 -15.93 24.88
C ILE B 255 25.01 -16.94 23.80
N ASP B 256 23.73 -17.06 23.47
CA ASP B 256 23.31 -17.96 22.39
C ASP B 256 23.89 -17.52 21.05
N TYR B 257 23.73 -16.24 20.71
CA TYR B 257 24.21 -15.74 19.42
C TYR B 257 25.72 -15.93 19.31
N GLY B 258 26.47 -15.53 20.34
CA GLY B 258 27.91 -15.75 20.34
C GLY B 258 28.30 -17.20 20.41
N LEU B 259 27.38 -18.08 20.83
CA LEU B 259 27.66 -19.51 20.83
C LEU B 259 27.66 -20.06 19.42
N PHE B 260 26.64 -19.70 18.62
CA PHE B 260 26.54 -20.18 17.25
C PHE B 260 27.65 -19.63 16.36
N ILE B 261 28.30 -18.52 16.75
CA ILE B 261 29.37 -17.97 15.94
C ILE B 261 30.66 -18.75 16.14
N VAL B 262 31.05 -18.98 17.39
CA VAL B 262 32.27 -19.73 17.65
C VAL B 262 32.13 -21.18 17.20
N SER B 263 30.97 -21.78 17.47
CA SER B 263 30.75 -23.17 17.06
C SER B 263 30.76 -23.31 15.54
N ARG B 264 30.38 -22.25 14.81
CA ARG B 264 30.54 -22.25 13.36
C ARG B 264 31.97 -22.01 12.95
N PHE B 265 32.73 -21.22 13.73
CA PHE B 265 34.12 -20.94 13.39
C PHE B 265 34.99 -22.18 13.54
N ARG B 266 34.82 -22.91 14.64
CA ARG B 266 35.56 -24.15 14.83
C ARG B 266 35.24 -25.15 13.72
N GLU B 267 33.98 -25.19 13.29
CA GLU B 267 33.60 -26.12 12.22
C GLU B 267 34.30 -25.77 10.91
N GLU B 268 34.37 -24.48 10.57
CA GLU B 268 35.06 -24.08 9.35
C GLU B 268 36.56 -24.22 9.49
N ILE B 269 37.09 -24.06 10.70
CA ILE B 269 38.49 -24.36 10.95
C ILE B 269 38.75 -25.86 10.82
N ALA B 270 37.83 -26.68 11.33
CA ALA B 270 38.00 -28.13 11.26
C ALA B 270 37.92 -28.63 9.82
N GLU B 271 37.07 -28.03 9.00
CA GLU B 271 36.97 -28.44 7.60
C GLU B 271 38.22 -28.15 6.79
N GLY B 272 39.16 -27.37 7.33
CA GLY B 272 40.40 -27.09 6.67
C GLY B 272 40.52 -25.71 6.04
N TYR B 273 39.70 -24.75 6.44
CA TYR B 273 39.80 -23.40 5.93
C TYR B 273 40.72 -22.58 6.82
N ASP B 274 41.38 -21.59 6.22
CA ASP B 274 42.25 -20.70 6.97
C ASP B 274 41.41 -19.78 7.88
N THR B 275 42.11 -18.96 8.66
CA THR B 275 41.42 -18.09 9.62
C THR B 275 40.48 -17.13 8.90
N GLU B 276 40.96 -16.50 7.82
CA GLU B 276 40.15 -15.50 7.13
C GLU B 276 38.96 -16.11 6.44
N ALA B 277 39.16 -17.20 5.70
CA ALA B 277 38.04 -17.83 5.00
C ALA B 277 37.00 -18.37 5.99
N ALA B 278 37.43 -18.73 7.20
CA ALA B 278 36.50 -19.22 8.20
C ALA B 278 35.55 -18.12 8.66
N VAL B 279 36.11 -16.95 9.02
CA VAL B 279 35.27 -15.86 9.50
C VAL B 279 34.32 -15.38 8.42
N ARG B 280 34.69 -15.54 7.15
CA ARG B 280 33.78 -15.16 6.07
C ARG B 280 32.66 -16.18 5.93
N ARG B 281 32.98 -17.47 6.10
CA ARG B 281 31.95 -18.49 6.00
C ARG B 281 31.05 -18.50 7.22
N THR B 282 31.58 -18.17 8.40
CA THR B 282 30.74 -18.10 9.59
C THR B 282 29.90 -16.84 9.62
N VAL B 283 30.34 -15.78 8.95
CA VAL B 283 29.51 -14.58 8.84
C VAL B 283 28.48 -14.76 7.73
N MET B 284 28.86 -15.40 6.62
CA MET B 284 27.90 -15.67 5.56
C MET B 284 26.82 -16.65 6.00
N THR B 285 27.10 -17.48 7.01
CA THR B 285 26.14 -18.50 7.44
C THR B 285 25.61 -18.20 8.83
N SER B 286 26.38 -18.50 9.87
CA SER B 286 25.92 -18.27 11.23
C SER B 286 25.73 -16.77 11.50
N GLY B 287 26.60 -15.94 10.96
CA GLY B 287 26.42 -14.49 11.10
C GLY B 287 25.11 -14.02 10.52
N ARG B 288 24.83 -14.40 9.26
CA ARG B 288 23.54 -14.12 8.67
C ARG B 288 22.41 -14.75 9.48
N THR B 289 22.67 -15.92 10.09
CA THR B 289 21.64 -16.57 10.90
C THR B 289 21.39 -15.80 12.19
N VAL B 290 22.43 -15.23 12.78
CA VAL B 290 22.27 -14.46 14.01
C VAL B 290 21.49 -13.18 13.73
N VAL B 291 21.91 -12.43 12.70
CA VAL B 291 21.25 -11.17 12.35
C VAL B 291 19.78 -11.40 12.04
N PHE B 292 19.47 -12.46 11.29
CA PHE B 292 18.07 -12.74 10.96
C PHE B 292 17.26 -13.04 12.20
N SER B 293 17.79 -13.86 13.11
CA SER B 293 17.06 -14.24 14.31
C SER B 293 16.79 -13.03 15.22
N ALA B 294 17.72 -12.07 15.26
CA ALA B 294 17.53 -10.91 16.12
C ALA B 294 16.42 -10.01 15.62
N VAL B 295 16.33 -9.82 14.29
CA VAL B 295 15.28 -8.97 13.72
C VAL B 295 13.90 -9.57 13.99
N ILE B 296 13.81 -10.89 14.15
CA ILE B 296 12.52 -11.52 14.43
C ILE B 296 12.04 -11.16 15.84
N ILE B 297 12.97 -11.05 16.79
CA ILE B 297 12.59 -10.63 18.12
C ILE B 297 12.15 -9.17 18.11
N VAL B 298 12.84 -8.33 17.34
CA VAL B 298 12.41 -6.94 17.18
C VAL B 298 11.04 -6.87 16.54
N ALA B 299 10.84 -7.61 15.45
CA ALA B 299 9.53 -7.66 14.81
C ALA B 299 8.47 -8.29 15.70
N SER B 300 8.87 -8.99 16.76
CA SER B 300 7.92 -9.58 17.69
C SER B 300 7.59 -8.67 18.87
N SER B 301 8.40 -7.65 19.11
CA SER B 301 8.22 -6.78 20.27
C SER B 301 7.55 -5.45 19.93
N VAL B 302 7.72 -4.94 18.72
CA VAL B 302 7.16 -3.64 18.34
C VAL B 302 5.64 -3.63 18.23
N PRO B 303 4.93 -4.75 18.00
CA PRO B 303 3.46 -4.67 18.06
C PRO B 303 2.93 -4.38 19.46
N LEU B 304 3.78 -4.43 20.49
CA LEU B 304 3.35 -3.99 21.81
C LEU B 304 3.18 -2.48 21.86
N LEU B 305 3.87 -1.75 20.99
CA LEU B 305 3.71 -0.30 20.92
C LEU B 305 2.32 0.10 20.46
N LEU B 306 1.56 -0.83 19.86
CA LEU B 306 0.16 -0.58 19.57
C LEU B 306 -0.67 -0.44 20.85
N PHE B 307 -0.20 -1.00 21.95
CA PHE B 307 -0.93 -0.97 23.21
C PHE B 307 -0.69 0.36 23.92
N PRO B 308 -1.76 1.06 24.35
CA PRO B 308 -1.57 2.36 25.00
C PRO B 308 -0.95 2.28 26.38
N GLN B 309 -0.63 1.10 26.89
CA GLN B 309 0.07 0.99 28.16
C GLN B 309 1.48 1.54 28.03
N GLY B 310 1.99 2.06 29.15
CA GLY B 310 3.34 2.58 29.19
C GLY B 310 4.32 1.57 29.73
N PHE B 311 3.81 0.59 30.46
CA PHE B 311 4.67 -0.47 31.00
C PHE B 311 5.28 -1.29 29.87
N LEU B 312 4.48 -1.64 28.87
CA LEU B 312 4.98 -2.45 27.76
C LEU B 312 5.93 -1.65 26.88
N LYS B 313 5.60 -0.39 26.59
CA LYS B 313 6.42 0.40 25.69
C LYS B 313 7.83 0.61 26.24
N SER B 314 7.97 0.70 27.56
CA SER B 314 9.29 0.81 28.16
C SER B 314 10.07 -0.49 28.07
N ILE B 315 9.38 -1.62 27.94
CA ILE B 315 10.05 -2.92 27.92
C ILE B 315 10.61 -3.21 26.53
N THR B 316 9.79 -3.04 25.49
CA THR B 316 10.22 -3.41 24.14
C THR B 316 11.47 -2.64 23.72
N TYR B 317 11.67 -1.44 24.27
CA TYR B 317 12.90 -0.70 23.98
C TYR B 317 14.12 -1.47 24.48
N ALA B 318 14.07 -1.94 25.73
CA ALA B 318 15.20 -2.69 26.28
C ALA B 318 15.41 -4.00 25.55
N ILE B 319 14.32 -4.66 25.15
CA ILE B 319 14.45 -5.87 24.34
C ILE B 319 15.11 -5.55 23.01
N ILE B 320 14.61 -4.53 22.32
CA ILE B 320 15.17 -4.13 21.03
C ILE B 320 16.61 -3.63 21.21
N ALA B 321 16.88 -2.94 22.31
CA ALA B 321 18.23 -2.41 22.52
C ALA B 321 19.21 -3.51 22.84
N SER B 322 18.80 -4.52 23.59
CA SER B 322 19.74 -5.54 24.07
C SER B 322 20.02 -6.62 23.03
N VAL B 323 19.04 -6.98 22.20
CA VAL B 323 19.28 -8.02 21.20
C VAL B 323 20.08 -7.48 20.02
N MET B 324 19.88 -6.22 19.65
CA MET B 324 20.58 -5.66 18.50
C MET B 324 22.05 -5.45 18.79
N LEU B 325 22.38 -4.92 19.98
CA LEU B 325 23.78 -4.82 20.36
C LEU B 325 24.41 -6.20 20.53
N ALA B 326 23.62 -7.19 21.02
CA ALA B 326 24.13 -8.54 21.17
C ALA B 326 24.52 -9.14 19.82
N ALA B 327 23.74 -8.85 18.78
CA ALA B 327 24.05 -9.37 17.45
C ALA B 327 25.24 -8.65 16.83
N ILE B 328 25.25 -7.32 16.90
CA ILE B 328 26.35 -6.54 16.33
C ILE B 328 27.67 -6.91 16.98
N LEU B 329 27.65 -7.19 18.29
CA LEU B 329 28.88 -7.61 18.96
C LEU B 329 29.39 -8.94 18.44
N SER B 330 28.51 -9.80 17.93
CA SER B 330 28.94 -11.07 17.37
C SER B 330 29.77 -10.86 16.11
N ILE B 331 29.28 -10.01 15.20
CA ILE B 331 29.96 -9.78 13.93
C ILE B 331 30.99 -8.67 14.02
N THR B 332 31.12 -8.01 15.18
CA THR B 332 32.16 -7.00 15.36
C THR B 332 33.18 -7.45 16.38
N VAL B 333 32.85 -7.33 17.67
CA VAL B 333 33.79 -7.72 18.73
C VAL B 333 34.18 -9.19 18.56
N LEU B 334 33.19 -10.07 18.50
CA LEU B 334 33.47 -11.50 18.48
C LEU B 334 34.18 -11.91 17.21
N ALA B 335 33.68 -11.46 16.05
CA ALA B 335 34.28 -11.84 14.77
C ALA B 335 35.72 -11.36 14.67
N ALA B 336 35.99 -10.12 15.08
CA ALA B 336 37.36 -9.61 15.13
C ALA B 336 38.16 -10.19 16.29
N ALA B 337 37.51 -10.61 17.38
CA ALA B 337 38.23 -11.37 18.40
C ALA B 337 38.76 -12.66 17.83
N LEU B 338 37.91 -13.40 17.12
CA LEU B 338 38.37 -14.60 16.42
C LEU B 338 39.41 -14.23 15.37
N ALA B 339 39.20 -13.13 14.65
CA ALA B 339 40.15 -12.71 13.64
C ALA B 339 41.52 -12.40 14.25
N ILE B 340 41.54 -11.74 15.40
CA ILE B 340 42.81 -11.53 16.11
C ILE B 340 43.38 -12.87 16.57
N LEU B 341 42.56 -13.67 17.27
CA LEU B 341 43.08 -14.84 17.96
C LEU B 341 43.21 -16.06 17.07
N GLY B 342 42.44 -16.12 15.97
CA GLY B 342 42.54 -17.19 15.02
C GLY B 342 42.26 -18.56 15.62
N PRO B 343 43.06 -19.56 15.22
CA PRO B 343 42.90 -20.91 15.76
C PRO B 343 43.53 -21.13 17.13
N ARG B 344 44.10 -20.09 17.74
CA ARG B 344 44.53 -20.17 19.15
C ARG B 344 43.35 -20.19 20.13
N VAL B 345 42.14 -20.37 19.60
CA VAL B 345 40.92 -20.38 20.40
C VAL B 345 40.68 -21.71 21.09
N ASP B 346 41.55 -22.68 20.90
CA ASP B 346 41.49 -23.93 21.65
C ASP B 346 42.79 -24.21 22.41
N ALA B 347 43.68 -23.22 22.52
CA ALA B 347 45.04 -23.50 22.95
C ALA B 347 45.21 -23.51 24.47
N LEU B 348 44.41 -22.71 25.18
CA LEU B 348 44.62 -22.54 26.61
C LEU B 348 44.20 -23.75 27.44
N GLY B 349 43.50 -24.72 26.83
CA GLY B 349 43.17 -25.93 27.56
C GLY B 349 42.11 -25.72 28.62
N VAL B 350 41.86 -26.79 29.38
CA VAL B 350 40.81 -26.79 30.40
C VAL B 350 41.43 -27.01 31.77
N THR B 351 42.52 -27.78 31.85
CA THR B 351 43.16 -28.04 33.12
C THR B 351 43.78 -26.78 33.73
N THR B 352 44.08 -25.78 32.90
CA THR B 352 44.57 -24.50 33.41
C THR B 352 43.53 -23.79 34.28
N LEU B 353 42.26 -24.21 34.21
CA LEU B 353 41.26 -23.66 35.11
C LEU B 353 41.61 -23.92 36.57
N LEU B 354 42.24 -25.06 36.86
CA LEU B 354 42.73 -25.33 38.20
C LEU B 354 44.00 -24.54 38.51
N LYS B 355 44.73 -24.10 37.48
CA LYS B 355 45.94 -23.32 37.72
C LYS B 355 45.63 -21.96 38.30
N ILE B 356 44.43 -21.43 38.05
CA ILE B 356 44.00 -20.20 38.71
C ILE B 356 43.86 -20.45 40.20
N PRO B 357 44.41 -19.58 41.07
CA PRO B 357 44.41 -19.88 42.50
C PRO B 357 43.02 -19.90 43.14
N PHE B 358 42.10 -19.06 42.66
CA PHE B 358 40.78 -18.99 43.28
C PHE B 358 39.86 -20.12 42.83
N LEU B 359 39.98 -20.58 41.58
CA LEU B 359 39.06 -21.60 41.09
C LEU B 359 39.32 -22.95 41.71
N ALA B 360 40.53 -23.20 42.19
CA ALA B 360 40.85 -24.51 42.75
C ALA B 360 40.23 -24.71 44.12
N ASN B 361 39.96 -23.62 44.85
CA ASN B 361 39.49 -23.74 46.23
C ASN B 361 38.02 -24.13 46.29
N TRP B 362 37.19 -23.57 45.40
CA TRP B 362 35.75 -23.80 45.47
C TRP B 362 35.43 -25.26 45.25
N GLN B 363 34.42 -25.76 45.98
CA GLN B 363 34.08 -27.17 45.93
C GLN B 363 33.23 -27.50 44.71
N PHE B 364 32.29 -26.63 44.35
CA PHE B 364 31.41 -26.91 43.21
C PHE B 364 32.18 -26.86 41.90
N SER B 365 33.10 -25.89 41.76
CA SER B 365 33.93 -25.85 40.56
C SER B 365 34.82 -27.08 40.46
N ARG B 366 35.44 -27.47 41.58
CA ARG B 366 36.35 -28.60 41.57
C ARG B 366 35.63 -29.92 41.28
N ARG B 367 34.41 -30.08 41.82
CA ARG B 367 33.67 -31.32 41.59
C ARG B 367 33.34 -31.50 40.11
N ILE B 368 32.94 -30.42 39.44
CA ILE B 368 32.70 -30.50 38.01
C ILE B 368 34.02 -30.55 37.24
N ILE B 369 35.06 -29.90 37.78
CA ILE B 369 36.37 -29.93 37.11
C ILE B 369 36.99 -31.31 37.21
N ASP B 370 36.80 -31.99 38.35
CA ASP B 370 37.36 -33.34 38.50
C ASP B 370 36.79 -34.30 37.48
N TRP B 371 35.57 -34.04 36.99
CA TRP B 371 34.89 -35.00 36.12
C TRP B 371 35.36 -34.97 34.68
N PHE B 372 35.92 -33.85 34.21
CA PHE B 372 36.33 -33.79 32.80
C PHE B 372 37.68 -34.43 32.56
N ALA B 373 38.51 -34.61 33.59
CA ALA B 373 39.83 -35.18 33.39
C ALA B 373 39.77 -36.69 33.16
N GLU B 374 38.82 -37.38 33.79
CA GLU B 374 38.69 -38.82 33.61
C GLU B 374 38.31 -39.14 32.17
N LYS B 375 38.44 -40.42 31.82
CA LYS B 375 38.19 -40.85 30.44
C LYS B 375 36.71 -40.86 30.09
N THR B 376 35.82 -40.75 31.09
CA THR B 376 34.40 -40.57 30.78
C THR B 376 34.18 -39.28 30.01
N GLN B 377 34.91 -38.23 30.35
CA GLN B 377 34.83 -36.96 29.65
C GLN B 377 36.05 -36.69 28.78
N LYS B 378 36.97 -37.65 28.68
CA LYS B 378 37.89 -37.65 27.54
C LYS B 378 37.13 -37.90 26.24
N THR B 379 36.02 -38.64 26.34
CA THR B 379 35.04 -38.67 25.26
C THR B 379 34.44 -37.29 25.03
N LYS B 380 34.30 -36.49 26.10
CA LYS B 380 33.75 -35.15 25.95
C LYS B 380 34.72 -34.23 25.21
N THR B 381 36.03 -34.42 25.42
CA THR B 381 37.02 -33.65 24.65
C THR B 381 36.82 -33.86 23.16
N ARG B 382 36.35 -35.04 22.77
CA ARG B 382 36.04 -35.36 21.38
C ARG B 382 34.53 -35.51 21.22
N GLU B 383 33.79 -34.42 21.43
CA GLU B 383 32.33 -34.46 21.42
C GLU B 383 31.81 -34.12 20.04
N GLU B 384 31.59 -35.16 19.23
CA GLU B 384 30.82 -35.04 18.00
C GLU B 384 29.79 -36.15 17.88
N VAL B 385 29.73 -37.06 18.86
CA VAL B 385 28.87 -38.23 18.77
C VAL B 385 27.39 -37.88 18.95
N GLU B 386 27.09 -36.71 19.51
CA GLU B 386 25.70 -36.27 19.57
C GLU B 386 25.12 -36.12 18.17
N ARG B 387 25.88 -35.51 17.26
CA ARG B 387 25.46 -35.41 15.86
C ARG B 387 25.09 -36.77 15.29
N GLY B 388 25.89 -37.80 15.60
CA GLY B 388 25.53 -39.15 15.20
C GLY B 388 24.19 -39.57 15.75
N PHE B 389 24.01 -39.45 17.07
CA PHE B 389 22.70 -39.70 17.66
C PHE B 389 21.65 -38.75 17.08
N TRP B 390 22.03 -37.48 16.91
CA TRP B 390 21.11 -36.52 16.29
C TRP B 390 20.75 -36.94 14.88
N GLY B 391 21.67 -37.56 14.15
CA GLY B 391 21.34 -38.08 12.84
C GLY B 391 20.38 -39.26 12.90
N ARG B 392 20.60 -40.17 13.86
CA ARG B 392 19.80 -41.39 13.91
C ARG B 392 18.35 -41.10 14.30
N LEU B 393 18.15 -40.16 15.22
CA LEU B 393 16.79 -39.86 15.68
C LEU B 393 15.90 -39.41 14.52
N VAL B 394 16.47 -38.74 13.52
CA VAL B 394 15.69 -38.30 12.38
C VAL B 394 15.21 -39.49 11.57
N ASN B 395 16.13 -40.36 11.16
CA ASN B 395 15.76 -41.53 10.37
C ASN B 395 14.74 -42.39 11.10
N VAL B 396 14.84 -42.47 12.43
CA VAL B 396 13.81 -43.17 13.21
C VAL B 396 12.47 -42.47 13.02
N VAL B 397 12.46 -41.15 13.08
CA VAL B 397 11.22 -40.40 12.86
C VAL B 397 10.84 -40.44 11.39
N MET B 398 11.78 -40.13 10.50
CA MET B 398 11.48 -40.07 9.07
C MET B 398 11.07 -41.42 8.50
N LYS B 399 11.20 -42.52 9.25
CA LYS B 399 10.76 -43.81 8.76
C LYS B 399 9.26 -43.99 8.93
N ARG B 400 8.75 -43.74 10.14
CA ARG B 400 7.32 -43.80 10.44
C ARG B 400 6.91 -42.45 11.02
N PRO B 401 6.93 -41.38 10.21
CA PRO B 401 6.81 -40.03 10.77
C PRO B 401 5.39 -39.64 11.15
N ILE B 402 4.40 -40.11 10.39
CA ILE B 402 3.02 -39.81 10.71
C ILE B 402 2.67 -40.32 12.10
N ALA B 403 3.20 -41.49 12.46
CA ALA B 403 2.97 -42.03 13.80
C ALA B 403 3.71 -41.24 14.88
N PHE B 404 4.79 -40.54 14.50
CA PHE B 404 5.51 -39.70 15.46
C PHE B 404 4.81 -38.36 15.66
N ALA B 405 4.37 -37.72 14.57
CA ALA B 405 3.82 -36.38 14.66
C ALA B 405 2.38 -36.37 15.14
N ALA B 406 1.62 -37.44 14.88
CA ALA B 406 0.20 -37.45 15.23
C ALA B 406 -0.06 -37.24 16.72
N PRO B 407 0.62 -37.94 17.65
CA PRO B 407 0.31 -37.68 19.07
C PRO B 407 0.75 -36.31 19.54
N ILE B 408 1.89 -35.82 19.04
CA ILE B 408 2.41 -34.52 19.48
C ILE B 408 1.43 -33.40 19.14
N LEU B 409 0.89 -33.43 17.92
CA LEU B 409 0.01 -32.35 17.47
C LEU B 409 -1.24 -32.24 18.34
N VAL B 410 -1.91 -33.37 18.58
CA VAL B 410 -3.16 -33.34 19.33
C VAL B 410 -2.93 -33.11 20.83
N VAL B 411 -1.75 -33.46 21.34
CA VAL B 411 -1.46 -33.21 22.75
C VAL B 411 -1.37 -31.71 23.02
N MET B 412 -0.69 -30.97 22.14
CA MET B 412 -0.54 -29.53 22.34
C MET B 412 -1.86 -28.79 22.18
N VAL B 413 -2.81 -29.35 21.43
CA VAL B 413 -4.12 -28.70 21.31
C VAL B 413 -4.89 -28.80 22.62
N LEU B 414 -4.75 -29.92 23.32
CA LEU B 414 -5.44 -30.10 24.60
C LEU B 414 -4.92 -29.16 25.68
N LEU B 415 -3.68 -28.67 25.54
CA LEU B 415 -3.09 -27.76 26.50
C LEU B 415 -3.50 -26.30 26.29
N ILE B 416 -4.42 -26.05 25.35
CA ILE B 416 -4.90 -24.69 25.08
C ILE B 416 -6.27 -24.42 25.68
N ILE B 417 -6.97 -25.47 26.16
CA ILE B 417 -8.29 -25.26 26.73
C ILE B 417 -8.26 -24.43 28.01
N PRO B 418 -7.40 -24.71 29.00
CA PRO B 418 -7.44 -23.91 30.24
C PRO B 418 -7.24 -22.41 30.04
N LEU B 419 -6.56 -22.00 28.96
CA LEU B 419 -6.48 -20.59 28.62
C LEU B 419 -7.86 -20.00 28.31
N GLY B 420 -8.82 -20.81 27.89
CA GLY B 420 -10.16 -20.32 27.61
C GLY B 420 -10.86 -19.75 28.83
N GLN B 421 -10.50 -20.21 30.02
CA GLN B 421 -11.04 -19.66 31.27
C GLN B 421 -9.95 -18.85 31.97
N LEU B 422 -9.59 -17.74 31.34
CA LEU B 422 -8.53 -16.87 31.80
C LEU B 422 -9.08 -15.75 32.67
N SER B 423 -8.30 -15.35 33.67
CA SER B 423 -8.67 -14.27 34.58
C SER B 423 -7.56 -13.21 34.57
N LEU B 424 -7.97 -11.95 34.65
CA LEU B 424 -7.05 -10.82 34.64
C LEU B 424 -7.33 -9.90 35.81
N GLY B 425 -6.27 -9.43 36.46
CA GLY B 425 -6.41 -8.55 37.60
C GLY B 425 -5.28 -7.54 37.74
N GLY B 426 -5.27 -6.80 38.85
CA GLY B 426 -4.29 -5.76 39.09
C GLY B 426 -3.20 -6.18 40.06
N ILE B 427 -2.66 -5.20 40.78
CA ILE B 427 -1.58 -5.42 41.74
C ILE B 427 -2.15 -5.34 43.14
N SER B 428 -1.52 -6.06 44.07
CA SER B 428 -1.93 -6.07 45.47
C SER B 428 -0.74 -6.54 46.29
N GLU B 429 -0.95 -6.68 47.60
CA GLU B 429 0.07 -7.29 48.44
C GLU B 429 0.24 -8.77 48.12
N LYS B 430 -0.74 -9.38 47.46
CA LYS B 430 -0.63 -10.78 47.10
C LYS B 430 0.48 -11.04 46.09
N TYR B 431 0.97 -10.00 45.40
CA TYR B 431 2.09 -10.20 44.47
C TYR B 431 3.35 -10.67 45.16
N LEU B 432 3.45 -10.47 46.47
CA LEU B 432 4.49 -11.05 47.29
C LEU B 432 4.02 -12.38 47.86
N PRO B 433 4.94 -13.23 48.34
CA PRO B 433 4.52 -14.51 48.89
C PRO B 433 3.66 -14.30 50.13
N PRO B 434 2.74 -15.24 50.42
CA PRO B 434 1.82 -15.06 51.56
C PRO B 434 2.53 -15.03 52.90
N ASP B 435 3.84 -15.24 52.92
CA ASP B 435 4.63 -15.15 54.13
C ASP B 435 5.59 -13.97 54.13
N ASN B 436 5.54 -13.12 53.11
CA ASN B 436 6.37 -11.92 53.09
C ASN B 436 5.96 -11.00 54.23
N ALA B 437 6.96 -10.40 54.88
CA ALA B 437 6.70 -9.58 56.06
C ALA B 437 5.77 -8.41 55.72
N VAL B 438 6.14 -7.62 54.71
CA VAL B 438 5.34 -6.45 54.36
C VAL B 438 3.96 -6.83 53.85
N ARG B 439 3.78 -8.06 53.34
CA ARG B 439 2.45 -8.48 52.93
C ARG B 439 1.58 -8.82 54.14
N GLN B 440 2.15 -9.51 55.13
CA GLN B 440 1.38 -9.85 56.31
C GLN B 440 1.10 -8.62 57.18
N SER B 441 1.99 -7.62 57.13
CA SER B 441 1.69 -6.35 57.80
C SER B 441 0.44 -5.72 57.21
N GLN B 442 0.34 -5.70 55.89
CA GLN B 442 -0.87 -5.21 55.25
C GLN B 442 -2.06 -6.11 55.54
N GLU B 443 -1.84 -7.43 55.51
CA GLU B 443 -2.93 -8.36 55.74
C GLU B 443 -3.45 -8.29 57.17
N GLN B 444 -2.55 -8.01 58.13
CA GLN B 444 -3.00 -7.80 59.51
C GLN B 444 -3.74 -6.46 59.63
N PHE B 445 -3.27 -5.45 58.90
CA PHE B 445 -4.00 -4.19 58.80
C PHE B 445 -5.41 -4.41 58.26
N ASP B 446 -5.59 -5.41 57.41
CA ASP B 446 -6.91 -5.70 56.86
C ASP B 446 -7.88 -6.19 57.93
N LYS B 447 -7.38 -6.96 58.90
CA LYS B 447 -8.25 -7.53 59.93
C LYS B 447 -8.25 -6.73 61.23
N LEU B 448 -7.20 -5.95 61.51
CA LEU B 448 -7.20 -5.12 62.70
C LEU B 448 -8.13 -3.93 62.55
N PHE B 449 -8.12 -3.29 61.38
CA PHE B 449 -8.91 -2.09 61.12
C PHE B 449 -9.76 -2.32 59.88
N PRO B 450 -10.83 -3.11 60.01
CA PRO B 450 -11.67 -3.41 58.84
C PRO B 450 -12.34 -2.17 58.29
N GLY B 451 -12.77 -2.26 57.03
CA GLY B 451 -13.43 -1.16 56.37
C GLY B 451 -12.57 0.03 56.06
N PHE B 452 -11.38 0.14 56.66
CA PHE B 452 -10.51 1.27 56.36
C PHE B 452 -9.89 1.15 54.97
N ARG B 453 -9.72 -0.06 54.48
CA ARG B 453 -9.18 -0.32 53.15
C ARG B 453 -10.34 -0.40 52.17
N THR B 454 -10.49 0.64 51.34
CA THR B 454 -11.59 0.72 50.40
C THR B 454 -11.11 1.09 49.01
N GLU B 455 -11.70 0.46 48.01
CA GLU B 455 -11.45 0.76 46.60
C GLU B 455 -12.84 1.09 46.09
N PRO B 456 -13.05 2.28 45.52
CA PRO B 456 -14.41 2.55 45.09
C PRO B 456 -14.55 3.23 43.75
N LEU B 457 -15.67 3.03 43.08
CA LEU B 457 -15.93 3.69 41.81
C LEU B 457 -16.39 5.11 42.07
N THR B 458 -15.99 6.03 41.20
CA THR B 458 -16.31 7.44 41.35
C THR B 458 -17.08 7.93 40.13
N LEU B 459 -18.19 8.61 40.36
CA LEU B 459 -18.89 9.37 39.32
C LEU B 459 -18.39 10.80 39.38
N VAL B 460 -17.67 11.22 38.34
CA VAL B 460 -17.03 12.52 38.30
C VAL B 460 -17.87 13.44 37.43
N MET B 461 -18.43 14.48 38.05
CA MET B 461 -19.25 15.46 37.37
C MET B 461 -18.38 16.66 37.01
N LYS B 462 -18.57 17.20 35.80
CA LYS B 462 -17.83 18.38 35.36
C LYS B 462 -18.75 19.25 34.51
N ARG B 463 -18.99 20.48 34.97
CA ARG B 463 -19.80 21.42 34.21
C ARG B 463 -18.91 22.10 33.16
N GLU B 464 -19.31 21.99 31.88
CA GLU B 464 -18.56 22.65 30.83
C GLU B 464 -18.71 24.17 30.91
N ASP B 465 -19.80 24.65 31.52
CA ASP B 465 -20.09 26.02 31.91
C ASP B 465 -18.93 26.65 32.65
N GLY B 466 -18.51 25.88 33.65
CA GLY B 466 -17.65 26.37 34.69
C GLY B 466 -18.37 26.91 35.90
N GLU B 467 -19.67 26.68 36.01
CA GLU B 467 -20.51 27.17 37.10
C GLU B 467 -20.68 26.10 38.16
N PRO B 468 -21.15 26.47 39.35
CA PRO B 468 -21.33 25.47 40.42
C PRO B 468 -22.35 24.41 40.04
N ILE B 469 -22.00 23.15 40.30
CA ILE B 469 -22.96 22.06 40.23
C ILE B 469 -23.91 22.18 41.40
N THR B 470 -25.20 22.35 41.12
CA THR B 470 -26.18 22.50 42.18
C THR B 470 -26.25 21.22 43.02
N ASP B 471 -26.56 21.39 44.31
CA ASP B 471 -26.76 20.24 45.17
C ASP B 471 -27.94 19.39 44.72
N ALA B 472 -28.81 19.93 43.87
CA ALA B 472 -29.88 19.14 43.29
C ALA B 472 -29.35 18.20 42.21
N GLN B 473 -28.40 18.68 41.39
CA GLN B 473 -27.80 17.83 40.37
C GLN B 473 -27.04 16.68 40.99
N ILE B 474 -26.32 16.94 42.08
CA ILE B 474 -25.55 15.90 42.75
C ILE B 474 -26.49 14.84 43.33
N ALA B 475 -27.55 15.28 44.00
CA ALA B 475 -28.51 14.33 44.56
C ALA B 475 -29.21 13.53 43.47
N ASP B 476 -29.37 14.10 42.28
CA ASP B 476 -30.00 13.37 41.18
C ASP B 476 -29.12 12.21 40.73
N MET B 477 -27.86 12.48 40.39
CA MET B 477 -26.99 11.40 39.99
C MET B 477 -26.63 10.49 41.15
N ARG B 478 -26.55 11.03 42.38
CA ARG B 478 -26.45 10.16 43.54
C ARG B 478 -27.63 9.19 43.58
N ALA B 479 -28.82 9.67 43.22
CA ALA B 479 -29.95 8.77 43.04
C ALA B 479 -29.80 7.94 41.77
N LYS B 480 -29.31 8.55 40.69
CA LYS B 480 -28.98 7.78 39.48
C LYS B 480 -27.93 6.73 39.77
N ALA B 481 -26.99 7.04 40.65
CA ALA B 481 -26.03 6.05 41.10
C ALA B 481 -26.68 4.99 41.97
N LEU B 482 -27.74 5.36 42.70
CA LEU B 482 -28.52 4.40 43.47
C LEU B 482 -29.41 3.52 42.60
N THR B 483 -29.53 3.82 41.30
CA THR B 483 -30.35 3.01 40.41
C THR B 483 -29.70 1.66 40.07
N VAL B 484 -28.41 1.50 40.34
CA VAL B 484 -27.70 0.24 40.10
C VAL B 484 -27.36 -0.38 41.44
N SER B 485 -27.43 -1.71 41.50
CA SER B 485 -27.33 -2.44 42.75
C SER B 485 -25.90 -2.91 43.01
N GLY B 486 -25.68 -3.48 44.20
CA GLY B 486 -24.42 -4.09 44.55
C GLY B 486 -23.40 -3.13 45.15
N PHE B 487 -23.85 -2.23 46.02
CA PHE B 487 -22.97 -1.23 46.60
C PHE B 487 -23.07 -1.28 48.13
N THR B 488 -21.98 -0.83 48.77
CA THR B 488 -21.87 -0.97 50.22
C THR B 488 -22.94 -0.15 50.94
N ASP B 489 -23.51 -0.76 51.98
CA ASP B 489 -24.53 -0.11 52.80
C ASP B 489 -24.30 -0.50 54.25
N PRO B 490 -23.30 0.11 54.91
CA PRO B 490 -23.01 -0.24 56.30
C PRO B 490 -24.13 0.15 57.24
N ASP B 491 -24.65 1.37 57.05
CA ASP B 491 -25.82 1.84 57.78
C ASP B 491 -27.11 1.20 57.26
N ASN B 492 -27.05 0.46 56.16
CA ASN B 492 -28.23 -0.10 55.49
C ASN B 492 -29.21 1.00 55.10
N ASP B 493 -28.68 2.18 54.76
CA ASP B 493 -29.49 3.34 54.41
C ASP B 493 -28.97 3.90 53.09
N PRO B 494 -29.79 3.96 52.04
CA PRO B 494 -29.29 4.43 50.73
C PRO B 494 -28.91 5.89 50.70
N GLU B 495 -29.36 6.70 51.65
CA GLU B 495 -29.04 8.13 51.62
C GLU B 495 -27.55 8.38 51.81
N LYS B 496 -26.93 7.68 52.77
CA LYS B 496 -25.50 7.85 52.97
C LYS B 496 -24.67 7.24 51.86
N MET B 497 -25.26 6.38 51.04
CA MET B 497 -24.53 5.80 49.92
C MET B 497 -24.17 6.90 48.91
N TRP B 498 -23.04 6.69 48.24
CA TRP B 498 -22.51 7.65 47.26
C TRP B 498 -22.22 9.00 47.91
N LYS B 499 -21.27 8.97 48.85
CA LYS B 499 -20.84 10.18 49.54
C LYS B 499 -20.01 11.04 48.58
N GLU B 500 -19.31 12.01 49.16
CA GLU B 500 -18.39 12.86 48.42
C GLU B 500 -16.97 12.58 48.88
N ARG B 501 -16.03 12.72 47.97
CA ARG B 501 -14.63 12.54 48.30
C ARG B 501 -14.09 13.77 49.02
N PRO B 502 -13.27 13.58 50.05
CA PRO B 502 -12.76 14.71 50.83
C PRO B 502 -11.81 15.56 50.00
N ALA B 503 -11.38 16.67 50.59
CA ALA B 503 -10.53 17.67 49.95
C ALA B 503 -9.32 17.95 50.82
N ASN B 504 -8.23 18.38 50.18
CA ASN B 504 -6.93 18.57 50.81
C ASN B 504 -6.46 20.02 50.65
N ASP B 505 -5.27 20.29 51.19
CA ASP B 505 -4.66 21.61 51.07
C ASP B 505 -4.07 21.84 49.69
N SER B 506 -3.50 20.80 49.08
CA SER B 506 -2.80 20.95 47.81
C SER B 506 -3.73 21.32 46.66
N GLY B 507 -5.02 21.05 46.78
CA GLY B 507 -5.95 21.30 45.71
C GLY B 507 -6.76 22.57 45.90
N SER B 508 -7.13 23.18 44.77
CA SER B 508 -8.11 24.26 44.76
C SER B 508 -9.48 23.65 44.52
N LYS B 509 -10.50 24.18 45.19
CA LYS B 509 -11.82 23.57 45.23
C LYS B 509 -12.72 24.21 44.19
N ASP B 510 -13.29 23.38 43.30
CA ASP B 510 -14.19 23.84 42.25
C ASP B 510 -15.59 23.33 42.49
N PRO B 511 -16.61 24.19 42.38
CA PRO B 511 -17.98 23.68 42.27
C PRO B 511 -18.38 23.35 40.84
N SER B 512 -17.54 23.70 39.86
CA SER B 512 -17.75 23.26 38.49
C SER B 512 -17.63 21.75 38.36
N VAL B 513 -16.91 21.11 39.28
CA VAL B 513 -16.72 19.67 39.28
C VAL B 513 -16.94 19.14 40.68
N ARG B 514 -17.59 17.99 40.78
CA ARG B 514 -17.84 17.32 42.05
C ARG B 514 -17.67 15.82 41.84
N VAL B 515 -17.13 15.14 42.85
CA VAL B 515 -16.91 13.70 42.78
C VAL B 515 -17.75 13.01 43.84
N ILE B 516 -18.57 12.07 43.41
CA ILE B 516 -19.28 11.16 44.29
C ILE B 516 -18.75 9.76 44.03
N GLN B 517 -18.71 8.94 45.08
CA GLN B 517 -18.07 7.64 44.96
C GLN B 517 -18.72 6.63 45.92
N ASN B 518 -18.70 5.37 45.50
CA ASN B 518 -19.19 4.28 46.34
C ASN B 518 -18.48 3.00 45.90
N GLY B 519 -18.30 2.08 46.86
CA GLY B 519 -17.62 0.82 46.60
C GLY B 519 -18.60 -0.27 46.24
N LEU B 520 -18.24 -1.08 45.23
CA LEU B 520 -19.05 -2.20 44.83
C LEU B 520 -18.93 -3.33 45.84
N GLU B 521 -19.96 -4.19 45.88
CA GLU B 521 -19.96 -5.30 46.82
C GLU B 521 -19.04 -6.43 46.38
N ASN B 522 -19.04 -6.76 45.09
CA ASN B 522 -18.16 -7.79 44.55
C ASN B 522 -17.47 -7.27 43.30
N ARG B 523 -16.23 -7.70 43.09
CA ARG B 523 -15.39 -7.14 42.04
C ARG B 523 -15.79 -7.64 40.66
N ASN B 524 -16.19 -8.91 40.55
CA ASN B 524 -16.51 -9.48 39.23
C ASN B 524 -17.69 -8.78 38.58
N ASP B 525 -18.54 -8.13 39.36
CA ASP B 525 -19.63 -7.34 38.80
C ASP B 525 -19.17 -6.00 38.25
N ALA B 526 -17.95 -5.56 38.58
CA ALA B 526 -17.51 -4.22 38.22
C ALA B 526 -17.40 -4.03 36.72
N ALA B 527 -16.74 -4.98 36.03
CA ALA B 527 -16.60 -4.89 34.58
C ALA B 527 -17.94 -4.72 33.89
N LYS B 528 -18.99 -5.34 34.43
CA LYS B 528 -20.33 -5.19 33.86
C LYS B 528 -21.01 -3.93 34.37
N LYS B 529 -20.78 -3.57 35.64
CA LYS B 529 -21.50 -2.43 36.23
C LYS B 529 -20.97 -1.09 35.72
N ILE B 530 -19.68 -1.01 35.41
CA ILE B 530 -19.13 0.24 34.89
C ILE B 530 -19.81 0.63 33.59
N ASP B 531 -20.04 -0.36 32.71
CA ASP B 531 -20.81 -0.09 31.50
C ASP B 531 -22.23 0.33 31.83
N GLU B 532 -22.79 -0.15 32.94
CA GLU B 532 -24.10 0.30 33.37
C GLU B 532 -24.05 1.70 33.97
N LEU B 533 -22.94 2.05 34.64
CA LEU B 533 -22.76 3.41 35.13
C LEU B 533 -22.52 4.38 33.97
N ARG B 534 -21.83 3.93 32.92
CA ARG B 534 -21.61 4.78 31.75
C ARG B 534 -22.88 4.94 30.94
N ALA B 535 -23.83 4.02 31.05
CA ALA B 535 -25.09 4.10 30.33
C ALA B 535 -26.12 5.00 31.01
N LEU B 536 -25.79 5.57 32.16
CA LEU B 536 -26.72 6.43 32.87
C LEU B 536 -26.96 7.73 32.11
N GLN B 537 -28.20 8.20 32.17
CA GLN B 537 -28.53 9.53 31.67
C GLN B 537 -27.91 10.57 32.61
N PRO B 538 -26.85 11.26 32.22
CA PRO B 538 -26.21 12.19 33.15
C PRO B 538 -27.07 13.42 33.34
N PRO B 539 -26.88 14.16 34.44
CA PRO B 539 -27.53 15.47 34.55
C PRO B 539 -27.18 16.34 33.35
N HIS B 540 -28.14 17.17 32.95
CA HIS B 540 -28.14 17.73 31.60
C HIS B 540 -26.88 18.54 31.31
N GLY B 541 -26.37 19.28 32.29
CA GLY B 541 -25.30 20.21 32.02
C GLY B 541 -23.88 19.71 32.25
N ILE B 542 -23.68 18.42 32.52
CA ILE B 542 -22.36 17.91 32.88
C ILE B 542 -22.00 16.71 32.01
N GLU B 543 -20.70 16.60 31.70
CA GLU B 543 -20.13 15.38 31.15
C GLU B 543 -19.51 14.60 32.29
N VAL B 544 -19.94 13.35 32.45
CA VAL B 544 -19.51 12.51 33.56
C VAL B 544 -18.57 11.42 33.03
N PHE B 545 -17.40 11.30 33.67
CA PHE B 545 -16.46 10.22 33.40
C PHE B 545 -16.46 9.29 34.60
N VAL B 546 -16.83 8.03 34.35
CA VAL B 546 -16.80 7.02 35.42
C VAL B 546 -15.33 6.75 35.75
N GLY B 547 -14.92 7.10 36.97
CA GLY B 547 -13.56 6.94 37.40
C GLY B 547 -13.44 6.00 38.59
N GLY B 548 -12.21 5.62 38.90
CA GLY B 548 -11.91 4.67 39.95
C GLY B 548 -10.83 3.71 39.50
N THR B 549 -10.20 3.06 40.48
CA THR B 549 -9.10 2.16 40.16
C THR B 549 -9.54 0.92 39.38
N PRO B 550 -10.71 0.31 39.66
CA PRO B 550 -11.12 -0.81 38.79
C PRO B 550 -11.50 -0.35 37.40
N ALA B 551 -11.94 0.90 37.23
CA ALA B 551 -12.24 1.41 35.89
C ALA B 551 -10.98 1.53 35.05
N LEU B 552 -9.84 1.80 35.67
CA LEU B 552 -8.59 1.87 34.94
C LEU B 552 -8.21 0.51 34.37
N GLU B 553 -8.30 -0.53 35.19
CA GLU B 553 -7.86 -1.87 34.77
C GLU B 553 -8.75 -2.43 33.66
N GLN B 554 -10.07 -2.39 33.85
CA GLN B 554 -10.97 -2.89 32.83
C GLN B 554 -10.82 -2.12 31.53
N ASP B 555 -10.58 -0.82 31.61
CA ASP B 555 -10.26 -0.05 30.41
C ASP B 555 -8.91 -0.45 29.85
N SER B 556 -7.94 -0.76 30.72
CA SER B 556 -6.66 -1.28 30.24
C SER B 556 -6.82 -2.66 29.65
N ILE B 557 -7.64 -3.51 30.27
CA ILE B 557 -7.93 -4.82 29.70
C ILE B 557 -8.59 -4.67 28.33
N HIS B 558 -9.67 -3.89 28.28
CA HIS B 558 -10.39 -3.71 27.02
C HIS B 558 -9.53 -2.99 25.99
N SER B 559 -8.64 -2.09 26.42
CA SER B 559 -7.74 -1.44 25.48
C SER B 559 -6.78 -2.45 24.86
N LEU B 560 -6.25 -3.36 25.68
CA LEU B 560 -5.37 -4.40 25.15
C LEU B 560 -6.13 -5.32 24.20
N PHE B 561 -7.33 -5.74 24.59
CA PHE B 561 -8.05 -6.75 23.82
C PHE B 561 -8.68 -6.18 22.55
N ASP B 562 -9.03 -4.90 22.54
CA ASP B 562 -9.54 -4.30 21.32
C ASP B 562 -8.47 -4.29 20.24
N LYS B 563 -7.22 -4.00 20.60
CA LYS B 563 -6.12 -3.97 19.67
C LYS B 563 -5.28 -5.25 19.71
N LEU B 564 -5.69 -6.25 20.51
CA LEU B 564 -4.92 -7.50 20.57
C LEU B 564 -4.96 -8.26 19.25
N PRO B 565 -6.11 -8.47 18.60
CA PRO B 565 -6.08 -9.15 17.29
C PRO B 565 -5.25 -8.39 16.26
N LEU B 566 -5.30 -7.05 16.27
CA LEU B 566 -4.45 -6.28 15.37
C LEU B 566 -2.97 -6.51 15.68
N MET B 567 -2.64 -6.80 16.94
CA MET B 567 -1.26 -7.17 17.28
C MET B 567 -0.93 -8.56 16.75
N ALA B 568 -1.86 -9.51 16.90
CA ALA B 568 -1.62 -10.86 16.42
C ALA B 568 -1.40 -10.89 14.92
N LEU B 569 -2.15 -10.06 14.19
CA LEU B 569 -1.99 -10.00 12.73
C LEU B 569 -0.63 -9.41 12.36
N ILE B 570 -0.25 -8.30 13.01
CA ILE B 570 1.06 -7.72 12.77
C ILE B 570 2.18 -8.66 13.23
N LEU B 571 1.92 -9.43 14.29
CA LEU B 571 2.95 -10.29 14.86
C LEU B 571 3.32 -11.41 13.91
N ILE B 572 2.33 -12.06 13.31
CA ILE B 572 2.60 -13.24 12.48
C ILE B 572 3.23 -12.83 11.15
N VAL B 573 2.70 -11.79 10.50
CA VAL B 573 3.14 -11.47 9.16
C VAL B 573 4.58 -10.95 9.16
N THR B 574 4.96 -10.17 10.18
CA THR B 574 6.31 -9.61 10.20
C THR B 574 7.35 -10.70 10.40
N THR B 575 7.06 -11.68 11.26
CA THR B 575 8.01 -12.77 11.52
C THR B 575 8.02 -13.81 10.41
N THR B 576 6.88 -14.04 9.77
CA THR B 576 6.81 -15.04 8.70
C THR B 576 7.55 -14.58 7.46
N VAL B 577 7.27 -13.35 6.99
CA VAL B 577 7.99 -12.81 5.83
C VAL B 577 9.45 -12.53 6.14
N LEU B 578 9.83 -12.52 7.42
CA LEU B 578 11.25 -12.47 7.77
C LEU B 578 11.89 -13.83 7.68
N MET B 579 11.15 -14.89 8.03
CA MET B 579 11.68 -16.24 7.93
C MET B 579 11.88 -16.64 6.47
N PHE B 580 10.96 -16.22 5.60
CA PHE B 580 11.15 -16.49 4.17
C PHE B 580 12.46 -15.90 3.66
N LEU B 581 12.74 -14.64 4.00
CA LEU B 581 14.00 -14.03 3.60
C LEU B 581 15.19 -14.71 4.26
N ALA B 582 14.92 -15.32 5.40
CA ALA B 582 15.91 -16.12 6.08
C ALA B 582 16.21 -17.41 5.31
N PHE B 583 15.17 -18.06 4.79
CA PHE B 583 15.36 -19.35 4.12
C PHE B 583 15.31 -19.46 2.59
N GLY B 584 14.28 -18.90 2.01
CA GLY B 584 14.02 -19.00 0.60
C GLY B 584 12.78 -19.85 0.42
N SER B 585 12.57 -20.86 1.25
CA SER B 585 11.28 -21.51 1.20
C SER B 585 10.16 -20.53 1.57
N VAL B 586 8.92 -20.99 1.36
CA VAL B 586 7.73 -20.23 1.69
C VAL B 586 6.83 -20.99 2.65
N VAL B 587 6.72 -22.31 2.49
CA VAL B 587 5.91 -23.09 3.41
C VAL B 587 6.65 -23.32 4.73
N LEU B 588 7.97 -23.37 4.70
CA LEU B 588 8.75 -23.50 5.94
C LEU B 588 8.42 -22.42 6.97
N PRO B 589 8.34 -21.13 6.62
CA PRO B 589 7.85 -20.15 7.61
C PRO B 589 6.44 -20.43 8.10
N ILE B 590 5.60 -21.04 7.26
CA ILE B 590 4.24 -21.37 7.68
C ILE B 590 4.26 -22.54 8.66
N LYS B 591 5.14 -23.52 8.43
CA LYS B 591 5.29 -24.62 9.37
C LYS B 591 5.82 -24.12 10.70
N ALA B 592 6.76 -23.18 10.68
CA ALA B 592 7.29 -22.62 11.92
C ALA B 592 6.22 -21.84 12.66
N ALA B 593 5.50 -20.96 11.96
CA ALA B 593 4.50 -20.13 12.60
C ALA B 593 3.39 -20.97 13.23
N LEU B 594 2.94 -22.01 12.53
CA LEU B 594 1.92 -22.89 13.10
C LEU B 594 2.45 -23.65 14.31
N MET B 595 3.68 -24.15 14.23
CA MET B 595 4.28 -24.79 15.38
C MET B 595 4.71 -23.80 16.44
N SER B 596 4.93 -22.53 16.07
CA SER B 596 5.11 -21.49 17.09
C SER B 596 3.77 -21.16 17.75
N ALA B 597 2.70 -21.08 16.96
CA ALA B 597 1.38 -20.87 17.53
C ALA B 597 0.94 -22.07 18.35
N LEU B 598 1.46 -23.26 18.06
CA LEU B 598 1.15 -24.43 18.87
C LEU B 598 1.96 -24.46 20.16
N THR B 599 3.23 -24.07 20.08
CA THR B 599 4.04 -23.93 21.29
C THR B 599 3.51 -22.81 22.18
N LEU B 600 2.94 -21.76 21.56
CA LEU B 600 2.44 -20.63 22.33
C LEU B 600 1.21 -20.99 23.13
N GLY B 601 0.12 -21.36 22.44
CA GLY B 601 -1.15 -21.58 23.12
C GLY B 601 -1.06 -22.63 24.22
N SER B 602 -0.27 -23.67 23.98
CA SER B 602 -0.06 -24.67 25.03
C SER B 602 0.69 -24.07 26.22
N THR B 603 1.64 -23.15 25.94
CA THR B 603 2.40 -22.55 27.03
C THR B 603 1.54 -21.60 27.84
N MET B 604 0.72 -20.78 27.18
CA MET B 604 -0.13 -19.84 27.90
C MET B 604 -1.21 -20.57 28.69
N GLY B 605 -1.65 -21.73 28.20
CA GLY B 605 -2.61 -22.53 28.97
C GLY B 605 -2.00 -23.10 30.24
N ILE B 606 -0.71 -23.49 30.18
CA ILE B 606 -0.05 -24.04 31.34
C ILE B 606 0.15 -22.96 32.40
N LEU B 607 0.63 -21.78 31.99
CA LEU B 607 0.77 -20.67 32.91
C LEU B 607 -0.58 -20.28 33.50
N THR B 608 -1.63 -20.31 32.69
CA THR B 608 -2.97 -20.05 33.20
C THR B 608 -3.38 -21.11 34.23
N TRP B 609 -2.82 -22.31 34.13
CA TRP B 609 -3.20 -23.40 35.03
C TRP B 609 -2.40 -23.40 36.32
N MET B 610 -1.18 -22.88 36.33
CA MET B 610 -0.36 -22.90 37.53
C MET B 610 -0.27 -21.56 38.25
N PHE B 611 -0.83 -20.50 37.68
CA PHE B 611 -0.89 -19.21 38.37
C PHE B 611 -2.30 -18.71 38.62
N VAL B 612 -3.28 -19.11 37.81
CA VAL B 612 -4.67 -18.77 38.11
C VAL B 612 -5.34 -19.89 38.90
N ASP B 613 -4.86 -21.13 38.78
CA ASP B 613 -5.45 -22.26 39.46
C ASP B 613 -4.59 -22.81 40.59
N GLY B 614 -3.45 -22.19 40.89
CA GLY B 614 -2.72 -22.44 42.12
C GLY B 614 -1.72 -23.57 42.07
N HIS B 615 -1.78 -24.44 41.07
CA HIS B 615 -0.90 -25.60 41.03
C HIS B 615 0.56 -25.17 41.01
N GLY B 616 1.31 -25.55 42.04
CA GLY B 616 2.67 -25.11 42.24
C GLY B 616 2.84 -24.20 43.44
N SER B 617 1.75 -23.55 43.88
CA SER B 617 1.81 -22.73 45.09
C SER B 617 2.25 -23.54 46.29
N GLY B 618 1.83 -24.82 46.35
CA GLY B 618 2.22 -25.68 47.46
C GLY B 618 3.70 -25.91 47.57
N LEU B 619 4.46 -25.62 46.51
CA LEU B 619 5.91 -25.77 46.52
C LEU B 619 6.62 -24.48 46.13
N MET B 620 6.09 -23.84 45.09
CA MET B 620 6.59 -22.59 44.53
C MET B 620 6.29 -21.37 45.41
N ASN B 621 5.45 -21.57 46.40
CA ASN B 621 5.09 -20.54 47.39
C ASN B 621 4.49 -19.21 46.96
N TYR B 622 3.42 -19.20 46.18
CA TYR B 622 2.80 -17.94 45.82
C TYR B 622 1.29 -18.11 45.84
N THR B 623 0.57 -17.08 46.25
CA THR B 623 -0.89 -17.21 46.26
C THR B 623 -1.41 -17.08 44.83
N PRO B 624 -2.27 -17.99 44.38
CA PRO B 624 -2.86 -17.85 43.04
C PRO B 624 -3.76 -16.63 42.97
N GLN B 625 -3.71 -15.97 41.82
CA GLN B 625 -4.47 -14.74 41.61
C GLN B 625 -4.51 -14.47 40.11
N PRO B 626 -5.45 -13.65 39.64
CA PRO B 626 -5.52 -13.31 38.22
C PRO B 626 -4.23 -12.65 37.73
N LEU B 627 -4.09 -12.60 36.41
CA LEU B 627 -2.87 -12.16 35.77
C LEU B 627 -2.93 -10.67 35.43
N MET B 628 -1.80 -10.01 35.55
CA MET B 628 -1.69 -8.63 35.09
C MET B 628 -1.94 -8.58 33.59
N ALA B 629 -2.98 -7.86 33.18
CA ALA B 629 -3.46 -7.90 31.80
C ALA B 629 -2.39 -7.60 30.76
N PRO B 630 -1.52 -6.59 30.91
CA PRO B 630 -0.45 -6.41 29.91
C PRO B 630 0.58 -7.54 29.90
N MET B 631 0.61 -8.41 30.91
CA MET B 631 1.61 -9.47 30.93
C MET B 631 1.32 -10.53 29.87
N ILE B 632 0.04 -10.75 29.54
CA ILE B 632 -0.26 -11.71 28.48
C ILE B 632 0.16 -11.14 27.13
N GLY B 633 0.14 -9.81 26.97
CA GLY B 633 0.64 -9.21 25.75
C GLY B 633 2.15 -9.33 25.65
N LEU B 634 2.85 -9.21 26.77
CA LEU B 634 4.30 -9.40 26.78
C LEU B 634 4.68 -10.87 26.63
N ILE B 635 3.83 -11.78 27.15
CA ILE B 635 4.17 -13.20 27.06
C ILE B 635 3.89 -13.75 25.66
N ILE B 636 2.92 -13.16 24.94
CA ILE B 636 2.70 -13.56 23.55
C ILE B 636 3.88 -13.13 22.69
N ALA B 637 4.52 -12.02 23.04
CA ALA B 637 5.62 -11.50 22.23
C ALA B 637 6.91 -12.26 22.48
N VAL B 638 7.25 -12.49 23.76
CA VAL B 638 8.55 -13.10 24.06
C VAL B 638 8.54 -14.58 23.68
N ILE B 639 7.42 -15.27 23.88
CA ILE B 639 7.35 -16.69 23.52
C ILE B 639 7.44 -16.87 22.02
N TRP B 640 6.73 -16.02 21.26
CA TRP B 640 6.78 -16.12 19.81
C TRP B 640 8.17 -15.78 19.29
N GLY B 641 8.81 -14.77 19.87
CA GLY B 641 10.16 -14.41 19.44
C GLY B 641 11.21 -15.42 19.84
N LEU B 642 10.95 -16.21 20.88
CA LEU B 642 11.90 -17.20 21.33
C LEU B 642 11.75 -18.53 20.61
N SER B 643 10.50 -18.92 20.30
CA SER B 643 10.29 -20.17 19.57
C SER B 643 10.75 -20.05 18.13
N THR B 644 10.61 -18.87 17.52
CA THR B 644 11.02 -18.70 16.13
C THR B 644 12.54 -18.69 15.99
N ASP B 645 13.24 -18.06 16.94
CA ASP B 645 14.70 -18.03 16.88
C ASP B 645 15.29 -19.43 16.98
N TYR B 646 14.73 -20.28 17.84
CA TYR B 646 15.21 -21.65 17.93
C TYR B 646 14.81 -22.46 16.71
N GLU B 647 13.72 -22.07 16.05
CA GLU B 647 13.40 -22.66 14.75
C GLU B 647 14.42 -22.23 13.70
N VAL B 648 14.88 -20.98 13.76
CA VAL B 648 15.85 -20.49 12.80
C VAL B 648 17.21 -21.16 13.02
N PHE B 649 17.56 -21.49 14.26
CA PHE B 649 18.83 -22.16 14.51
C PHE B 649 18.87 -23.54 13.87
N LEU B 650 17.71 -24.16 13.70
CA LEU B 650 17.60 -25.51 13.15
C LEU B 650 17.51 -25.47 11.62
N VAL B 651 16.43 -24.87 11.10
CA VAL B 651 16.16 -24.88 9.67
C VAL B 651 17.28 -24.23 8.87
N SER B 652 18.06 -23.35 9.47
CA SER B 652 19.15 -22.70 8.74
C SER B 652 20.18 -23.72 8.27
N ARG B 653 20.52 -24.66 9.13
CA ARG B 653 21.41 -25.72 8.73
C ARG B 653 20.69 -26.56 7.67
N MET B 654 19.40 -26.79 7.86
CA MET B 654 18.65 -27.64 6.97
C MET B 654 18.60 -27.09 5.55
N VAL B 655 18.68 -25.77 5.40
CA VAL B 655 18.75 -25.20 4.05
C VAL B 655 20.18 -25.09 3.55
N GLU B 656 21.15 -24.85 4.43
CA GLU B 656 22.54 -24.95 4.03
C GLU B 656 22.89 -26.38 3.62
N ALA B 657 22.24 -27.36 4.24
CA ALA B 657 22.42 -28.75 3.83
C ALA B 657 21.89 -28.97 2.42
N ARG B 658 20.66 -28.50 2.16
CA ARG B 658 20.05 -28.71 0.85
C ARG B 658 20.74 -27.88 -0.22
N GLU B 659 21.09 -26.63 0.09
CA GLU B 659 21.72 -25.76 -0.90
C GLU B 659 23.04 -26.31 -1.42
N ARG B 660 23.56 -27.38 -0.82
CA ARG B 660 24.70 -28.11 -1.37
C ARG B 660 24.29 -29.29 -2.22
N GLY B 661 23.04 -29.74 -2.15
CA GLY B 661 22.53 -30.76 -3.05
C GLY B 661 21.75 -31.88 -2.42
N MET B 662 21.93 -32.10 -1.11
CA MET B 662 21.40 -33.29 -0.46
C MET B 662 19.88 -33.36 -0.55
N SER B 663 19.34 -34.55 -0.29
CA SER B 663 17.91 -34.74 -0.36
C SER B 663 17.22 -34.10 0.84
N THR B 664 15.90 -34.02 0.78
CA THR B 664 15.13 -33.47 1.89
C THR B 664 15.42 -34.23 3.17
N ALA B 665 15.20 -35.55 3.17
CA ALA B 665 15.46 -36.36 4.35
C ALA B 665 16.92 -36.26 4.79
N GLU B 666 17.85 -36.13 3.84
CA GLU B 666 19.25 -35.95 4.20
C GLU B 666 19.50 -34.56 4.75
N ALA B 667 18.88 -33.54 4.15
CA ALA B 667 19.04 -32.18 4.68
C ALA B 667 18.38 -32.05 6.04
N ILE B 668 17.19 -32.62 6.21
CA ILE B 668 16.55 -32.64 7.52
C ILE B 668 17.50 -33.24 8.55
N ARG B 669 18.17 -34.33 8.18
CA ARG B 669 19.03 -35.04 9.13
C ARG B 669 20.30 -34.26 9.44
N ILE B 670 21.06 -33.89 8.40
CA ILE B 670 22.31 -33.16 8.61
C ILE B 670 22.04 -31.77 9.18
N GLY B 671 20.87 -31.20 8.89
CA GLY B 671 20.46 -29.98 9.55
C GLY B 671 20.51 -30.12 11.06
N THR B 672 19.65 -30.98 11.61
CA THR B 672 19.61 -31.17 13.06
C THR B 672 20.80 -31.94 13.61
N ALA B 673 21.57 -32.62 12.75
CA ALA B 673 22.76 -33.30 13.25
C ALA B 673 23.83 -32.31 13.67
N THR B 674 24.18 -31.39 12.78
CA THR B 674 25.25 -30.43 13.07
C THR B 674 24.86 -29.40 14.12
N THR B 675 23.57 -29.22 14.38
CA THR B 675 23.10 -28.19 15.30
C THR B 675 22.46 -28.76 16.56
N GLY B 676 22.52 -30.08 16.74
CA GLY B 676 21.85 -30.70 17.87
C GLY B 676 22.47 -30.31 19.20
N ARG B 677 23.81 -30.32 19.28
CA ARG B 677 24.47 -29.98 20.52
C ARG B 677 24.33 -28.49 20.84
N LEU B 678 24.48 -27.63 19.84
CA LEU B 678 24.43 -26.19 20.07
C LEU B 678 23.06 -25.74 20.53
N ILE B 679 22.01 -26.17 19.83
CA ILE B 679 20.65 -25.85 20.25
C ILE B 679 20.40 -26.37 21.66
N THR B 680 20.88 -27.58 21.96
CA THR B 680 20.73 -28.11 23.32
C THR B 680 21.46 -27.25 24.34
N GLY B 681 22.74 -26.95 24.07
CA GLY B 681 23.51 -26.17 25.04
C GLY B 681 22.98 -24.76 25.21
N ALA B 682 22.75 -24.07 24.10
CA ALA B 682 22.25 -22.70 24.16
C ALA B 682 20.83 -22.63 24.70
N ALA B 683 20.08 -23.73 24.69
CA ALA B 683 18.76 -23.74 25.30
C ALA B 683 18.81 -23.92 26.81
N LEU B 684 19.96 -24.34 27.35
CA LEU B 684 20.13 -24.40 28.79
C LEU B 684 20.72 -23.12 29.36
N ILE B 685 21.61 -22.48 28.61
CA ILE B 685 22.14 -21.19 29.04
C ILE B 685 21.01 -20.18 29.24
N LEU B 686 20.07 -20.15 28.31
CA LEU B 686 18.90 -19.29 28.49
C LEU B 686 17.95 -19.88 29.53
N ALA B 687 17.90 -21.20 29.65
CA ALA B 687 17.07 -21.82 30.69
C ALA B 687 17.66 -21.64 32.08
N VAL B 688 18.97 -21.44 32.19
CA VAL B 688 19.59 -21.26 33.50
C VAL B 688 19.17 -19.93 34.12
N VAL B 689 19.28 -18.84 33.35
CA VAL B 689 18.96 -17.53 33.89
C VAL B 689 17.48 -17.45 34.24
N ALA B 690 16.61 -18.04 33.40
CA ALA B 690 15.19 -18.03 33.67
C ALA B 690 14.85 -18.81 34.94
N GLY B 691 15.55 -19.94 35.17
CA GLY B 691 15.39 -20.70 36.39
C GLY B 691 15.72 -19.94 37.66
N ALA B 692 16.57 -18.91 37.58
CA ALA B 692 16.82 -18.05 38.74
C ALA B 692 15.69 -17.05 38.96
N PHE B 693 15.04 -16.62 37.89
CA PHE B 693 13.95 -15.65 38.00
C PHE B 693 12.62 -16.30 38.35
N VAL B 694 12.52 -17.63 38.36
CA VAL B 694 11.32 -18.27 38.86
C VAL B 694 11.25 -18.24 40.38
N PHE B 695 12.34 -17.86 41.05
CA PHE B 695 12.40 -17.80 42.50
C PHE B 695 12.26 -16.39 43.04
N SER B 696 11.71 -15.47 42.24
CA SER B 696 11.51 -14.10 42.70
C SER B 696 10.23 -13.99 43.52
N ASP B 697 10.26 -13.08 44.50
CA ASP B 697 9.07 -12.86 45.32
C ASP B 697 7.93 -12.31 44.48
N LEU B 698 8.22 -11.38 43.59
CA LEU B 698 7.22 -10.81 42.70
C LEU B 698 6.60 -11.91 41.84
N VAL B 699 5.28 -12.07 41.95
CA VAL B 699 4.61 -13.23 41.36
C VAL B 699 4.68 -13.17 39.84
N MET B 700 4.59 -11.97 39.25
CA MET B 700 4.54 -11.88 37.80
C MET B 700 5.90 -12.13 37.15
N MET B 701 6.99 -11.96 37.89
CA MET B 701 8.29 -12.39 37.38
C MET B 701 8.36 -13.91 37.28
N LYS B 702 7.71 -14.62 38.22
CA LYS B 702 7.60 -16.07 38.09
C LYS B 702 6.80 -16.44 36.85
N TYR B 703 5.71 -15.70 36.59
CA TYR B 703 4.88 -15.98 35.41
C TYR B 703 5.70 -15.91 34.13
N LEU B 704 6.56 -14.89 34.00
CA LEU B 704 7.38 -14.75 32.81
C LEU B 704 8.50 -15.77 32.79
N ALA B 705 9.18 -15.98 33.93
CA ALA B 705 10.30 -16.89 33.96
C ALA B 705 9.86 -18.34 33.80
N PHE B 706 8.66 -18.69 34.27
CA PHE B 706 8.14 -20.03 34.01
C PHE B 706 7.74 -20.19 32.55
N GLY B 707 7.15 -19.15 31.96
CA GLY B 707 6.81 -19.21 30.55
C GLY B 707 8.02 -19.38 29.65
N LEU B 708 9.11 -18.70 29.97
CA LEU B 708 10.36 -18.92 29.25
C LEU B 708 10.85 -20.34 29.43
N LEU B 709 10.86 -20.82 30.68
CA LEU B 709 11.31 -22.18 30.95
C LEU B 709 10.47 -23.20 30.22
N ILE B 710 9.16 -22.98 30.15
CA ILE B 710 8.26 -23.94 29.51
C ILE B 710 8.45 -23.92 28.00
N ALA B 711 8.33 -22.73 27.39
CA ALA B 711 8.36 -22.63 25.94
C ALA B 711 9.73 -23.00 25.38
N LEU B 712 10.81 -22.53 26.02
CA LEU B 712 12.15 -22.87 25.57
C LEU B 712 12.41 -24.37 25.67
N LEU B 713 11.93 -25.00 26.75
CA LEU B 713 12.07 -26.45 26.88
C LEU B 713 11.20 -27.18 25.87
N LEU B 714 10.00 -26.64 25.60
CA LEU B 714 9.09 -27.28 24.66
C LEU B 714 9.62 -27.24 23.23
N ASP B 715 10.39 -26.21 22.87
CA ASP B 715 10.91 -26.11 21.51
C ASP B 715 12.15 -26.97 21.33
N ALA B 716 13.08 -26.91 22.28
CA ALA B 716 14.38 -27.58 22.14
C ALA B 716 14.30 -29.10 22.30
N THR B 717 13.10 -29.66 22.51
CA THR B 717 12.98 -31.10 22.64
C THR B 717 11.89 -31.65 21.71
N ILE B 718 10.63 -31.37 22.05
CA ILE B 718 9.51 -31.92 21.28
C ILE B 718 9.54 -31.39 19.85
N ILE B 719 9.67 -30.07 19.69
CA ILE B 719 9.59 -29.47 18.36
C ILE B 719 10.80 -29.86 17.52
N ARG B 720 12.01 -29.61 18.05
CA ARG B 720 13.22 -29.83 17.26
C ARG B 720 13.41 -31.29 16.91
N MET B 721 13.38 -32.17 17.92
CA MET B 721 13.77 -33.56 17.72
C MET B 721 12.66 -34.41 17.10
N PHE B 722 11.42 -33.90 17.03
CA PHE B 722 10.32 -34.74 16.59
C PHE B 722 9.47 -34.07 15.52
N LEU B 723 8.78 -32.99 15.87
CA LEU B 723 7.75 -32.47 14.98
C LEU B 723 8.34 -31.80 13.75
N VAL B 724 9.50 -31.14 13.88
CA VAL B 724 10.15 -30.55 12.72
C VAL B 724 10.55 -31.61 11.70
N PRO B 725 11.32 -32.65 12.06
CA PRO B 725 11.65 -33.66 11.06
C PRO B 725 10.45 -34.41 10.53
N ALA B 726 9.41 -34.60 11.36
CA ALA B 726 8.26 -35.37 10.93
C ALA B 726 7.49 -34.65 9.82
N VAL B 727 7.23 -33.36 10.00
CA VAL B 727 6.41 -32.64 9.04
C VAL B 727 7.19 -32.35 7.77
N MET B 728 8.47 -32.03 7.89
CA MET B 728 9.28 -31.76 6.70
C MET B 728 9.50 -33.03 5.88
N LYS B 729 9.68 -34.18 6.56
CA LYS B 729 9.74 -35.44 5.84
C LYS B 729 8.42 -35.76 5.15
N LEU B 730 7.31 -35.41 5.81
CA LEU B 730 5.99 -35.49 5.20
C LEU B 730 5.77 -34.46 4.12
N LEU B 731 6.75 -33.60 3.84
CA LEU B 731 6.59 -32.47 2.94
C LEU B 731 7.83 -32.31 2.07
N GLY B 732 8.43 -33.44 1.68
CA GLY B 732 9.78 -33.41 1.14
C GLY B 732 9.90 -32.63 -0.15
N ASP B 733 9.05 -32.93 -1.12
CA ASP B 733 9.18 -32.32 -2.44
C ASP B 733 8.85 -30.83 -2.39
N ASP B 734 7.76 -30.47 -1.72
CA ASP B 734 7.20 -29.14 -1.82
C ASP B 734 7.52 -28.24 -0.63
N CYS B 735 8.49 -28.60 0.21
CA CYS B 735 8.82 -27.73 1.32
C CYS B 735 9.61 -26.50 0.89
N TRP B 736 10.04 -26.44 -0.37
CA TRP B 736 10.84 -25.34 -0.88
C TRP B 736 10.32 -24.85 -2.23
N TRP B 737 9.02 -25.00 -2.47
CA TRP B 737 8.40 -24.65 -3.74
C TRP B 737 8.05 -23.17 -3.80
N ALA B 738 9.03 -22.32 -3.51
CA ALA B 738 8.76 -20.89 -3.38
C ALA B 738 8.52 -20.26 -4.75
N PRO B 739 7.70 -19.20 -4.81
CA PRO B 739 7.52 -18.48 -6.08
C PRO B 739 8.83 -17.88 -6.56
N ARG B 740 8.96 -17.79 -7.88
CA ARG B 740 10.21 -17.36 -8.49
C ARG B 740 10.42 -15.85 -8.41
N TRP B 741 9.33 -15.08 -8.37
CA TRP B 741 9.48 -13.63 -8.30
C TRP B 741 9.98 -13.18 -6.94
N MET B 742 9.68 -13.94 -5.88
CA MET B 742 10.13 -13.57 -4.55
C MET B 742 11.64 -13.70 -4.41
N LYS B 743 12.22 -14.72 -5.05
CA LYS B 743 13.64 -15.01 -4.86
C LYS B 743 14.51 -13.85 -5.30
N ARG B 744 14.12 -13.14 -6.36
CA ARG B 744 14.93 -12.02 -6.82
C ARG B 744 14.77 -10.80 -5.93
N VAL B 745 13.59 -10.60 -5.34
CA VAL B 745 13.42 -9.58 -4.31
C VAL B 745 14.44 -9.78 -3.21
N GLN B 746 14.53 -11.02 -2.71
CA GLN B 746 15.57 -11.36 -1.75
C GLN B 746 16.97 -11.21 -2.35
N GLU B 747 17.12 -11.51 -3.65
CA GLU B 747 18.43 -11.43 -4.28
C GLU B 747 18.84 -9.99 -4.56
N LYS B 748 17.92 -9.19 -5.13
CA LYS B 748 18.19 -7.77 -5.34
C LYS B 748 18.36 -7.00 -4.04
N LEU B 749 18.13 -7.62 -2.88
CA LEU B 749 18.31 -6.98 -1.58
C LEU B 749 19.57 -7.45 -0.86
N GLY B 750 20.45 -8.17 -1.56
CA GLY B 750 21.67 -8.67 -0.97
C GLY B 750 21.51 -9.90 -0.10
N LEU B 751 20.29 -10.28 0.26
CA LEU B 751 20.04 -11.48 1.04
C LEU B 751 19.97 -12.73 0.19
N GLY B 752 20.23 -12.62 -1.12
CA GLY B 752 19.97 -13.74 -2.00
C GLY B 752 20.92 -14.91 -1.81
N GLU B 753 22.20 -14.62 -1.61
CA GLU B 753 23.18 -15.68 -1.46
C GLU B 753 22.91 -16.48 -0.18
N THR B 754 22.58 -17.76 -0.36
CA THR B 754 22.28 -18.65 0.75
C THR B 754 23.13 -19.92 0.67
N GLU B 755 24.33 -19.82 0.12
CA GLU B 755 25.15 -20.99 -0.11
C GLU B 755 26.62 -20.64 0.04
N LEU B 756 27.37 -21.53 0.71
CA LEU B 756 28.81 -21.40 0.83
C LEU B 756 29.48 -21.83 -0.48
N PRO B 757 30.68 -21.29 -0.78
CA PRO B 757 31.45 -21.71 -1.95
C PRO B 757 31.75 -23.21 -1.99
#